data_4BC5
#
_entry.id   4BC5
#
_cell.length_a   102.109
_cell.length_b   102.109
_cell.length_c   159.101
_cell.angle_alpha   90.00
_cell.angle_beta   90.00
_cell.angle_gamma   120.00
#
_symmetry.space_group_name_H-M   'P 32'
#
loop_
_entity.id
_entity.type
_entity.pdbx_description
1 polymer 'XYLULOSE KINASE'
2 non-polymer 5-deoxy-5-fluoro-D-xylulose
3 non-polymer 1,2-ETHANEDIOL
4 water water
#
_entity_poly.entity_id   1
_entity_poly.type   'polypeptide(L)'
_entity_poly.pdbx_seq_one_letter_code
;GAMAEHAPRRCCLGWDFSTQQVKVVAVDAELNVFYEESVHFDRDLPEFGTQGGVHVHKDGLTVTSPVLMWVQALDIILEK
MKASGFDFSQVLALSGAGQQHGSIYWKAGAQQALTSLSPDLRLHQQLQDCFSISDCPVWMDSSTTAQCRQLEAAVGGAQA
LSCLTGSRAYERFTGNQIAKIYQQNPEAYSHTERISLVSSFAASLFLGSYSPIDYSDGSGMNLLQIQDKVWSQACLGACA
PHLEEKLSPPVPSCSVVGAISSYYVQRYGFPPGCKVVAFTGDNPASLAGMRLEEGDIAVSLGTSDTLFLWLQEPMPALEG
HIFCNPVDSQHYMALLCFKNGSLMREKIRNESVSRSWSDFSKALQSTEMGNGGNLGFYFDVMEITPEIIGRHRFNTENHK
VAAFPGDVEVRALIEGQFMAKRIHAEGLGYRVMSKTKILATGGASHNREILQVLADVFDAPVYVIDTANSACVGSAYRAF
HGLAGGTDVPFSEVVKLAPNPRLAATPSPGASQVYEALLPQYAKLEQRILSQTRGPPE
;
_entity_poly.pdbx_strand_id   A,B,C
#
# COMPACT_ATOMS: atom_id res chain seq x y z
N ARG A 9 10.79 24.76 -7.75
CA ARG A 9 11.47 23.45 -7.69
C ARG A 9 11.76 22.81 -9.04
N ARG A 10 12.87 23.24 -9.64
CA ARG A 10 13.38 22.68 -10.89
C ARG A 10 13.97 21.31 -10.61
N CYS A 11 13.85 20.38 -11.56
CA CYS A 11 14.31 18.98 -11.36
C CYS A 11 14.76 18.32 -12.63
N CYS A 12 15.37 17.16 -12.46
CA CYS A 12 15.70 16.20 -13.50
C CYS A 12 14.97 14.91 -13.17
N LEU A 13 14.59 14.18 -14.22
CA LEU A 13 14.03 12.85 -14.07
C LEU A 13 15.10 11.82 -14.34
N GLY A 14 15.07 10.77 -13.55
CA GLY A 14 15.94 9.61 -13.66
C GLY A 14 15.04 8.38 -13.83
N TRP A 15 15.08 7.78 -15.03
CA TRP A 15 14.29 6.62 -15.45
C TRP A 15 15.05 5.29 -15.31
N ASP A 16 14.29 4.24 -15.07
CA ASP A 16 14.82 2.88 -15.03
C ASP A 16 13.87 1.92 -15.71
N PHE A 17 14.25 1.49 -16.91
CA PHE A 17 13.49 0.48 -17.66
C PHE A 17 14.10 -0.90 -17.25
N SER A 18 13.51 -1.46 -16.19
CA SER A 18 13.98 -2.68 -15.53
C SER A 18 13.19 -3.93 -15.97
N THR A 19 13.63 -5.09 -15.50
CA THR A 19 13.03 -6.36 -15.87
C THR A 19 11.60 -6.48 -15.48
N GLN A 20 11.29 -6.06 -14.27
CA GLN A 20 9.97 -6.21 -13.67
C GLN A 20 9.13 -4.96 -13.67
N GLN A 21 9.73 -3.82 -13.99
CA GLN A 21 9.03 -2.55 -13.96
C GLN A 21 9.74 -1.44 -14.68
N VAL A 22 8.99 -0.37 -14.92
CA VAL A 22 9.51 0.91 -15.34
C VAL A 22 9.38 1.79 -14.09
N LYS A 23 10.48 2.46 -13.72
CA LYS A 23 10.49 3.34 -12.56
C LYS A 23 11.09 4.71 -12.90
N VAL A 24 10.67 5.72 -12.17
CA VAL A 24 11.18 7.06 -12.31
C VAL A 24 11.32 7.72 -10.97
N VAL A 25 12.36 8.54 -10.84
CA VAL A 25 12.52 9.44 -9.72
C VAL A 25 12.68 10.88 -10.26
N ALA A 26 12.21 11.87 -9.47
CA ALA A 26 12.43 13.29 -9.73
C ALA A 26 13.37 13.78 -8.64
N VAL A 27 14.49 14.38 -9.06
CA VAL A 27 15.55 14.91 -8.18
C VAL A 27 15.62 16.41 -8.38
N ASP A 28 15.57 17.18 -7.30
CA ASP A 28 15.61 18.63 -7.41
C ASP A 28 17.10 19.10 -7.56
N ALA A 29 17.35 20.39 -7.71
CA ALA A 29 18.72 20.90 -7.94
C ALA A 29 19.60 20.87 -6.70
N GLU A 30 19.00 20.65 -5.53
CA GLU A 30 19.76 20.40 -4.31
C GLU A 30 20.09 18.92 -4.19
N LEU A 31 19.74 18.12 -5.23
CA LEU A 31 19.98 16.70 -5.37
C LEU A 31 19.20 15.86 -4.38
N ASN A 32 18.01 16.29 -4.03
CA ASN A 32 17.14 15.51 -3.19
C ASN A 32 16.07 14.83 -4.03
N VAL A 33 15.81 13.55 -3.76
CA VAL A 33 14.73 12.81 -4.41
C VAL A 33 13.47 13.23 -3.70
N PHE A 34 12.52 13.73 -4.42
CA PHE A 34 11.26 14.18 -3.83
C PHE A 34 10.04 13.46 -4.42
N TYR A 35 10.23 12.67 -5.48
CA TYR A 35 9.13 11.96 -6.12
C TYR A 35 9.64 10.67 -6.73
N GLU A 36 8.82 9.64 -6.64
CA GLU A 36 9.10 8.32 -7.19
C GLU A 36 7.80 7.70 -7.68
N GLU A 37 7.89 7.01 -8.79
CA GLU A 37 6.71 6.33 -9.33
C GLU A 37 7.14 5.14 -10.13
N SER A 38 6.23 4.17 -10.28
CA SER A 38 6.55 2.94 -11.01
C SER A 38 5.32 2.25 -11.59
N VAL A 39 5.57 1.47 -12.62
CA VAL A 39 4.59 0.60 -13.28
C VAL A 39 5.20 -0.79 -13.26
N HIS A 40 4.50 -1.75 -12.63
CA HIS A 40 4.95 -3.13 -12.47
C HIS A 40 4.29 -3.98 -13.56
N PHE A 41 5.09 -4.65 -14.38
CA PHE A 41 4.57 -5.36 -15.56
C PHE A 41 3.51 -6.45 -15.36
N ASP A 42 3.79 -7.44 -14.50
CA ASP A 42 2.83 -8.54 -14.24
C ASP A 42 1.52 -7.99 -13.65
N ARG A 43 1.63 -7.10 -12.67
CA ARG A 43 0.50 -6.52 -11.98
C ARG A 43 -0.29 -5.53 -12.84
N ASP A 44 0.39 -4.61 -13.56
CA ASP A 44 -0.27 -3.53 -14.29
C ASP A 44 -0.55 -3.79 -15.76
N LEU A 45 0.16 -4.75 -16.38
CA LEU A 45 -0.08 -5.14 -17.78
C LEU A 45 -0.19 -6.67 -17.82
N PRO A 46 -1.16 -7.25 -17.04
CA PRO A 46 -1.28 -8.73 -16.95
C PRO A 46 -1.61 -9.42 -18.25
N GLU A 47 -2.22 -8.70 -19.21
CA GLU A 47 -2.54 -9.24 -20.53
C GLU A 47 -1.36 -9.87 -21.27
N PHE A 48 -0.11 -9.42 -21.01
CA PHE A 48 1.06 -9.98 -21.67
C PHE A 48 1.44 -11.36 -21.14
N GLY A 49 0.90 -11.76 -19.99
CA GLY A 49 1.14 -13.08 -19.43
C GLY A 49 2.55 -13.31 -18.93
N THR A 50 3.25 -12.24 -18.57
CA THR A 50 4.61 -12.41 -18.08
C THR A 50 4.61 -12.88 -16.62
N GLN A 51 5.79 -13.35 -16.17
CA GLN A 51 6.04 -13.73 -14.77
C GLN A 51 7.43 -13.18 -14.48
N GLY A 52 7.53 -12.28 -13.52
CA GLY A 52 8.77 -11.57 -13.29
C GLY A 52 9.10 -10.62 -14.45
N GLY A 53 8.08 -10.20 -15.21
CA GLY A 53 8.24 -9.32 -16.36
C GLY A 53 8.74 -9.97 -17.62
N VAL A 54 8.94 -11.29 -17.60
CA VAL A 54 9.47 -12.05 -18.73
C VAL A 54 8.59 -13.26 -19.06
N HIS A 55 8.92 -13.88 -20.21
CA HIS A 55 8.36 -15.13 -20.67
C HIS A 55 9.54 -16.09 -20.78
N VAL A 56 9.57 -17.15 -19.96
CA VAL A 56 10.58 -18.22 -20.07
C VAL A 56 9.97 -19.21 -21.06
N HIS A 57 10.66 -19.48 -22.15
CA HIS A 57 10.11 -20.32 -23.21
C HIS A 57 10.20 -21.81 -22.84
N LYS A 58 9.52 -22.65 -23.63
CA LYS A 58 9.46 -24.12 -23.41
C LYS A 58 10.83 -24.76 -23.22
N ASP A 59 11.84 -24.32 -24.00
CA ASP A 59 13.22 -24.83 -23.89
C ASP A 59 13.91 -24.61 -22.54
N GLY A 60 13.39 -23.71 -21.69
CA GLY A 60 13.98 -23.38 -20.41
C GLY A 60 15.23 -22.51 -20.49
N LEU A 61 15.58 -22.02 -21.70
CA LEU A 61 16.76 -21.20 -21.97
C LEU A 61 16.43 -19.82 -22.59
N THR A 62 15.47 -19.78 -23.51
CA THR A 62 15.04 -18.55 -24.17
C THR A 62 14.16 -17.74 -23.20
N VAL A 63 14.55 -16.49 -22.96
CA VAL A 63 13.85 -15.60 -22.04
C VAL A 63 13.71 -14.24 -22.72
N THR A 64 12.43 -13.81 -22.90
CA THR A 64 12.09 -12.60 -23.58
C THR A 64 11.06 -11.76 -22.81
N SER A 65 10.88 -10.50 -23.29
CA SER A 65 9.84 -9.58 -22.82
C SER A 65 9.23 -8.93 -24.06
N PRO A 66 7.89 -8.71 -24.12
CA PRO A 66 7.32 -8.04 -25.31
C PRO A 66 7.68 -6.56 -25.33
N VAL A 67 8.29 -6.09 -26.42
CA VAL A 67 8.68 -4.68 -26.57
C VAL A 67 7.52 -3.72 -26.35
N LEU A 68 6.34 -4.04 -26.88
CA LEU A 68 5.17 -3.17 -26.71
C LEU A 68 4.68 -3.08 -25.26
N MET A 69 5.04 -4.04 -24.39
CA MET A 69 4.72 -3.96 -22.96
C MET A 69 5.55 -2.82 -22.36
N TRP A 70 6.84 -2.70 -22.74
CA TRP A 70 7.69 -1.61 -22.28
C TRP A 70 7.18 -0.26 -22.79
N VAL A 71 6.68 -0.22 -24.04
CA VAL A 71 6.13 1.04 -24.59
C VAL A 71 4.89 1.45 -23.84
N GLN A 72 3.96 0.50 -23.68
CA GLN A 72 2.72 0.76 -22.98
C GLN A 72 2.97 1.19 -21.54
N ALA A 73 3.98 0.57 -20.89
CA ALA A 73 4.33 0.93 -19.50
C ALA A 73 4.77 2.40 -19.37
N LEU A 74 5.49 2.93 -20.38
CA LEU A 74 5.88 4.32 -20.38
C LEU A 74 4.62 5.19 -20.48
N ASP A 75 3.65 4.83 -21.32
CA ASP A 75 2.41 5.61 -21.39
C ASP A 75 1.70 5.63 -20.03
N ILE A 76 1.65 4.48 -19.35
CA ILE A 76 0.94 4.35 -18.07
C ILE A 76 1.60 5.21 -17.02
N ILE A 77 2.91 5.10 -16.90
CA ILE A 77 3.64 5.86 -15.87
C ILE A 77 3.55 7.37 -16.08
N LEU A 78 3.69 7.85 -17.31
CA LEU A 78 3.52 9.29 -17.58
C LEU A 78 2.14 9.77 -17.22
N GLU A 79 1.11 8.98 -17.48
CA GLU A 79 -0.27 9.35 -17.13
C GLU A 79 -0.53 9.25 -15.60
N LYS A 80 0.12 8.31 -14.96
CA LYS A 80 0.06 8.15 -13.51
C LYS A 80 0.68 9.40 -12.84
N MET A 81 1.82 9.86 -13.36
CA MET A 81 2.51 11.07 -12.90
C MET A 81 1.62 12.30 -13.03
N LYS A 82 1.03 12.46 -14.21
CA LYS A 82 0.09 13.54 -14.48
C LYS A 82 -1.06 13.55 -13.49
N ALA A 83 -1.69 12.40 -13.29
CA ALA A 83 -2.85 12.23 -12.41
C ALA A 83 -2.50 12.52 -10.94
N SER A 84 -1.23 12.28 -10.54
CA SER A 84 -0.78 12.60 -9.18
C SER A 84 -0.46 14.10 -8.99
N GLY A 85 -0.48 14.87 -10.09
CA GLY A 85 -0.23 16.31 -10.08
C GLY A 85 1.21 16.69 -10.31
N PHE A 86 2.03 15.78 -10.90
CA PHE A 86 3.45 16.08 -11.17
C PHE A 86 3.56 17.26 -12.14
N ASP A 87 4.38 18.23 -11.77
CA ASP A 87 4.58 19.42 -12.59
C ASP A 87 5.74 19.17 -13.57
N PHE A 88 5.37 18.78 -14.79
CA PHE A 88 6.32 18.50 -15.86
C PHE A 88 7.04 19.73 -16.39
N SER A 89 6.46 20.94 -16.18
CA SER A 89 7.09 22.19 -16.63
C SER A 89 8.42 22.48 -15.89
N GLN A 90 8.67 21.82 -14.74
CA GLN A 90 9.88 21.98 -13.94
C GLN A 90 11.06 21.07 -14.34
N VAL A 91 10.84 20.16 -15.31
CA VAL A 91 11.87 19.20 -15.73
C VAL A 91 12.87 19.89 -16.70
N LEU A 92 14.12 20.08 -16.23
CA LEU A 92 15.18 20.70 -17.02
C LEU A 92 15.84 19.69 -17.94
N ALA A 93 15.96 18.43 -17.46
CA ALA A 93 16.58 17.37 -18.24
C ALA A 93 16.20 16.01 -17.72
N LEU A 94 16.46 14.99 -18.52
CA LEU A 94 16.20 13.63 -18.11
C LEU A 94 17.21 12.70 -18.70
N SER A 95 17.43 11.60 -17.99
CA SER A 95 18.20 10.48 -18.49
C SER A 95 17.59 9.24 -17.90
N GLY A 96 18.19 8.11 -18.23
CA GLY A 96 17.67 6.86 -17.72
C GLY A 96 18.64 5.72 -17.90
N ALA A 97 18.22 4.60 -17.35
CA ALA A 97 18.93 3.34 -17.39
C ALA A 97 18.01 2.26 -17.94
N GLY A 98 18.64 1.29 -18.57
CA GLY A 98 17.99 0.11 -19.07
C GLY A 98 18.65 -1.12 -18.53
N GLN A 99 17.83 -2.14 -18.24
CA GLN A 99 18.31 -3.50 -17.93
C GLN A 99 19.30 -3.83 -19.02
N GLN A 100 20.50 -4.27 -18.66
CA GLN A 100 21.54 -4.41 -19.68
C GLN A 100 21.30 -5.55 -20.65
N HIS A 101 21.98 -5.48 -21.80
CA HIS A 101 22.03 -6.52 -22.83
C HIS A 101 20.81 -6.68 -23.72
N GLY A 102 19.61 -6.58 -23.16
CA GLY A 102 18.37 -6.72 -23.90
C GLY A 102 18.32 -5.83 -25.12
N SER A 103 17.71 -6.35 -26.20
CA SER A 103 17.69 -5.68 -27.51
C SER A 103 16.31 -5.54 -28.13
N ILE A 104 16.17 -4.47 -28.92
CA ILE A 104 14.96 -4.08 -29.62
C ILE A 104 15.35 -4.00 -31.10
N TYR A 105 14.48 -4.56 -31.95
CA TYR A 105 14.66 -4.63 -33.39
C TYR A 105 13.55 -3.79 -34.01
N TRP A 106 13.92 -2.60 -34.53
CA TRP A 106 12.98 -1.65 -35.14
C TRP A 106 12.79 -2.01 -36.60
N LYS A 107 11.53 -2.14 -37.02
CA LYS A 107 11.16 -2.48 -38.40
C LYS A 107 11.46 -1.34 -39.36
N ALA A 108 11.77 -1.65 -40.62
CA ALA A 108 12.00 -0.62 -41.64
C ALA A 108 10.80 0.33 -41.71
N GLY A 109 11.08 1.63 -41.69
CA GLY A 109 10.06 2.68 -41.67
C GLY A 109 9.63 3.15 -40.29
N ALA A 110 10.17 2.55 -39.21
CA ALA A 110 9.77 2.91 -37.84
C ALA A 110 10.17 4.32 -37.43
N GLN A 111 11.30 4.85 -37.93
CA GLN A 111 11.71 6.21 -37.56
C GLN A 111 10.71 7.26 -38.06
N GLN A 112 10.00 6.98 -39.18
CA GLN A 112 8.97 7.91 -39.67
C GLN A 112 7.85 8.01 -38.62
N ALA A 113 7.50 6.87 -37.98
CA ALA A 113 6.48 6.87 -36.94
C ALA A 113 7.00 7.57 -35.66
N LEU A 114 8.28 7.39 -35.31
CA LEU A 114 8.86 8.06 -34.14
C LEU A 114 8.88 9.57 -34.30
N THR A 115 9.25 10.05 -35.48
CA THR A 115 9.35 11.49 -35.77
C THR A 115 8.02 12.20 -36.03
N SER A 116 6.94 11.46 -36.29
CA SER A 116 5.62 12.02 -36.57
C SER A 116 4.60 11.72 -35.46
N LEU A 117 5.06 11.51 -34.21
CA LEU A 117 4.17 11.23 -33.09
C LEU A 117 3.21 12.40 -32.82
N SER A 118 1.90 12.09 -32.68
CA SER A 118 0.86 13.05 -32.36
C SER A 118 0.58 13.03 -30.85
N PRO A 119 0.55 14.20 -30.17
CA PRO A 119 0.26 14.23 -28.73
C PRO A 119 -1.15 13.78 -28.30
N ASP A 120 -2.06 13.59 -29.25
CA ASP A 120 -3.43 13.16 -28.96
C ASP A 120 -3.52 11.65 -28.72
N LEU A 121 -2.47 10.91 -29.06
CA LEU A 121 -2.46 9.47 -28.92
C LEU A 121 -1.31 9.00 -28.03
N ARG A 122 -1.43 7.77 -27.56
CA ARG A 122 -0.38 7.11 -26.77
C ARG A 122 0.69 6.60 -27.67
N LEU A 123 1.86 6.35 -27.10
CA LEU A 123 3.01 5.79 -27.80
C LEU A 123 2.72 4.40 -28.30
N HIS A 124 2.08 3.59 -27.47
CA HIS A 124 1.75 2.22 -27.78
C HIS A 124 0.93 2.08 -29.08
N GLN A 125 -0.11 2.89 -29.19
CA GLN A 125 -1.01 2.92 -30.34
C GLN A 125 -0.24 3.29 -31.64
N GLN A 126 0.63 4.32 -31.53
CA GLN A 126 1.38 4.83 -32.68
C GLN A 126 2.57 3.98 -33.11
N LEU A 127 3.21 3.26 -32.16
CA LEU A 127 4.36 2.44 -32.43
C LEU A 127 4.05 0.94 -32.53
N GLN A 128 2.74 0.61 -32.56
CA GLN A 128 2.14 -0.73 -32.68
C GLN A 128 2.81 -1.65 -33.68
N ASP A 129 3.12 -1.13 -34.85
CA ASP A 129 3.68 -1.92 -35.95
C ASP A 129 5.15 -1.55 -36.25
N CYS A 130 5.89 -1.01 -35.26
CA CYS A 130 7.27 -0.55 -35.48
C CYS A 130 8.36 -1.54 -35.18
N PHE A 131 8.02 -2.76 -34.74
CA PHE A 131 9.03 -3.74 -34.32
C PHE A 131 9.05 -5.01 -35.17
N SER A 132 10.22 -5.35 -35.70
CA SER A 132 10.40 -6.56 -36.51
C SER A 132 10.46 -7.83 -35.61
N ILE A 133 10.77 -7.67 -34.31
CA ILE A 133 10.80 -8.74 -33.30
C ILE A 133 9.88 -8.28 -32.18
N SER A 134 8.81 -9.01 -31.88
CA SER A 134 7.89 -8.60 -30.84
C SER A 134 8.41 -9.02 -29.45
N ASP A 135 9.06 -10.18 -29.34
CA ASP A 135 9.58 -10.75 -28.08
C ASP A 135 11.09 -10.53 -28.01
N CYS A 136 11.51 -9.59 -27.18
CA CYS A 136 12.90 -9.17 -27.06
C CYS A 136 13.69 -10.08 -26.16
N PRO A 137 14.90 -10.50 -26.56
CA PRO A 137 15.73 -11.27 -25.63
C PRO A 137 16.21 -10.33 -24.54
N VAL A 138 16.21 -10.81 -23.28
CA VAL A 138 16.59 -10.02 -22.11
C VAL A 138 17.79 -10.67 -21.46
N TRP A 139 18.31 -10.03 -20.40
CA TRP A 139 19.52 -10.47 -19.69
C TRP A 139 19.49 -11.92 -19.14
N MET A 140 18.30 -12.46 -18.90
CA MET A 140 18.10 -13.81 -18.36
C MET A 140 18.24 -14.92 -19.40
N ASP A 141 18.24 -14.57 -20.68
CA ASP A 141 18.36 -15.54 -21.76
C ASP A 141 19.74 -16.26 -21.75
N SER A 142 19.71 -17.60 -21.92
CA SER A 142 20.92 -18.46 -21.91
C SER A 142 20.88 -19.48 -23.05
N SER A 143 20.22 -19.15 -24.17
CA SER A 143 19.99 -20.01 -25.30
C SER A 143 21.01 -19.89 -26.46
N THR A 144 22.03 -19.00 -26.33
CA THR A 144 22.99 -18.68 -27.40
C THR A 144 24.41 -19.26 -27.23
N THR A 145 24.54 -20.40 -26.54
CA THR A 145 25.85 -21.04 -26.35
C THR A 145 26.61 -21.27 -27.68
N ALA A 146 25.94 -21.74 -28.74
CA ALA A 146 26.60 -21.99 -30.03
C ALA A 146 27.10 -20.68 -30.66
N GLN A 147 26.33 -19.60 -30.53
CA GLN A 147 26.74 -18.31 -31.09
C GLN A 147 27.95 -17.78 -30.29
N CYS A 148 27.97 -17.98 -28.96
CA CYS A 148 29.08 -17.55 -28.10
C CYS A 148 30.40 -18.23 -28.55
N ARG A 149 30.34 -19.55 -28.75
CA ARG A 149 31.48 -20.38 -29.15
C ARG A 149 31.95 -20.00 -30.53
N GLN A 150 31.01 -19.70 -31.45
CA GLN A 150 31.34 -19.26 -32.81
C GLN A 150 31.98 -17.86 -32.78
N LEU A 151 31.43 -16.91 -31.98
CA LEU A 151 32.02 -15.57 -31.88
C LEU A 151 33.46 -15.65 -31.37
N GLU A 152 33.70 -16.42 -30.30
CA GLU A 152 35.05 -16.59 -29.74
C GLU A 152 36.02 -17.20 -30.74
N ALA A 153 35.59 -18.24 -31.47
CA ALA A 153 36.45 -18.91 -32.46
C ALA A 153 36.78 -17.94 -33.59
N ALA A 154 35.79 -17.15 -34.02
CA ALA A 154 35.98 -16.20 -35.12
C ALA A 154 37.02 -15.11 -34.84
N VAL A 155 37.16 -14.66 -33.57
CA VAL A 155 38.09 -13.57 -33.23
C VAL A 155 39.41 -14.00 -32.55
N GLY A 156 39.66 -15.31 -32.44
CA GLY A 156 40.88 -15.83 -31.86
C GLY A 156 40.78 -16.35 -30.43
N GLY A 157 39.55 -16.58 -29.95
CA GLY A 157 39.32 -17.15 -28.63
C GLY A 157 38.70 -16.22 -27.62
N ALA A 158 38.30 -16.82 -26.47
CA ALA A 158 37.64 -16.15 -25.34
C ALA A 158 38.46 -14.99 -24.81
N GLN A 159 39.79 -15.21 -24.60
CA GLN A 159 40.65 -14.15 -24.11
C GLN A 159 40.78 -13.02 -25.13
N ALA A 160 40.91 -13.35 -26.44
CA ALA A 160 41.01 -12.33 -27.50
C ALA A 160 39.73 -11.46 -27.50
N LEU A 161 38.55 -12.10 -27.37
CA LEU A 161 37.27 -11.38 -27.32
C LEU A 161 37.18 -10.46 -26.10
N SER A 162 37.72 -10.91 -24.96
CA SER A 162 37.68 -10.14 -23.73
C SER A 162 38.61 -8.96 -23.80
N CYS A 163 39.84 -9.14 -24.28
CA CYS A 163 40.77 -8.01 -24.44
C CYS A 163 40.12 -6.92 -25.27
N LEU A 164 39.39 -7.33 -26.31
CA LEU A 164 38.73 -6.44 -27.25
C LEU A 164 37.46 -5.77 -26.67
N THR A 165 36.56 -6.57 -26.08
CA THR A 165 35.25 -6.10 -25.63
C THR A 165 35.02 -6.01 -24.12
N GLY A 166 36.00 -6.38 -23.29
CA GLY A 166 35.89 -6.36 -21.84
C GLY A 166 35.31 -7.61 -21.20
N SER A 167 34.78 -8.52 -22.02
CA SER A 167 34.17 -9.77 -21.57
C SER A 167 34.43 -10.83 -22.62
N ARG A 168 34.50 -12.10 -22.17
CA ARG A 168 34.52 -13.23 -23.12
C ARG A 168 33.04 -13.33 -23.58
N ALA A 169 32.69 -14.32 -24.42
CA ALA A 169 31.30 -14.40 -24.88
C ALA A 169 30.37 -14.91 -23.78
N TYR A 170 29.32 -14.11 -23.48
CA TYR A 170 28.30 -14.50 -22.50
C TYR A 170 27.00 -14.57 -23.27
N GLU A 171 26.21 -15.60 -22.96
CA GLU A 171 24.96 -15.90 -23.66
C GLU A 171 24.01 -14.71 -23.73
N ARG A 172 23.85 -14.00 -22.61
CA ARG A 172 23.00 -12.82 -22.58
C ARG A 172 23.53 -11.60 -23.38
N PHE A 173 24.85 -11.52 -23.65
CA PHE A 173 25.44 -10.35 -24.33
C PHE A 173 24.87 -10.25 -25.74
N THR A 174 24.47 -9.02 -26.10
CA THR A 174 23.70 -8.65 -27.29
C THR A 174 24.14 -9.21 -28.63
N GLY A 175 25.43 -9.21 -28.92
CA GLY A 175 25.95 -9.70 -30.18
C GLY A 175 25.61 -11.16 -30.45
N ASN A 176 25.59 -11.97 -29.39
CA ASN A 176 25.25 -13.39 -29.48
C ASN A 176 23.75 -13.58 -29.74
N GLN A 177 22.93 -12.68 -29.17
CA GLN A 177 21.48 -12.65 -29.38
C GLN A 177 21.15 -12.18 -30.80
N ILE A 178 21.87 -11.15 -31.30
CA ILE A 178 21.67 -10.66 -32.68
C ILE A 178 22.03 -11.79 -33.67
N ALA A 179 23.13 -12.52 -33.40
CA ALA A 179 23.57 -13.60 -34.28
C ALA A 179 22.53 -14.71 -34.38
N LYS A 180 21.91 -15.06 -33.24
CA LYS A 180 20.84 -16.06 -33.19
C LYS A 180 19.59 -15.61 -33.97
N ILE A 181 19.19 -14.34 -33.82
CA ILE A 181 18.06 -13.80 -34.57
C ILE A 181 18.37 -13.83 -36.06
N TYR A 182 19.58 -13.40 -36.46
CA TYR A 182 19.95 -13.43 -37.89
C TYR A 182 19.92 -14.87 -38.44
N GLN A 183 20.46 -15.82 -37.67
CA GLN A 183 20.51 -17.22 -38.08
C GLN A 183 19.11 -17.89 -38.11
N GLN A 184 18.28 -17.68 -37.08
CA GLN A 184 16.96 -18.32 -36.99
C GLN A 184 15.82 -17.57 -37.65
N ASN A 185 15.93 -16.24 -37.78
CA ASN A 185 14.89 -15.42 -38.38
C ASN A 185 15.54 -14.38 -39.29
N PRO A 186 16.18 -14.86 -40.36
CA PRO A 186 16.84 -13.93 -41.29
C PRO A 186 15.90 -12.93 -41.99
N GLU A 187 14.60 -13.28 -42.15
CA GLU A 187 13.63 -12.37 -42.76
C GLU A 187 13.35 -11.18 -41.82
N ALA A 188 13.17 -11.44 -40.52
CA ALA A 188 12.94 -10.34 -39.57
C ALA A 188 14.20 -9.45 -39.48
N TYR A 189 15.40 -10.09 -39.50
CA TYR A 189 16.67 -9.37 -39.45
C TYR A 189 16.83 -8.45 -40.65
N SER A 190 16.47 -8.91 -41.84
CA SER A 190 16.58 -8.11 -43.06
C SER A 190 15.60 -6.93 -43.07
N HIS A 191 14.46 -7.07 -42.36
CA HIS A 191 13.47 -6.00 -42.23
C HIS A 191 13.73 -5.10 -41.03
N THR A 192 14.91 -5.24 -40.36
CA THR A 192 15.28 -4.41 -39.22
C THR A 192 16.19 -3.28 -39.72
N GLU A 193 15.79 -2.02 -39.49
CA GLU A 193 16.59 -0.85 -39.86
C GLU A 193 17.47 -0.37 -38.69
N ARG A 194 17.06 -0.65 -37.44
CA ARG A 194 17.78 -0.20 -36.26
C ARG A 194 17.68 -1.22 -35.14
N ILE A 195 18.79 -1.42 -34.43
CA ILE A 195 18.86 -2.31 -33.28
C ILE A 195 19.29 -1.44 -32.11
N SER A 196 18.49 -1.43 -31.06
CA SER A 196 18.75 -0.66 -29.85
C SER A 196 18.95 -1.57 -28.68
N LEU A 197 19.62 -1.06 -27.64
CA LEU A 197 19.66 -1.70 -26.34
C LEU A 197 18.40 -1.19 -25.61
N VAL A 198 18.01 -1.76 -24.48
CA VAL A 198 16.83 -1.27 -23.77
C VAL A 198 17.04 0.24 -23.43
N SER A 199 18.26 0.58 -22.96
CA SER A 199 18.63 1.96 -22.62
C SER A 199 18.43 2.93 -23.80
N SER A 200 19.04 2.66 -24.97
CA SER A 200 18.94 3.55 -26.12
C SER A 200 17.53 3.51 -26.76
N PHE A 201 16.80 2.39 -26.57
CA PHE A 201 15.42 2.26 -27.05
C PHE A 201 14.56 3.24 -26.24
N ALA A 202 14.75 3.26 -24.91
CA ALA A 202 13.99 4.16 -24.05
C ALA A 202 14.35 5.63 -24.35
N ALA A 203 15.65 5.91 -24.60
CA ALA A 203 16.06 7.29 -24.96
C ALA A 203 15.40 7.70 -26.29
N SER A 204 15.28 6.76 -27.25
CA SER A 204 14.63 7.03 -28.53
C SER A 204 13.16 7.41 -28.37
N LEU A 205 12.45 6.79 -27.43
CA LEU A 205 11.04 7.14 -27.16
C LEU A 205 10.92 8.60 -26.69
N PHE A 206 11.85 9.08 -25.84
CA PHE A 206 11.82 10.46 -25.34
C PHE A 206 12.24 11.49 -26.39
N LEU A 207 13.16 11.11 -27.28
CA LEU A 207 13.61 11.97 -28.38
C LEU A 207 12.59 12.07 -29.50
N GLY A 208 11.85 11.00 -29.74
CA GLY A 208 11.01 10.93 -30.92
C GLY A 208 11.87 10.72 -32.16
N SER A 209 13.06 10.11 -31.98
CA SER A 209 14.02 9.78 -33.06
C SER A 209 15.01 8.80 -32.47
N TYR A 210 15.81 8.12 -33.30
CA TYR A 210 16.73 7.13 -32.76
C TYR A 210 17.87 7.73 -31.98
N SER A 211 18.04 7.25 -30.74
CA SER A 211 19.17 7.65 -29.91
C SER A 211 20.33 6.72 -30.24
N PRO A 212 21.57 7.23 -30.22
CA PRO A 212 22.72 6.31 -30.30
C PRO A 212 22.86 5.53 -28.96
N ILE A 213 23.67 4.48 -29.01
CA ILE A 213 24.05 3.66 -27.88
C ILE A 213 25.24 4.36 -27.22
N ASP A 214 25.32 4.35 -25.89
CA ASP A 214 26.43 4.98 -25.20
C ASP A 214 27.59 3.99 -25.05
N TYR A 215 28.79 4.50 -24.73
CA TYR A 215 29.96 3.63 -24.59
C TYR A 215 29.80 2.58 -23.49
N SER A 216 29.19 2.96 -22.37
CA SER A 216 29.08 2.10 -21.21
C SER A 216 28.12 0.89 -21.40
N ASP A 217 26.86 1.10 -21.80
CA ASP A 217 25.94 -0.03 -22.07
C ASP A 217 26.35 -0.72 -23.37
N GLY A 218 26.95 0.04 -24.27
CA GLY A 218 27.49 -0.49 -25.51
C GLY A 218 28.57 -1.53 -25.28
N SER A 219 29.18 -1.53 -24.07
CA SER A 219 30.20 -2.48 -23.65
C SER A 219 29.65 -3.86 -23.24
N GLY A 220 28.31 -4.00 -23.11
CA GLY A 220 27.69 -5.27 -22.74
C GLY A 220 27.16 -6.07 -23.93
N MET A 221 27.82 -5.99 -25.07
CA MET A 221 27.35 -6.62 -26.32
C MET A 221 28.30 -7.59 -27.00
N ASN A 222 29.58 -7.65 -26.58
CA ASN A 222 30.63 -8.40 -27.26
C ASN A 222 30.85 -7.84 -28.68
N LEU A 223 30.66 -6.53 -28.84
CA LEU A 223 30.80 -5.81 -30.12
C LEU A 223 31.72 -4.57 -30.08
N LEU A 224 31.67 -3.78 -28.99
CA LEU A 224 32.43 -2.52 -28.88
C LEU A 224 33.89 -2.74 -28.49
N GLN A 225 34.82 -2.07 -29.19
CA GLN A 225 36.22 -2.12 -28.77
C GLN A 225 36.30 -1.12 -27.63
N ILE A 226 36.39 -1.59 -26.38
CA ILE A 226 36.36 -0.70 -25.23
C ILE A 226 37.49 0.34 -25.17
N GLN A 227 38.67 0.00 -25.69
CA GLN A 227 39.87 0.87 -25.73
C GLN A 227 39.68 2.05 -26.68
N ASP A 228 39.41 1.76 -27.96
CA ASP A 228 39.24 2.75 -29.02
C ASP A 228 37.83 3.30 -29.12
N LYS A 229 36.87 2.69 -28.42
CA LYS A 229 35.49 3.17 -28.38
C LYS A 229 34.82 3.23 -29.78
N VAL A 230 35.10 2.21 -30.60
CA VAL A 230 34.53 2.01 -31.94
C VAL A 230 34.02 0.57 -31.96
N TRP A 231 33.06 0.26 -32.84
CA TRP A 231 32.58 -1.11 -32.95
C TRP A 231 33.72 -1.96 -33.53
N SER A 232 33.92 -3.19 -33.01
CA SER A 232 34.93 -4.08 -33.55
C SER A 232 34.40 -4.64 -34.87
N GLN A 233 35.09 -4.41 -35.99
CA GLN A 233 34.64 -4.93 -37.28
C GLN A 233 34.59 -6.45 -37.28
N ALA A 234 35.56 -7.10 -36.61
CA ALA A 234 35.64 -8.56 -36.51
C ALA A 234 34.45 -9.12 -35.73
N CYS A 235 34.05 -8.47 -34.63
CA CYS A 235 32.92 -8.93 -33.83
C CYS A 235 31.60 -8.74 -34.58
N LEU A 236 31.42 -7.58 -35.23
CA LEU A 236 30.21 -7.30 -35.99
C LEU A 236 30.00 -8.30 -37.11
N GLY A 237 31.05 -8.54 -37.90
CA GLY A 237 31.02 -9.47 -39.02
C GLY A 237 30.78 -10.92 -38.63
N ALA A 238 31.25 -11.31 -37.42
CA ALA A 238 31.07 -12.65 -36.89
C ALA A 238 29.66 -12.86 -36.31
N CYS A 239 28.82 -11.82 -36.15
CA CYS A 239 27.47 -11.97 -35.60
C CYS A 239 26.41 -12.00 -36.71
N ALA A 240 26.28 -10.89 -37.48
CA ALA A 240 25.30 -10.75 -38.56
C ALA A 240 25.74 -9.70 -39.57
N PRO A 241 25.24 -9.75 -40.82
CA PRO A 241 25.66 -8.76 -41.85
C PRO A 241 24.97 -7.41 -41.71
N HIS A 242 25.63 -6.36 -42.23
CA HIS A 242 25.16 -4.97 -42.18
C HIS A 242 24.77 -4.50 -40.77
N LEU A 243 25.42 -5.03 -39.72
CA LEU A 243 25.08 -4.69 -38.36
C LEU A 243 25.47 -3.28 -37.95
N GLU A 244 26.65 -2.79 -38.40
CA GLU A 244 27.13 -1.45 -38.03
C GLU A 244 26.11 -0.34 -38.35
N GLU A 245 25.50 -0.38 -39.54
CA GLU A 245 24.48 0.62 -39.94
C GLU A 245 23.22 0.50 -39.06
N LYS A 246 22.90 -0.73 -38.56
CA LYS A 246 21.75 -0.93 -37.66
C LYS A 246 22.03 -0.35 -36.26
N LEU A 247 23.31 -0.34 -35.81
CA LEU A 247 23.66 0.17 -34.48
C LEU A 247 23.90 1.68 -34.41
N SER A 248 24.55 2.25 -35.47
CA SER A 248 25.01 3.64 -35.59
C SER A 248 26.20 3.90 -34.65
N PRO A 249 27.02 4.94 -34.87
CA PRO A 249 28.19 5.14 -33.99
C PRO A 249 27.83 5.31 -32.52
N PRO A 250 28.63 4.73 -31.61
CA PRO A 250 28.34 4.90 -30.18
C PRO A 250 28.82 6.29 -29.71
N VAL A 251 28.32 6.77 -28.57
CA VAL A 251 28.67 8.11 -28.08
C VAL A 251 29.10 8.08 -26.62
N PRO A 252 29.87 9.09 -26.16
CA PRO A 252 30.15 9.19 -24.71
C PRO A 252 28.84 9.21 -23.92
N SER A 253 28.84 8.61 -22.75
CA SER A 253 27.63 8.55 -21.96
C SER A 253 27.10 9.94 -21.60
N CYS A 254 27.98 10.90 -21.32
CA CYS A 254 27.54 12.26 -21.00
C CYS A 254 27.44 13.02 -22.30
N SER A 255 26.39 12.73 -23.03
CA SER A 255 26.09 13.36 -24.32
C SER A 255 24.67 13.79 -24.26
N VAL A 256 24.35 15.01 -24.69
CA VAL A 256 22.97 15.46 -24.82
C VAL A 256 22.62 14.89 -26.17
N VAL A 257 21.69 13.93 -26.24
CA VAL A 257 21.34 13.29 -27.51
C VAL A 257 20.26 14.05 -28.29
N GLY A 258 19.64 15.02 -27.63
CA GLY A 258 18.64 15.88 -28.24
C GLY A 258 17.73 16.50 -27.21
N ALA A 259 16.80 17.32 -27.70
CA ALA A 259 15.77 17.91 -26.86
C ALA A 259 14.66 16.85 -26.77
N ILE A 260 13.84 16.95 -25.74
CA ILE A 260 12.68 16.06 -25.63
C ILE A 260 11.76 16.28 -26.85
N SER A 261 11.05 15.23 -27.31
CA SER A 261 10.14 15.38 -28.43
C SER A 261 9.01 16.35 -28.07
N SER A 262 8.52 17.09 -29.08
CA SER A 262 7.37 18.01 -28.92
C SER A 262 6.13 17.23 -28.51
N TYR A 263 6.13 15.90 -28.75
CA TYR A 263 5.10 14.98 -28.29
C TYR A 263 4.88 15.14 -26.78
N TYR A 264 5.98 15.13 -25.99
CA TYR A 264 5.91 15.22 -24.52
C TYR A 264 5.59 16.63 -24.08
N VAL A 265 6.01 17.62 -24.86
CA VAL A 265 5.75 19.03 -24.56
C VAL A 265 4.26 19.28 -24.63
N GLN A 266 3.66 18.86 -25.72
CA GLN A 266 2.24 19.06 -25.95
C GLN A 266 1.34 18.13 -25.14
N ARG A 267 1.73 16.86 -24.96
CA ARG A 267 0.89 15.93 -24.22
C ARG A 267 0.99 16.09 -22.71
N TYR A 268 2.20 16.30 -22.18
CA TYR A 268 2.41 16.34 -20.73
C TYR A 268 2.86 17.65 -20.14
N GLY A 269 3.27 18.60 -20.96
CA GLY A 269 3.70 19.89 -20.46
C GLY A 269 5.17 19.96 -20.09
N PHE A 270 6.01 19.10 -20.69
CA PHE A 270 7.45 19.21 -20.48
C PHE A 270 7.85 20.55 -21.14
N PRO A 271 8.85 21.29 -20.62
CA PRO A 271 9.26 22.50 -21.33
C PRO A 271 10.00 22.11 -22.62
N PRO A 272 9.81 22.87 -23.73
CA PRO A 272 10.49 22.53 -24.99
C PRO A 272 12.02 22.44 -24.95
N GLY A 273 12.66 23.13 -24.01
CA GLY A 273 14.10 23.05 -23.82
C GLY A 273 14.61 21.88 -22.99
N CYS A 274 13.70 21.00 -22.52
CA CYS A 274 14.11 19.86 -21.73
C CYS A 274 15.10 19.00 -22.52
N LYS A 275 16.27 18.77 -21.94
CA LYS A 275 17.33 17.98 -22.56
C LYS A 275 17.27 16.49 -22.20
N VAL A 276 17.56 15.64 -23.19
CA VAL A 276 17.64 14.18 -23.05
C VAL A 276 19.10 13.84 -23.07
N VAL A 277 19.64 13.39 -21.94
CA VAL A 277 21.05 12.97 -21.83
C VAL A 277 21.07 11.47 -22.12
N ALA A 278 22.05 11.00 -22.93
CA ALA A 278 22.17 9.57 -23.32
C ALA A 278 21.91 8.64 -22.16
N PHE A 279 21.09 7.63 -22.41
CA PHE A 279 20.77 6.64 -21.40
C PHE A 279 21.95 5.66 -21.29
N THR A 280 21.99 4.92 -20.20
CA THR A 280 23.04 3.90 -20.04
C THR A 280 22.45 2.64 -19.40
N GLY A 281 23.30 1.64 -19.13
CA GLY A 281 22.88 0.40 -18.49
C GLY A 281 22.56 0.61 -17.04
N ASP A 282 21.79 -0.30 -16.45
CA ASP A 282 21.43 -0.18 -15.05
C ASP A 282 22.65 -0.28 -14.11
N ASN A 283 23.60 -1.18 -14.37
CA ASN A 283 24.81 -1.25 -13.51
C ASN A 283 25.68 0.00 -13.62
N PRO A 284 25.98 0.48 -14.84
CA PRO A 284 26.68 1.78 -14.97
C PRO A 284 25.95 2.95 -14.31
N ALA A 285 24.62 3.02 -14.42
CA ALA A 285 23.84 4.08 -13.80
C ALA A 285 23.91 3.99 -12.26
N SER A 286 23.95 2.77 -11.71
CA SER A 286 24.10 2.56 -10.25
C SER A 286 25.47 2.98 -9.80
N LEU A 287 26.48 2.79 -10.62
CA LEU A 287 27.81 3.28 -10.29
C LEU A 287 27.80 4.82 -10.15
N ALA A 288 27.06 5.52 -11.06
CA ALA A 288 26.93 6.96 -10.99
C ALA A 288 26.11 7.35 -9.76
N GLY A 289 25.04 6.60 -9.46
CA GLY A 289 24.20 6.86 -8.28
C GLY A 289 24.96 6.72 -6.98
N MET A 290 25.86 5.75 -6.93
CA MET A 290 26.73 5.50 -5.78
C MET A 290 27.93 6.44 -5.72
N ARG A 291 28.15 7.21 -6.79
CA ARG A 291 29.20 8.23 -6.88
C ARG A 291 30.60 7.67 -6.67
N LEU A 292 30.85 6.52 -7.27
CA LEU A 292 32.19 5.90 -7.18
C LEU A 292 33.17 6.76 -7.95
N GLU A 293 34.37 6.87 -7.44
CA GLU A 293 35.45 7.62 -8.07
C GLU A 293 36.60 6.70 -8.17
N GLU A 294 37.67 7.19 -8.77
CA GLU A 294 38.89 6.46 -8.89
C GLU A 294 39.32 5.89 -7.52
N GLY A 295 39.68 4.62 -7.53
CA GLY A 295 40.10 3.92 -6.33
C GLY A 295 38.98 3.31 -5.52
N ASP A 296 37.71 3.57 -5.87
CA ASP A 296 36.57 3.06 -5.12
C ASP A 296 36.00 1.74 -5.64
N ILE A 297 35.27 1.09 -4.77
CA ILE A 297 34.60 -0.19 -5.04
C ILE A 297 33.31 -0.23 -4.24
N ALA A 298 32.22 -0.77 -4.83
CA ALA A 298 30.97 -1.04 -4.14
C ALA A 298 30.75 -2.57 -4.08
N VAL A 299 30.29 -3.09 -2.93
CA VAL A 299 29.97 -4.50 -2.72
C VAL A 299 28.46 -4.61 -2.51
N SER A 300 27.78 -5.22 -3.45
CA SER A 300 26.36 -5.48 -3.34
C SER A 300 26.20 -6.94 -2.81
N LEU A 301 25.77 -7.08 -1.57
CA LEU A 301 25.61 -8.37 -0.93
C LEU A 301 24.19 -8.93 -1.06
N GLY A 302 24.07 -10.15 -1.58
CA GLY A 302 22.78 -10.81 -1.72
C GLY A 302 22.92 -12.27 -2.09
N THR A 303 21.88 -12.84 -2.72
CA THR A 303 21.88 -14.23 -3.19
C THR A 303 23.12 -14.47 -4.02
N SER A 304 23.42 -13.52 -4.88
CA SER A 304 24.70 -13.39 -5.56
C SER A 304 25.30 -12.11 -4.98
N ASP A 305 26.62 -12.07 -4.86
CA ASP A 305 27.33 -10.86 -4.42
C ASP A 305 27.87 -10.24 -5.71
N THR A 306 27.75 -8.91 -5.86
CA THR A 306 28.25 -8.21 -7.03
C THR A 306 29.21 -7.12 -6.61
N LEU A 307 30.36 -7.14 -7.24
CA LEU A 307 31.38 -6.14 -7.04
C LEU A 307 31.32 -5.12 -8.21
N PHE A 308 31.28 -3.83 -7.89
CA PHE A 308 31.34 -2.72 -8.84
C PHE A 308 32.69 -2.04 -8.64
N LEU A 309 33.60 -2.05 -9.64
CA LEU A 309 34.93 -1.46 -9.50
C LEU A 309 35.10 -0.27 -10.43
N TRP A 310 35.89 0.71 -10.00
CA TRP A 310 36.36 1.78 -10.86
C TRP A 310 37.68 1.24 -11.38
N LEU A 311 37.97 1.38 -12.68
CA LEU A 311 39.23 0.94 -13.27
C LEU A 311 39.82 2.00 -14.18
N GLN A 312 41.04 2.47 -13.86
CA GLN A 312 41.77 3.39 -14.72
C GLN A 312 42.37 2.62 -15.87
N GLU A 313 43.01 1.48 -15.52
CA GLU A 313 43.75 0.58 -16.41
C GLU A 313 43.16 -0.83 -16.32
N PRO A 314 42.24 -1.15 -17.26
CA PRO A 314 41.59 -2.47 -17.25
C PRO A 314 42.47 -3.60 -17.74
N MET A 315 42.16 -4.81 -17.27
CA MET A 315 42.83 -6.05 -17.64
C MET A 315 41.75 -7.09 -17.84
N PRO A 316 41.08 -7.08 -19.03
CA PRO A 316 39.98 -8.05 -19.26
C PRO A 316 40.38 -9.50 -19.04
N ALA A 317 39.42 -10.29 -18.60
CA ALA A 317 39.68 -11.69 -18.26
C ALA A 317 38.55 -12.62 -18.72
N LEU A 318 38.69 -13.92 -18.39
CA LEU A 318 37.67 -14.93 -18.67
C LEU A 318 36.58 -14.89 -17.61
N GLU A 319 36.75 -14.02 -16.61
CA GLU A 319 35.78 -13.74 -15.60
C GLU A 319 35.57 -12.21 -15.52
N GLY A 320 34.40 -11.83 -15.05
CA GLY A 320 34.04 -10.43 -14.91
C GLY A 320 33.70 -9.75 -16.22
N HIS A 321 33.26 -8.50 -16.11
CA HIS A 321 32.86 -7.70 -17.26
C HIS A 321 33.40 -6.31 -17.12
N ILE A 322 34.25 -5.88 -18.07
CA ILE A 322 34.77 -4.53 -18.05
C ILE A 322 33.94 -3.72 -19.02
N PHE A 323 33.50 -2.56 -18.57
CA PHE A 323 32.78 -1.61 -19.41
C PHE A 323 33.51 -0.27 -19.42
N CYS A 324 33.27 0.54 -20.47
CA CYS A 324 33.64 1.94 -20.49
C CYS A 324 32.90 2.60 -19.32
N ASN A 325 33.56 3.54 -18.63
CA ASN A 325 32.98 4.17 -17.45
C ASN A 325 31.90 5.18 -17.86
N PRO A 326 30.71 5.14 -17.25
CA PRO A 326 29.64 6.09 -17.63
C PRO A 326 29.88 7.55 -17.24
N VAL A 327 30.69 7.79 -16.20
CA VAL A 327 30.92 9.15 -15.71
C VAL A 327 32.30 9.68 -16.01
N ASP A 328 33.09 8.91 -16.75
CA ASP A 328 34.43 9.29 -17.17
C ASP A 328 34.77 8.37 -18.35
N SER A 329 34.37 8.78 -19.56
CA SER A 329 34.52 8.03 -20.82
C SER A 329 35.97 7.66 -21.17
N GLN A 330 36.98 8.24 -20.52
CA GLN A 330 38.37 7.85 -20.77
C GLN A 330 38.80 6.64 -19.90
N HIS A 331 38.05 6.34 -18.83
CA HIS A 331 38.33 5.21 -17.93
C HIS A 331 37.22 4.15 -17.94
N TYR A 332 37.26 3.21 -17.00
CA TYR A 332 36.42 2.02 -17.04
C TYR A 332 35.80 1.68 -15.75
N MET A 333 34.92 0.71 -15.81
CA MET A 333 34.33 0.13 -14.65
C MET A 333 34.30 -1.38 -14.85
N ALA A 334 34.06 -2.13 -13.80
CA ALA A 334 33.89 -3.58 -13.92
C ALA A 334 32.86 -4.10 -12.97
N LEU A 335 32.22 -5.20 -13.38
CA LEU A 335 31.32 -6.02 -12.58
C LEU A 335 31.97 -7.40 -12.41
N LEU A 336 32.01 -7.93 -11.19
CA LEU A 336 32.42 -9.31 -10.83
C LEU A 336 31.28 -9.92 -10.04
N CYS A 337 30.75 -11.07 -10.47
N CYS A 337 30.75 -11.08 -10.48
CA CYS A 337 29.60 -11.71 -9.82
CA CYS A 337 29.63 -11.77 -9.82
C CYS A 337 30.03 -13.04 -9.11
C CYS A 337 30.15 -12.99 -9.05
N PHE A 338 29.55 -13.23 -7.88
CA PHE A 338 29.87 -14.37 -7.01
C PHE A 338 28.58 -15.08 -6.67
N LYS A 339 28.43 -16.33 -7.16
CA LYS A 339 27.23 -17.15 -6.97
C LYS A 339 26.99 -17.56 -5.51
N ASN A 340 28.05 -17.79 -4.72
CA ASN A 340 27.94 -18.21 -3.32
C ASN A 340 28.00 -16.97 -2.43
N GLY A 341 26.83 -16.41 -2.14
CA GLY A 341 26.68 -15.22 -1.35
C GLY A 341 25.89 -15.48 -0.09
N SER A 342 24.68 -14.93 -0.02
CA SER A 342 23.84 -15.00 1.19
C SER A 342 23.40 -16.39 1.61
N LEU A 343 23.20 -17.34 0.66
CA LEU A 343 22.79 -18.72 1.03
C LEU A 343 23.91 -19.46 1.74
N MET A 344 25.12 -19.21 1.31
CA MET A 344 26.33 -19.74 1.89
C MET A 344 26.51 -19.16 3.31
N ARG A 345 26.31 -17.82 3.52
CA ARG A 345 26.41 -17.18 4.85
C ARG A 345 25.34 -17.73 5.80
N GLU A 346 24.12 -17.95 5.29
CA GLU A 346 23.01 -18.47 6.09
C GLU A 346 23.28 -19.94 6.47
N LYS A 347 23.82 -20.75 5.55
CA LYS A 347 24.14 -22.16 5.84
C LYS A 347 25.20 -22.28 6.94
N ILE A 348 26.27 -21.48 6.85
CA ILE A 348 27.31 -21.51 7.88
C ILE A 348 26.74 -21.03 9.19
N ARG A 349 25.90 -20.00 9.18
CA ARG A 349 25.25 -19.53 10.41
C ARG A 349 24.43 -20.67 11.05
N ASN A 350 23.66 -21.38 10.24
CA ASN A 350 22.81 -22.48 10.69
C ASN A 350 23.60 -23.67 11.20
N GLU A 351 24.71 -24.01 10.55
CA GLU A 351 25.52 -25.16 10.97
C GLU A 351 26.39 -24.88 12.19
N SER A 352 27.10 -23.76 12.19
CA SER A 352 28.12 -23.39 13.18
C SER A 352 27.70 -22.49 14.34
N VAL A 353 26.71 -21.63 14.17
CA VAL A 353 26.34 -20.69 15.24
C VAL A 353 24.87 -20.64 15.57
N SER A 354 24.24 -21.81 15.61
CA SER A 354 22.88 -22.00 16.13
C SER A 354 21.80 -21.15 15.48
N ARG A 355 21.94 -20.93 14.15
CA ARG A 355 21.02 -20.16 13.31
C ARG A 355 20.88 -18.71 13.77
N SER A 356 21.88 -18.19 14.51
CA SER A 356 21.86 -16.85 15.11
C SER A 356 22.85 -15.87 14.45
N TRP A 357 22.35 -14.75 13.89
CA TRP A 357 23.20 -13.68 13.33
C TRP A 357 23.96 -12.98 14.45
N SER A 358 23.44 -13.01 15.69
CA SER A 358 24.11 -12.42 16.84
C SER A 358 25.33 -13.27 17.20
N ASP A 359 25.18 -14.61 17.24
CA ASP A 359 26.31 -15.51 17.50
C ASP A 359 27.29 -15.48 16.33
N PHE A 360 26.78 -15.25 15.10
CA PHE A 360 27.61 -15.08 13.90
C PHE A 360 28.49 -13.86 14.13
N SER A 361 27.88 -12.75 14.57
CA SER A 361 28.62 -11.51 14.89
C SER A 361 29.61 -11.73 16.03
N LYS A 362 29.19 -12.42 17.09
CA LYS A 362 30.08 -12.73 18.21
C LYS A 362 31.25 -13.62 17.81
N ALA A 363 31.05 -14.56 16.85
CA ALA A 363 32.17 -15.41 16.37
C ALA A 363 33.23 -14.52 15.70
N LEU A 364 32.79 -13.54 14.89
CA LEU A 364 33.71 -12.57 14.25
C LEU A 364 34.42 -11.69 15.31
N GLN A 365 33.68 -11.29 16.37
CA GLN A 365 34.27 -10.48 17.46
C GLN A 365 35.25 -11.29 18.28
N SER A 366 34.94 -12.57 18.51
CA SER A 366 35.76 -13.45 19.32
C SER A 366 36.96 -14.08 18.58
N THR A 367 37.19 -13.79 17.27
CA THR A 367 38.32 -14.31 16.51
C THR A 367 39.19 -13.17 16.01
N GLU A 368 40.50 -13.40 15.90
CA GLU A 368 41.46 -12.38 15.46
C GLU A 368 41.49 -12.23 13.95
N MET A 369 42.01 -11.09 13.47
CA MET A 369 42.21 -10.85 12.05
C MET A 369 43.22 -11.86 11.59
N GLY A 370 42.95 -12.48 10.46
CA GLY A 370 43.80 -13.52 9.89
C GLY A 370 43.41 -14.91 10.33
N ASN A 371 42.51 -15.03 11.34
CA ASN A 371 41.91 -16.28 11.82
C ASN A 371 42.93 -17.35 12.25
N GLY A 372 44.07 -16.92 12.76
CA GLY A 372 45.17 -17.79 13.12
C GLY A 372 45.78 -18.49 11.91
N GLY A 373 45.57 -17.98 10.70
CA GLY A 373 46.06 -18.63 9.48
C GLY A 373 45.15 -19.71 8.91
N ASN A 374 43.93 -19.85 9.46
CA ASN A 374 42.95 -20.83 8.98
C ASN A 374 42.19 -20.16 7.84
N LEU A 375 42.20 -20.77 6.65
CA LEU A 375 41.60 -20.22 5.44
C LEU A 375 40.59 -21.18 4.86
N GLY A 376 39.52 -20.63 4.34
CA GLY A 376 38.43 -21.43 3.78
C GLY A 376 37.80 -20.86 2.53
N PHE A 377 37.33 -21.76 1.67
CA PHE A 377 36.63 -21.53 0.40
C PHE A 377 35.31 -22.29 0.54
N TYR A 378 34.20 -21.62 0.35
CA TYR A 378 32.88 -22.21 0.58
C TYR A 378 31.99 -22.09 -0.65
N PHE A 379 31.99 -23.14 -1.48
CA PHE A 379 31.23 -23.14 -2.73
C PHE A 379 30.29 -24.33 -2.82
N ASP A 380 29.12 -24.24 -2.19
CA ASP A 380 28.15 -25.33 -2.28
C ASP A 380 27.52 -25.46 -3.68
N VAL A 381 27.48 -24.36 -4.45
CA VAL A 381 27.06 -24.38 -5.85
C VAL A 381 28.29 -24.01 -6.64
N MET A 382 28.33 -24.42 -7.91
CA MET A 382 29.46 -24.12 -8.77
C MET A 382 29.62 -22.60 -8.81
N GLU A 383 30.81 -22.15 -8.43
CA GLU A 383 31.09 -20.73 -8.41
C GLU A 383 31.47 -20.32 -9.83
N ILE A 384 31.26 -19.05 -10.18
CA ILE A 384 31.65 -18.49 -11.48
C ILE A 384 32.93 -17.69 -11.38
N THR A 385 33.17 -17.01 -10.24
CA THR A 385 34.39 -16.25 -10.01
C THR A 385 35.16 -16.85 -8.82
N PRO A 386 36.09 -17.80 -8.99
CA PRO A 386 36.44 -18.53 -10.22
C PRO A 386 35.55 -19.77 -10.35
N GLU A 387 35.83 -20.64 -11.33
CA GLU A 387 35.04 -21.85 -11.53
C GLU A 387 35.53 -22.97 -10.59
N ILE A 388 34.99 -23.00 -9.38
CA ILE A 388 35.32 -23.99 -8.36
C ILE A 388 34.02 -24.37 -7.67
N ILE A 389 34.00 -25.57 -7.14
CA ILE A 389 32.89 -26.07 -6.36
C ILE A 389 33.51 -26.82 -5.15
N GLY A 390 32.74 -26.93 -4.09
CA GLY A 390 33.14 -27.61 -2.88
C GLY A 390 33.55 -26.67 -1.78
N ARG A 391 33.69 -27.21 -0.58
CA ARG A 391 34.21 -26.49 0.57
C ARG A 391 35.65 -26.97 0.70
N HIS A 392 36.59 -26.05 0.85
CA HIS A 392 38.02 -26.37 0.94
C HIS A 392 38.59 -25.59 2.11
N ARG A 393 39.10 -26.28 3.13
CA ARG A 393 39.62 -25.67 4.36
C ARG A 393 41.09 -26.00 4.57
N PHE A 394 41.87 -25.02 5.01
CA PHE A 394 43.29 -25.17 5.26
C PHE A 394 43.67 -24.58 6.60
N ASN A 395 44.64 -25.19 7.29
CA ASN A 395 45.09 -24.69 8.59
C ASN A 395 46.28 -23.75 8.42
N THR A 396 46.82 -23.24 9.54
CA THR A 396 47.97 -22.33 9.50
C THR A 396 49.25 -22.86 8.78
N GLU A 397 49.43 -24.19 8.64
CA GLU A 397 50.55 -24.78 7.89
C GLU A 397 50.18 -25.09 6.42
N ASN A 398 49.03 -24.56 5.94
CA ASN A 398 48.49 -24.79 4.60
C ASN A 398 48.15 -26.26 4.33
N HIS A 399 47.83 -27.03 5.38
CA HIS A 399 47.40 -28.40 5.22
C HIS A 399 45.90 -28.40 5.08
N LYS A 400 45.39 -29.22 4.18
CA LYS A 400 43.95 -29.37 4.00
C LYS A 400 43.36 -30.05 5.27
N VAL A 401 42.23 -29.53 5.78
CA VAL A 401 41.54 -30.05 6.96
C VAL A 401 40.07 -30.26 6.62
N ALA A 402 39.45 -31.14 7.38
CA ALA A 402 38.08 -31.56 7.17
C ALA A 402 37.07 -30.62 7.73
N ALA A 403 37.47 -29.85 8.76
CA ALA A 403 36.56 -28.95 9.46
C ALA A 403 37.34 -27.97 10.31
N PHE A 404 36.63 -26.93 10.72
CA PHE A 404 37.12 -25.96 11.68
C PHE A 404 36.16 -25.93 12.87
N PRO A 405 36.64 -25.39 14.02
CA PRO A 405 35.71 -25.00 15.10
C PRO A 405 34.71 -23.95 14.54
N GLY A 406 33.51 -23.89 15.12
CA GLY A 406 32.44 -23.01 14.68
C GLY A 406 32.79 -21.55 14.44
N ASP A 407 33.46 -20.92 15.42
CA ASP A 407 33.88 -19.51 15.31
C ASP A 407 34.88 -19.30 14.18
N VAL A 408 35.85 -20.22 14.06
CA VAL A 408 36.87 -20.19 13.01
C VAL A 408 36.19 -20.32 11.65
N GLU A 409 35.16 -21.15 11.55
CA GLU A 409 34.41 -21.36 10.32
C GLU A 409 33.75 -20.10 9.86
N VAL A 410 33.11 -19.35 10.77
CA VAL A 410 32.42 -18.09 10.48
C VAL A 410 33.41 -17.05 9.92
N ARG A 411 34.55 -16.87 10.60
CA ARG A 411 35.57 -15.95 10.11
C ARG A 411 36.19 -16.46 8.79
N ALA A 412 36.47 -17.75 8.66
CA ALA A 412 37.05 -18.29 7.40
C ALA A 412 36.14 -17.99 6.23
N LEU A 413 34.82 -18.12 6.41
CA LEU A 413 33.85 -17.78 5.37
C LEU A 413 33.88 -16.27 5.03
N ILE A 414 33.66 -15.41 6.01
CA ILE A 414 33.60 -13.93 5.77
C ILE A 414 34.90 -13.33 5.27
N GLU A 415 35.98 -13.63 5.96
CA GLU A 415 37.33 -13.20 5.61
C GLU A 415 37.78 -13.75 4.21
N GLY A 416 37.47 -14.99 3.91
CA GLY A 416 37.74 -15.57 2.61
C GLY A 416 36.91 -14.96 1.50
N GLN A 417 35.61 -14.77 1.73
CA GLN A 417 34.74 -14.11 0.74
C GLN A 417 35.24 -12.70 0.41
N PHE A 418 35.70 -11.93 1.40
CA PHE A 418 36.22 -10.58 1.15
C PHE A 418 37.60 -10.57 0.53
N MET A 419 38.49 -11.48 0.95
CA MET A 419 39.80 -11.60 0.32
C MET A 419 39.66 -11.99 -1.15
N ALA A 420 38.71 -12.88 -1.49
CA ALA A 420 38.45 -13.26 -2.89
C ALA A 420 37.97 -12.05 -3.71
N LYS A 421 37.06 -11.24 -3.13
CA LYS A 421 36.62 -10.02 -3.82
C LYS A 421 37.84 -9.08 -4.13
N ARG A 422 38.70 -8.84 -3.14
CA ARG A 422 39.90 -8.05 -3.35
C ARG A 422 40.83 -8.65 -4.44
N ILE A 423 41.12 -9.96 -4.36
CA ILE A 423 42.00 -10.68 -5.30
C ILE A 423 41.45 -10.68 -6.73
N HIS A 424 40.20 -10.97 -6.91
CA HIS A 424 39.60 -10.98 -8.26
C HIS A 424 39.46 -9.57 -8.83
N ALA A 425 39.19 -8.58 -7.98
CA ALA A 425 39.17 -7.18 -8.41
C ALA A 425 40.60 -6.77 -8.88
N GLU A 426 41.67 -7.09 -8.09
CA GLU A 426 43.04 -6.79 -8.54
C GLU A 426 43.46 -7.53 -9.84
N GLY A 427 42.91 -8.73 -10.10
CA GLY A 427 43.12 -9.44 -11.36
C GLY A 427 42.64 -8.67 -12.58
N LEU A 428 41.58 -7.83 -12.41
CA LEU A 428 41.06 -6.98 -13.47
C LEU A 428 41.74 -5.59 -13.56
N GLY A 429 42.70 -5.29 -12.67
CA GLY A 429 43.44 -4.03 -12.65
C GLY A 429 43.15 -3.10 -11.48
N TYR A 430 42.23 -3.45 -10.56
CA TYR A 430 41.90 -2.58 -9.42
C TYR A 430 43.02 -2.50 -8.41
N ARG A 431 43.27 -1.32 -7.82
CA ARG A 431 44.26 -1.19 -6.76
C ARG A 431 43.72 -0.28 -5.65
N VAL A 432 43.87 -0.69 -4.38
CA VAL A 432 43.45 0.14 -3.25
C VAL A 432 44.38 1.36 -3.27
N MET A 433 43.82 2.54 -3.05
CA MET A 433 44.56 3.80 -3.01
C MET A 433 44.29 4.44 -1.67
N SER A 434 45.06 5.48 -1.33
CA SER A 434 44.87 6.20 -0.08
C SER A 434 43.51 6.89 -0.05
N LYS A 435 42.99 7.29 -1.22
CA LYS A 435 41.67 7.91 -1.34
C LYS A 435 40.51 6.88 -1.29
N THR A 436 40.78 5.56 -1.50
CA THR A 436 39.75 4.53 -1.55
C THR A 436 38.65 4.61 -0.48
N LYS A 437 37.43 4.51 -0.94
CA LYS A 437 36.22 4.36 -0.14
C LYS A 437 35.61 3.03 -0.61
N ILE A 438 35.06 2.25 0.34
CA ILE A 438 34.33 1.04 0.00
C ILE A 438 32.88 1.30 0.32
N LEU A 439 31.97 1.08 -0.62
CA LEU A 439 30.51 1.20 -0.36
C LEU A 439 29.90 -0.19 -0.26
N ALA A 440 29.09 -0.45 0.77
CA ALA A 440 28.44 -1.73 0.96
C ALA A 440 26.94 -1.57 0.97
N THR A 441 26.24 -2.49 0.31
CA THR A 441 24.79 -2.51 0.27
C THR A 441 24.32 -3.97 0.29
N GLY A 442 23.06 -4.16 0.60
CA GLY A 442 22.44 -5.46 0.69
C GLY A 442 22.25 -5.96 2.10
N GLY A 443 21.67 -7.16 2.25
CA GLY A 443 21.38 -7.77 3.55
C GLY A 443 22.52 -7.79 4.55
N ALA A 444 23.68 -8.31 4.13
CA ALA A 444 24.88 -8.42 5.00
C ALA A 444 25.53 -7.07 5.36
N SER A 445 25.18 -5.96 4.63
CA SER A 445 25.65 -4.62 4.99
C SER A 445 24.99 -4.14 6.30
N HIS A 446 23.93 -4.83 6.78
CA HIS A 446 23.30 -4.54 8.05
C HIS A 446 24.05 -5.21 9.21
N ASN A 447 25.18 -5.88 8.98
CA ASN A 447 25.97 -6.52 10.02
C ASN A 447 27.32 -5.83 10.09
N ARG A 448 27.49 -5.09 11.16
CA ARG A 448 28.67 -4.30 11.47
C ARG A 448 29.94 -5.15 11.49
N GLU A 449 29.84 -6.33 12.07
CA GLU A 449 30.98 -7.24 12.23
C GLU A 449 31.45 -7.75 10.87
N ILE A 450 30.50 -8.04 9.96
CA ILE A 450 30.84 -8.41 8.57
C ILE A 450 31.53 -7.21 7.89
N LEU A 451 30.98 -5.99 8.03
CA LEU A 451 31.57 -4.81 7.39
C LEU A 451 32.94 -4.47 7.94
N GLN A 452 33.21 -4.79 9.20
CA GLN A 452 34.53 -4.61 9.80
C GLN A 452 35.59 -5.49 9.10
N VAL A 453 35.23 -6.77 8.76
CA VAL A 453 36.16 -7.65 8.06
C VAL A 453 36.44 -7.06 6.71
N LEU A 454 35.39 -6.57 6.03
CA LEU A 454 35.54 -5.94 4.73
C LEU A 454 36.53 -4.73 4.81
N ALA A 455 36.39 -3.88 5.86
CA ALA A 455 37.28 -2.71 6.06
C ALA A 455 38.72 -3.16 6.31
N ASP A 456 38.88 -4.23 7.08
CA ASP A 456 40.19 -4.78 7.41
C ASP A 456 40.90 -5.37 6.19
N VAL A 457 40.18 -6.16 5.38
CA VAL A 457 40.73 -6.80 4.18
C VAL A 457 41.22 -5.79 3.16
N PHE A 458 40.44 -4.77 2.87
CA PHE A 458 40.85 -3.76 1.91
C PHE A 458 41.70 -2.65 2.52
N ASP A 459 41.81 -2.55 3.87
CA ASP A 459 42.52 -1.48 4.57
C ASP A 459 41.96 -0.12 4.13
N ALA A 460 40.61 -0.01 4.12
CA ALA A 460 39.92 1.17 3.67
C ALA A 460 38.57 1.31 4.37
N PRO A 461 38.10 2.57 4.53
CA PRO A 461 36.84 2.79 5.23
C PRO A 461 35.64 2.27 4.43
N VAL A 462 34.65 1.76 5.18
CA VAL A 462 33.44 1.19 4.56
C VAL A 462 32.27 2.06 4.93
N TYR A 463 31.45 2.39 3.95
CA TYR A 463 30.26 3.18 4.09
C TYR A 463 29.07 2.36 3.64
N VAL A 464 27.90 2.51 4.29
CA VAL A 464 26.67 1.80 3.90
C VAL A 464 25.77 2.75 3.16
N ILE A 465 25.16 2.24 2.09
CA ILE A 465 24.28 3.01 1.22
C ILE A 465 23.07 2.17 0.80
N ASP A 466 21.85 2.76 0.83
CA ASP A 466 20.65 2.11 0.27
C ASP A 466 20.76 2.29 -1.26
N THR A 467 20.53 1.23 -2.02
CA THR A 467 20.66 1.27 -3.49
C THR A 467 19.41 0.81 -4.18
N ALA A 468 18.26 0.79 -3.52
CA ALA A 468 17.03 0.32 -4.17
C ALA A 468 16.68 1.14 -5.44
N ASN A 469 17.00 2.45 -5.45
CA ASN A 469 16.75 3.31 -6.62
C ASN A 469 18.07 3.82 -7.19
N SER A 470 19.17 3.08 -7.03
CA SER A 470 20.47 3.57 -7.51
C SER A 470 20.53 3.87 -9.02
N ALA A 471 19.88 3.06 -9.85
CA ALA A 471 19.88 3.27 -11.29
C ALA A 471 19.07 4.52 -11.67
N CYS A 472 17.96 4.73 -10.99
CA CYS A 472 17.13 5.91 -11.20
C CYS A 472 17.85 7.16 -10.80
N VAL A 473 18.32 7.15 -9.55
CA VAL A 473 19.04 8.26 -8.96
C VAL A 473 20.31 8.61 -9.75
N GLY A 474 21.04 7.58 -10.17
CA GLY A 474 22.24 7.77 -10.94
C GLY A 474 21.94 8.45 -12.26
N SER A 475 20.80 8.09 -12.88
CA SER A 475 20.36 8.69 -14.14
C SER A 475 20.03 10.17 -13.99
N ALA A 476 19.36 10.56 -12.89
CA ALA A 476 19.04 11.96 -12.60
C ALA A 476 20.35 12.74 -12.33
N TYR A 477 21.35 12.12 -11.64
CA TYR A 477 22.64 12.75 -11.43
C TYR A 477 23.32 13.02 -12.77
N ARG A 478 23.25 12.06 -13.68
CA ARG A 478 23.89 12.18 -14.98
C ARG A 478 23.16 13.27 -15.79
N ALA A 479 21.83 13.42 -15.63
CA ALA A 479 21.08 14.46 -16.32
C ALA A 479 21.58 15.84 -15.83
N PHE A 480 21.73 15.99 -14.50
CA PHE A 480 22.27 17.19 -13.87
C PHE A 480 23.69 17.47 -14.33
N HIS A 481 24.50 16.43 -14.49
CA HIS A 481 25.87 16.59 -15.00
C HIS A 481 25.85 17.22 -16.41
N GLY A 482 24.97 16.73 -17.29
CA GLY A 482 24.79 17.29 -18.62
C GLY A 482 24.38 18.76 -18.57
N LEU A 483 23.51 19.17 -17.60
CA LEU A 483 23.09 20.59 -17.46
C LEU A 483 24.16 21.47 -16.83
N ALA A 484 24.98 20.90 -15.97
CA ALA A 484 25.99 21.65 -15.25
C ALA A 484 27.29 21.86 -16.04
N GLY A 485 27.37 21.29 -17.26
CA GLY A 485 28.53 21.43 -18.13
C GLY A 485 29.02 20.21 -18.88
N GLY A 486 28.49 19.02 -18.56
CA GLY A 486 28.84 17.76 -19.21
C GLY A 486 30.31 17.43 -19.17
N THR A 487 30.91 17.11 -20.33
CA THR A 487 32.34 16.76 -20.42
C THR A 487 33.31 17.90 -20.05
N ASP A 488 32.83 19.17 -19.96
CA ASP A 488 33.68 20.28 -19.50
C ASP A 488 33.94 20.27 -17.99
N VAL A 489 33.12 19.52 -17.20
CA VAL A 489 33.21 19.49 -15.74
C VAL A 489 33.28 18.07 -15.20
N PRO A 490 33.96 17.80 -14.07
CA PRO A 490 33.96 16.42 -13.53
C PRO A 490 32.63 16.05 -12.91
N PHE A 491 32.13 14.83 -13.19
CA PHE A 491 30.87 14.35 -12.61
C PHE A 491 30.88 14.46 -11.07
N SER A 492 32.00 14.12 -10.46
CA SER A 492 32.18 14.15 -9.01
C SER A 492 31.96 15.53 -8.39
N GLU A 493 32.29 16.59 -9.11
CA GLU A 493 32.06 17.93 -8.57
C GLU A 493 30.60 18.30 -8.67
N VAL A 494 29.90 17.80 -9.68
CA VAL A 494 28.47 18.09 -9.80
C VAL A 494 27.66 17.45 -8.67
N VAL A 495 27.99 16.22 -8.29
CA VAL A 495 27.22 15.45 -7.31
C VAL A 495 27.77 15.47 -5.89
N LYS A 496 28.76 16.31 -5.61
CA LYS A 496 29.36 16.46 -4.28
C LYS A 496 28.34 16.87 -3.24
N LEU A 497 27.36 17.60 -3.64
CA LEU A 497 26.35 18.05 -2.72
C LEU A 497 25.29 16.95 -2.42
N ALA A 498 25.20 15.83 -3.20
CA ALA A 498 24.27 14.72 -2.94
C ALA A 498 24.45 14.13 -1.53
N PRO A 499 23.39 13.46 -1.01
CA PRO A 499 23.50 12.83 0.32
C PRO A 499 24.69 11.86 0.44
N ASN A 500 25.48 12.00 1.50
CA ASN A 500 26.63 11.15 1.74
C ASN A 500 26.21 9.85 2.43
N PRO A 501 26.95 8.76 2.21
CA PRO A 501 26.59 7.50 2.85
C PRO A 501 27.14 7.51 4.28
N ARG A 502 26.59 6.70 5.19
CA ARG A 502 27.11 6.67 6.56
C ARG A 502 28.29 5.74 6.66
N LEU A 503 29.35 6.21 7.34
CA LEU A 503 30.56 5.47 7.64
C LEU A 503 30.20 4.35 8.59
N ALA A 504 30.53 3.11 8.23
CA ALA A 504 30.18 1.94 9.04
C ALA A 504 31.36 1.30 9.73
N ALA A 505 32.58 1.40 9.15
CA ALA A 505 33.78 0.79 9.73
C ALA A 505 35.02 1.34 9.10
N THR A 506 36.07 1.33 9.89
CA THR A 506 37.38 1.77 9.45
C THR A 506 38.32 0.64 9.80
N PRO A 507 39.36 0.42 8.98
CA PRO A 507 40.27 -0.70 9.24
C PRO A 507 40.90 -0.65 10.62
N SER A 508 40.95 -1.81 11.28
CA SER A 508 41.55 -1.89 12.62
C SER A 508 43.06 -1.71 12.53
N PRO A 509 43.72 -1.26 13.61
CA PRO A 509 45.19 -1.15 13.57
C PRO A 509 45.84 -2.54 13.38
N GLY A 510 46.81 -2.60 12.47
CA GLY A 510 47.49 -3.83 12.14
C GLY A 510 46.85 -4.64 11.03
N ALA A 511 45.66 -4.22 10.52
CA ALA A 511 44.99 -4.97 9.44
C ALA A 511 45.88 -5.10 8.21
N SER A 512 46.54 -4.03 7.84
CA SER A 512 47.47 -4.00 6.69
C SER A 512 48.55 -5.05 6.78
N GLN A 513 49.13 -5.23 7.99
CA GLN A 513 50.21 -6.21 8.19
C GLN A 513 49.70 -7.62 8.05
N VAL A 514 48.49 -7.87 8.57
CA VAL A 514 47.86 -9.19 8.52
C VAL A 514 47.54 -9.57 7.08
N TYR A 515 46.78 -8.74 6.38
CA TYR A 515 46.33 -9.10 5.03
C TYR A 515 47.37 -9.01 3.94
N GLU A 516 48.44 -8.20 4.13
CA GLU A 516 49.55 -8.15 3.14
C GLU A 516 50.18 -9.55 3.00
N ALA A 517 50.24 -10.30 4.10
CA ALA A 517 50.77 -11.66 4.13
C ALA A 517 49.74 -12.73 3.77
N LEU A 518 48.51 -12.57 4.23
CA LEU A 518 47.45 -13.54 4.03
C LEU A 518 46.83 -13.56 2.61
N LEU A 519 46.66 -12.38 1.98
CA LEU A 519 46.06 -12.30 0.63
C LEU A 519 46.82 -13.14 -0.41
N PRO A 520 48.16 -13.00 -0.52
CA PRO A 520 48.90 -13.90 -1.43
C PRO A 520 48.79 -15.40 -1.07
N GLN A 521 48.66 -15.76 0.23
CA GLN A 521 48.48 -17.18 0.63
C GLN A 521 47.11 -17.70 0.19
N TYR A 522 46.06 -16.85 0.31
CA TYR A 522 44.72 -17.21 -0.14
C TYR A 522 44.69 -17.39 -1.67
N ALA A 523 45.31 -16.44 -2.41
CA ALA A 523 45.37 -16.52 -3.87
C ALA A 523 46.10 -17.81 -4.35
N LYS A 524 47.19 -18.18 -3.68
CA LYS A 524 47.95 -19.42 -4.00
C LYS A 524 47.10 -20.67 -3.77
N LEU A 525 46.35 -20.71 -2.65
CA LEU A 525 45.47 -21.85 -2.35
C LEU A 525 44.35 -21.95 -3.36
N GLU A 526 43.82 -20.80 -3.82
CA GLU A 526 42.78 -20.80 -4.85
C GLU A 526 43.32 -21.43 -6.13
N GLN A 527 44.53 -21.03 -6.55
CA GLN A 527 45.19 -21.59 -7.74
C GLN A 527 45.47 -23.08 -7.55
N ARG A 528 45.85 -23.49 -6.33
CA ARG A 528 46.05 -24.92 -6.01
C ARG A 528 44.75 -25.73 -6.23
N ILE A 529 43.60 -25.20 -5.76
CA ILE A 529 42.32 -25.88 -5.95
C ILE A 529 41.94 -25.94 -7.45
N LEU A 530 42.12 -24.82 -8.18
CA LEU A 530 41.80 -24.78 -9.60
C LEU A 530 42.63 -25.78 -10.41
N SER A 531 43.94 -25.88 -10.13
CA SER A 531 44.81 -26.82 -10.84
C SER A 531 44.52 -28.30 -10.51
N GLN A 532 44.13 -28.60 -9.26
CA GLN A 532 43.86 -29.97 -8.82
C GLN A 532 42.37 -30.26 -8.84
N PRO B 8 2.48 33.62 5.27
CA PRO B 8 3.65 33.21 6.07
C PRO B 8 3.25 32.12 7.07
N ARG B 9 3.50 30.84 6.70
N ARG B 9 3.51 30.85 6.70
CA ARG B 9 3.15 29.68 7.52
CA ARG B 9 3.16 29.68 7.52
C ARG B 9 4.19 29.40 8.60
C ARG B 9 4.17 29.37 8.62
N ARG B 10 4.04 30.03 9.78
CA ARG B 10 4.89 29.78 10.96
C ARG B 10 4.35 28.51 11.64
N CYS B 11 5.24 27.73 12.30
CA CYS B 11 4.81 26.47 12.94
C CYS B 11 5.65 26.11 14.13
N CYS B 12 5.17 25.13 14.86
CA CYS B 12 5.92 24.42 15.90
C CYS B 12 5.94 22.95 15.51
N LEU B 13 7.03 22.27 15.87
CA LEU B 13 7.17 20.84 15.70
C LEU B 13 6.83 20.15 17.01
N GLY B 14 6.15 19.02 16.85
CA GLY B 14 5.80 18.12 17.93
C GLY B 14 6.38 16.76 17.63
N TRP B 15 7.38 16.39 18.41
CA TRP B 15 8.10 15.12 18.27
C TRP B 15 7.55 14.03 19.18
N ASP B 16 7.71 12.81 18.74
CA ASP B 16 7.41 11.62 19.56
C ASP B 16 8.50 10.57 19.36
N PHE B 17 9.28 10.33 20.41
CA PHE B 17 10.30 9.28 20.46
C PHE B 17 9.62 8.12 21.16
N SER B 18 9.00 7.29 20.35
CA SER B 18 8.19 6.17 20.76
C SER B 18 8.95 4.82 20.70
N THR B 19 8.28 3.76 21.13
CA THR B 19 8.92 2.42 21.16
C THR B 19 9.32 1.87 19.80
N GLN B 20 8.44 2.04 18.79
CA GLN B 20 8.62 1.52 17.43
C GLN B 20 9.07 2.50 16.39
N GLN B 21 9.06 3.80 16.74
CA GLN B 21 9.40 4.83 15.77
C GLN B 21 9.66 6.17 16.40
N VAL B 22 10.28 7.03 15.60
CA VAL B 22 10.39 8.45 15.87
C VAL B 22 9.37 9.08 14.90
N LYS B 23 8.51 9.96 15.42
CA LYS B 23 7.50 10.66 14.60
C LYS B 23 7.52 12.16 14.86
N VAL B 24 7.14 12.92 13.85
CA VAL B 24 7.05 14.37 13.98
C VAL B 24 5.82 14.91 13.23
N VAL B 25 5.22 15.94 13.78
CA VAL B 25 4.13 16.68 13.11
C VAL B 25 4.52 18.14 13.18
N ALA B 26 4.14 18.92 12.15
CA ALA B 26 4.29 20.36 12.09
C ALA B 26 2.86 20.93 12.18
N VAL B 27 2.66 21.83 13.17
CA VAL B 27 1.37 22.47 13.45
C VAL B 27 1.53 23.96 13.20
N ASP B 28 0.63 24.55 12.40
CA ASP B 28 0.73 25.97 12.10
C ASP B 28 0.11 26.79 13.26
N ALA B 29 0.21 28.13 13.16
CA ALA B 29 -0.30 29.08 14.16
C ALA B 29 -1.80 29.05 14.36
N GLU B 30 -2.55 28.49 13.41
CA GLU B 30 -3.99 28.29 13.54
C GLU B 30 -4.29 26.94 14.18
N LEU B 31 -3.24 26.20 14.63
CA LEU B 31 -3.34 24.92 15.29
C LEU B 31 -3.83 23.79 14.40
N ASN B 32 -3.44 23.84 13.12
CA ASN B 32 -3.74 22.77 12.18
C ASN B 32 -2.46 22.00 11.86
N VAL B 33 -2.59 20.67 11.83
CA VAL B 33 -1.48 19.80 11.45
C VAL B 33 -1.43 19.84 9.94
N PHE B 34 -0.30 20.18 9.38
CA PHE B 34 -0.14 20.22 7.93
C PHE B 34 0.99 19.32 7.41
N TYR B 35 1.78 18.71 8.32
CA TYR B 35 2.89 17.84 7.93
C TYR B 35 3.11 16.79 9.00
N GLU B 36 3.45 15.59 8.57
CA GLU B 36 3.74 14.45 9.43
C GLU B 36 4.81 13.59 8.75
N GLU B 37 5.71 13.04 9.55
CA GLU B 37 6.74 12.16 9.03
C GLU B 37 7.20 11.24 10.13
N SER B 38 7.77 10.10 9.74
CA SER B 38 8.22 9.11 10.72
C SER B 38 9.35 8.21 10.19
N VAL B 39 10.09 7.65 11.14
CA VAL B 39 11.15 6.68 10.91
C VAL B 39 10.81 5.48 11.78
N HIS B 40 10.62 4.30 11.15
CA HIS B 40 10.23 3.07 11.84
C HIS B 40 11.50 2.26 12.09
N PHE B 41 11.76 1.91 13.34
CA PHE B 41 13.04 1.27 13.72
C PHE B 41 13.41 -0.07 13.04
N ASP B 42 12.53 -1.07 13.11
CA ASP B 42 12.80 -2.39 12.51
C ASP B 42 12.99 -2.26 10.99
N ARG B 43 12.09 -1.50 10.34
CA ARG B 43 12.11 -1.32 8.89
C ARG B 43 13.25 -0.45 8.41
N ASP B 44 13.52 0.71 9.07
CA ASP B 44 14.50 1.67 8.60
C ASP B 44 15.89 1.56 9.19
N LEU B 45 16.05 0.91 10.34
CA LEU B 45 17.35 0.65 10.96
C LEU B 45 17.43 -0.85 11.31
N PRO B 46 17.27 -1.74 10.29
CA PRO B 46 17.26 -3.19 10.56
C PRO B 46 18.56 -3.75 11.12
N GLU B 47 19.68 -3.05 10.92
CA GLU B 47 20.99 -3.46 11.46
C GLU B 47 21.02 -3.68 12.98
N PHE B 48 20.14 -3.00 13.72
CA PHE B 48 20.06 -3.17 15.18
C PHE B 48 19.40 -4.47 15.60
N GLY B 49 18.71 -5.16 14.69
CA GLY B 49 18.09 -6.44 14.98
C GLY B 49 16.93 -6.39 15.94
N THR B 50 16.26 -5.24 16.03
CA THR B 50 15.12 -5.14 16.97
C THR B 50 13.88 -5.81 16.36
N GLN B 51 12.87 -6.03 17.21
CA GLN B 51 11.55 -6.52 16.82
C GLN B 51 10.58 -5.70 17.66
N GLY B 52 9.72 -4.92 17.01
CA GLY B 52 8.87 -3.98 17.72
C GLY B 52 9.69 -2.83 18.31
N GLY B 53 10.88 -2.56 17.75
CA GLY B 53 11.78 -1.52 18.20
C GLY B 53 12.60 -1.85 19.43
N VAL B 54 12.45 -3.07 19.95
CA VAL B 54 13.13 -3.52 21.16
C VAL B 54 13.85 -4.86 20.95
N HIS B 55 14.65 -5.21 21.95
CA HIS B 55 15.32 -6.49 22.08
C HIS B 55 14.79 -7.12 23.37
N VAL B 56 14.04 -8.22 23.28
CA VAL B 56 13.58 -8.99 24.45
C VAL B 56 14.72 -9.98 24.71
N HIS B 57 15.28 -9.93 25.91
CA HIS B 57 16.46 -10.73 26.21
C HIS B 57 16.08 -12.20 26.50
N LYS B 58 17.09 -13.07 26.58
CA LYS B 58 16.92 -14.52 26.82
C LYS B 58 16.04 -14.82 28.03
N ASP B 59 16.17 -14.04 29.13
CA ASP B 59 15.36 -14.22 30.34
C ASP B 59 13.84 -14.00 30.16
N GLY B 60 13.42 -13.38 29.07
CA GLY B 60 12.01 -13.08 28.83
C GLY B 60 11.45 -11.92 29.64
N LEU B 61 12.32 -11.21 30.39
CA LEU B 61 11.94 -10.08 31.27
C LEU B 61 12.67 -8.78 30.94
N THR B 62 13.96 -8.86 30.59
CA THR B 62 14.77 -7.71 30.23
C THR B 62 14.41 -7.26 28.82
N VAL B 63 14.03 -5.98 28.66
CA VAL B 63 13.64 -5.42 27.38
C VAL B 63 14.32 -4.07 27.24
N THR B 64 15.14 -3.96 26.16
CA THR B 64 15.92 -2.77 25.88
C THR B 64 15.81 -2.33 24.43
N SER B 65 16.33 -1.09 24.17
CA SER B 65 16.48 -0.53 22.83
C SER B 65 17.86 0.11 22.76
N PRO B 66 18.59 0.01 21.64
CA PRO B 66 19.93 0.64 21.59
C PRO B 66 19.79 2.16 21.48
N VAL B 67 20.43 2.90 22.39
CA VAL B 67 20.38 4.36 22.40
C VAL B 67 20.80 4.96 21.05
N LEU B 68 21.87 4.42 20.45
CA LEU B 68 22.33 4.95 19.16
C LEU B 68 21.35 4.73 18.00
N MET B 69 20.39 3.81 18.14
CA MET B 69 19.34 3.63 17.14
C MET B 69 18.42 4.86 17.20
N TRP B 70 18.07 5.32 18.41
CA TRP B 70 17.25 6.51 18.57
C TRP B 70 17.98 7.74 18.04
N VAL B 71 19.33 7.82 18.23
CA VAL B 71 20.09 8.95 17.71
C VAL B 71 20.09 8.94 16.18
N GLN B 72 20.43 7.79 15.61
CA GLN B 72 20.47 7.65 14.17
C GLN B 72 19.10 7.92 13.53
N ALA B 73 18.00 7.50 14.21
CA ALA B 73 16.65 7.75 13.71
C ALA B 73 16.33 9.24 13.59
N LEU B 74 16.84 10.05 14.53
CA LEU B 74 16.66 11.48 14.45
C LEU B 74 17.43 12.02 13.22
N ASP B 75 18.63 11.52 12.94
CA ASP B 75 19.34 11.97 11.73
C ASP B 75 18.54 11.64 10.46
N ILE B 76 17.98 10.44 10.39
CA ILE B 76 17.22 9.99 9.22
C ILE B 76 15.98 10.82 9.01
N ILE B 77 15.20 11.05 10.06
CA ILE B 77 13.96 11.81 9.94
C ILE B 77 14.22 13.28 9.55
N LEU B 78 15.22 13.94 10.15
CA LEU B 78 15.56 15.30 9.75
C LEU B 78 15.97 15.38 8.28
N GLU B 79 16.71 14.39 7.79
CA GLU B 79 17.12 14.38 6.39
C GLU B 79 15.93 14.01 5.45
N LYS B 80 15.03 13.18 5.91
CA LYS B 80 13.81 12.83 5.18
C LYS B 80 12.93 14.10 5.02
N MET B 81 12.82 14.90 6.09
CA MET B 81 12.09 16.19 6.10
C MET B 81 12.71 17.16 5.11
N LYS B 82 14.05 17.28 5.15
CA LYS B 82 14.79 18.19 4.23
C LYS B 82 14.62 17.74 2.74
N ALA B 83 14.64 16.44 2.50
CA ALA B 83 14.47 15.91 1.15
C ALA B 83 13.06 16.14 0.61
N SER B 84 12.03 16.16 1.51
CA SER B 84 10.65 16.42 1.11
C SER B 84 10.38 17.93 0.85
N GLY B 85 11.33 18.79 1.21
CA GLY B 85 11.24 20.23 1.04
C GLY B 85 10.67 20.96 2.23
N PHE B 86 10.73 20.36 3.45
CA PHE B 86 10.21 21.00 4.65
C PHE B 86 10.98 22.28 4.93
N ASP B 87 10.25 23.36 5.17
CA ASP B 87 10.84 24.67 5.42
C ASP B 87 11.10 24.83 6.92
N PHE B 88 12.32 24.52 7.34
CA PHE B 88 12.75 24.61 8.73
C PHE B 88 12.85 26.04 9.23
N SER B 89 12.98 27.03 8.33
CA SER B 89 13.07 28.45 8.73
C SER B 89 11.77 28.95 9.38
N GLN B 90 10.65 28.24 9.20
CA GLN B 90 9.33 28.59 9.75
C GLN B 90 9.08 28.05 11.17
N VAL B 91 9.98 27.24 11.73
CA VAL B 91 9.82 26.63 13.04
C VAL B 91 10.14 27.64 14.16
N LEU B 92 9.12 28.08 14.90
CA LEU B 92 9.27 29.02 16.00
C LEU B 92 9.70 28.33 17.27
N ALA B 93 9.20 27.11 17.48
CA ALA B 93 9.56 26.35 18.66
C ALA B 93 9.27 24.86 18.44
N LEU B 94 9.81 24.05 19.32
CA LEU B 94 9.58 22.63 19.29
C LEU B 94 9.55 22.05 20.68
N SER B 95 8.75 21.01 20.82
CA SER B 95 8.74 20.19 22.02
C SER B 95 8.53 18.75 21.56
N GLY B 96 8.45 17.85 22.51
CA GLY B 96 8.27 16.47 22.21
C GLY B 96 7.94 15.60 23.38
N ALA B 97 7.56 14.37 23.02
CA ALA B 97 7.22 13.32 23.94
C ALA B 97 8.21 12.14 23.81
N GLY B 98 8.41 11.50 24.94
CA GLY B 98 9.23 10.32 25.04
C GLY B 98 8.40 9.22 25.64
N GLN B 99 8.55 8.00 25.10
CA GLN B 99 8.01 6.78 25.70
C GLN B 99 8.46 6.81 27.18
N GLN B 100 7.52 6.65 28.09
CA GLN B 100 7.87 6.91 29.49
C GLN B 100 8.81 5.89 30.10
N HIS B 101 9.45 6.28 31.20
CA HIS B 101 10.29 5.42 32.04
C HIS B 101 11.68 5.07 31.52
N GLY B 102 11.81 4.79 30.23
CA GLY B 102 13.08 4.44 29.61
C GLY B 102 14.18 5.44 29.93
N SER B 103 15.41 4.91 30.12
CA SER B 103 16.55 5.72 30.56
C SER B 103 17.79 5.59 29.69
N ILE B 104 18.56 6.68 29.66
CA ILE B 104 19.79 6.84 28.91
C ILE B 104 20.86 7.21 29.94
N TYR B 105 22.04 6.56 29.80
CA TYR B 105 23.19 6.72 30.68
C TYR B 105 24.30 7.33 29.85
N TRP B 106 24.58 8.62 30.10
CA TRP B 106 25.61 9.37 29.37
C TRP B 106 26.94 9.17 30.04
N LYS B 107 27.95 8.80 29.25
CA LYS B 107 29.31 8.54 29.74
C LYS B 107 30.01 9.84 30.14
N ALA B 108 30.93 9.77 31.12
CA ALA B 108 31.70 10.95 31.52
C ALA B 108 32.39 11.57 30.30
N GLY B 109 32.26 12.89 30.15
CA GLY B 109 32.78 13.63 29.01
C GLY B 109 31.83 13.80 27.84
N ALA B 110 30.61 13.22 27.91
CA ALA B 110 29.65 13.29 26.81
C ALA B 110 29.11 14.69 26.53
N GLN B 111 28.99 15.54 27.56
CA GLN B 111 28.47 16.89 27.32
C GLN B 111 29.43 17.71 26.46
N GLN B 112 30.72 17.42 26.50
CA GLN B 112 31.70 18.11 25.64
C GLN B 112 31.38 17.79 24.17
N ALA B 113 31.00 16.53 23.89
CA ALA B 113 30.62 16.14 22.52
C ALA B 113 29.27 16.77 22.11
N LEU B 114 28.31 16.87 23.04
CA LEU B 114 27.01 17.51 22.76
C LEU B 114 27.16 18.98 22.43
N THR B 115 28.00 19.69 23.20
CA THR B 115 28.20 21.14 23.02
C THR B 115 29.11 21.52 21.86
N SER B 116 29.88 20.58 21.31
CA SER B 116 30.81 20.84 20.22
C SER B 116 30.38 20.16 18.91
N LEU B 117 29.07 19.92 18.72
CA LEU B 117 28.55 19.30 17.50
C LEU B 117 28.84 20.16 16.26
N SER B 118 29.38 19.53 15.20
CA SER B 118 29.66 20.19 13.92
C SER B 118 28.50 19.92 12.94
N PRO B 119 27.95 20.96 12.27
CA PRO B 119 26.87 20.73 11.29
C PRO B 119 27.22 19.90 10.06
N ASP B 120 28.51 19.63 9.81
CA ASP B 120 28.96 18.84 8.68
C ASP B 120 28.78 17.35 8.89
N LEU B 121 28.53 16.93 10.11
CA LEU B 121 28.37 15.53 10.46
C LEU B 121 27.02 15.23 11.08
N ARG B 122 26.66 13.96 11.08
CA ARG B 122 25.44 13.47 11.71
C ARG B 122 25.65 13.31 13.19
N LEU B 123 24.54 13.27 13.93
CA LEU B 123 24.54 13.10 15.37
C LEU B 123 25.10 11.75 15.78
N HIS B 124 24.73 10.67 15.07
CA HIS B 124 25.16 9.30 15.37
C HIS B 124 26.68 9.15 15.31
N GLN B 125 27.30 9.75 14.30
CA GLN B 125 28.75 9.74 14.12
C GLN B 125 29.45 10.43 15.32
N GLN B 126 28.96 11.60 15.71
CA GLN B 126 29.55 12.43 16.76
C GLN B 126 29.28 11.96 18.19
N LEU B 127 28.12 11.30 18.44
CA LEU B 127 27.76 10.82 19.77
C LEU B 127 27.97 9.32 19.98
N GLN B 128 28.64 8.65 19.01
CA GLN B 128 28.95 7.21 18.96
C GLN B 128 29.53 6.64 20.28
N ASP B 129 30.41 7.41 20.96
CA ASP B 129 31.04 6.93 22.20
C ASP B 129 30.57 7.69 23.45
N CYS B 130 29.35 8.26 23.42
CA CYS B 130 28.82 9.07 24.52
C CYS B 130 28.00 8.33 25.56
N PHE B 131 27.77 7.05 25.41
CA PHE B 131 26.88 6.30 26.29
C PHE B 131 27.59 5.20 27.08
N SER B 132 27.43 5.22 28.40
CA SER B 132 28.02 4.20 29.29
C SER B 132 27.21 2.88 29.23
N ILE B 133 25.94 2.95 28.80
CA ILE B 133 25.03 1.79 28.61
C ILE B 133 24.52 1.88 27.17
N SER B 134 24.80 0.89 26.35
CA SER B 134 24.38 0.93 24.95
C SER B 134 22.92 0.50 24.81
N ASP B 135 22.46 -0.50 25.61
CA ASP B 135 21.11 -1.06 25.56
C ASP B 135 20.28 -0.48 26.70
N CYS B 136 19.36 0.41 26.37
CA CYS B 136 18.54 1.14 27.33
C CYS B 136 17.36 0.35 27.79
N PRO B 137 17.06 0.30 29.09
CA PRO B 137 15.82 -0.35 29.52
C PRO B 137 14.66 0.53 29.10
N VAL B 138 13.57 -0.09 28.63
CA VAL B 138 12.39 0.63 28.16
C VAL B 138 11.19 0.22 29.01
N TRP B 139 10.04 0.82 28.74
CA TRP B 139 8.79 0.62 29.50
C TRP B 139 8.30 -0.86 29.59
N MET B 140 8.69 -1.70 28.63
CA MET B 140 8.30 -3.12 28.56
C MET B 140 9.12 -4.01 29.49
N ASP B 141 10.21 -3.51 30.03
CA ASP B 141 11.06 -4.28 30.93
C ASP B 141 10.32 -4.63 32.27
N SER B 142 10.45 -5.91 32.69
CA SER B 142 9.81 -6.42 33.92
C SER B 142 10.79 -7.28 34.73
N SER B 143 12.10 -6.98 34.65
CA SER B 143 13.18 -7.74 35.27
C SER B 143 13.66 -7.21 36.65
N THR B 144 13.04 -6.14 37.18
CA THR B 144 13.49 -5.45 38.40
C THR B 144 12.60 -5.68 39.65
N THR B 145 11.94 -6.83 39.73
CA THR B 145 11.10 -7.12 40.90
C THR B 145 11.85 -7.01 42.24
N ALA B 146 13.10 -7.51 42.33
CA ALA B 146 13.88 -7.44 43.57
C ALA B 146 14.20 -5.98 43.95
N GLN B 147 14.51 -5.15 42.95
CA GLN B 147 14.79 -3.73 43.21
C GLN B 147 13.52 -3.01 43.68
N CYS B 148 12.35 -3.36 43.08
CA CYS B 148 11.06 -2.79 43.50
C CYS B 148 10.77 -3.05 44.97
N ARG B 149 10.95 -4.34 45.39
CA ARG B 149 10.71 -4.80 46.75
C ARG B 149 11.68 -4.15 47.71
N GLN B 150 12.96 -4.00 47.30
CA GLN B 150 13.96 -3.32 48.12
C GLN B 150 13.63 -1.83 48.27
N LEU B 151 13.25 -1.15 47.16
CA LEU B 151 12.90 0.29 47.24
C LEU B 151 11.73 0.50 48.20
N GLU B 152 10.67 -0.31 48.08
CA GLU B 152 9.51 -0.20 48.99
C GLU B 152 9.86 -0.45 50.45
N ALA B 153 10.68 -1.47 50.73
CA ALA B 153 11.10 -1.77 52.11
C ALA B 153 11.93 -0.63 52.67
N ALA B 154 12.80 -0.05 51.84
CA ALA B 154 13.69 1.03 52.27
C ALA B 154 12.94 2.30 52.70
N VAL B 155 11.79 2.62 52.09
CA VAL B 155 11.05 3.87 52.40
C VAL B 155 9.80 3.69 53.30
N GLY B 156 9.56 2.48 53.79
CA GLY B 156 8.43 2.20 54.67
C GLY B 156 7.23 1.52 54.01
N GLY B 157 7.43 0.94 52.83
CA GLY B 157 6.39 0.19 52.14
C GLY B 157 5.85 0.81 50.88
N ALA B 158 5.04 0.01 50.16
CA ALA B 158 4.42 0.33 48.87
C ALA B 158 3.57 1.59 48.98
N GLN B 159 2.72 1.68 50.03
CA GLN B 159 1.89 2.87 50.21
C GLN B 159 2.72 4.10 50.51
N ALA B 160 3.79 3.97 51.35
CA ALA B 160 4.67 5.11 51.67
C ALA B 160 5.33 5.62 50.38
N LEU B 161 5.80 4.70 49.52
CA LEU B 161 6.41 5.07 48.23
C LEU B 161 5.42 5.80 47.30
N SER B 162 4.16 5.36 47.31
CA SER B 162 3.13 5.94 46.47
C SER B 162 2.74 7.32 46.95
N CYS B 163 2.55 7.50 48.25
CA CYS B 163 2.24 8.82 48.80
C CYS B 163 3.29 9.83 48.37
N LEU B 164 4.53 9.38 48.38
CA LEU B 164 5.70 10.19 48.04
C LEU B 164 5.85 10.45 46.53
N THR B 165 5.79 9.40 45.72
CA THR B 165 6.07 9.46 44.28
C THR B 165 4.88 9.30 43.32
N GLY B 166 3.67 9.08 43.83
CA GLY B 166 2.46 8.90 43.04
C GLY B 166 2.18 7.48 42.57
N SER B 167 3.14 6.57 42.77
CA SER B 167 3.05 5.18 42.40
C SER B 167 3.80 4.34 43.42
N ARG B 168 3.36 3.09 43.61
CA ARG B 168 4.14 2.13 44.39
C ARG B 168 5.29 1.72 43.44
N ALA B 169 6.15 0.78 43.82
CA ALA B 169 7.24 0.42 42.90
C ALA B 169 6.74 -0.43 41.73
N TYR B 170 7.02 0.04 40.50
CA TYR B 170 6.70 -0.71 39.28
C TYR B 170 8.00 -1.01 38.58
N GLU B 171 8.11 -2.22 38.06
CA GLU B 171 9.33 -2.74 37.44
C GLU B 171 9.89 -1.82 36.38
N ARG B 172 9.03 -1.32 35.50
CA ARG B 172 9.46 -0.41 34.43
C ARG B 172 9.90 1.01 34.94
N PHE B 173 9.47 1.44 36.15
CA PHE B 173 9.79 2.79 36.65
C PHE B 173 11.29 2.92 36.84
N THR B 174 11.82 4.03 36.35
CA THR B 174 13.25 4.34 36.20
C THR B 174 14.18 4.07 37.39
N GLY B 175 13.77 4.43 38.59
CA GLY B 175 14.60 4.23 39.78
C GLY B 175 14.95 2.78 40.02
N ASN B 176 14.04 1.88 39.69
CA ASN B 176 14.25 0.43 39.86
C ASN B 176 15.23 -0.09 38.79
N GLN B 177 15.17 0.50 37.59
CA GLN B 177 16.09 0.21 36.49
C GLN B 177 17.47 0.74 36.79
N ILE B 178 17.58 1.97 37.36
CA ILE B 178 18.88 2.55 37.75
C ILE B 178 19.51 1.69 38.82
N ALA B 179 18.71 1.23 39.82
CA ALA B 179 19.20 0.35 40.90
C ALA B 179 19.80 -0.95 40.36
N LYS B 180 19.14 -1.54 39.37
CA LYS B 180 19.62 -2.77 38.76
C LYS B 180 20.94 -2.55 38.01
N ILE B 181 21.04 -1.45 37.23
CA ILE B 181 22.28 -1.12 36.52
C ILE B 181 23.39 -0.88 37.53
N TYR B 182 23.13 -0.06 38.51
CA TYR B 182 24.14 0.15 39.57
C TYR B 182 24.62 -1.20 40.20
N GLN B 183 23.65 -2.05 40.62
CA GLN B 183 23.97 -3.33 41.27
C GLN B 183 24.71 -4.33 40.33
N GLN B 184 24.25 -4.45 39.07
CA GLN B 184 24.83 -5.41 38.13
C GLN B 184 26.02 -4.90 37.32
N ASN B 185 26.10 -3.58 37.11
CA ASN B 185 27.17 -2.96 36.34
C ASN B 185 27.63 -1.69 37.04
N PRO B 186 28.21 -1.85 38.25
CA PRO B 186 28.66 -0.67 38.99
C PRO B 186 29.75 0.14 38.30
N GLU B 187 30.57 -0.48 37.44
CA GLU B 187 31.62 0.24 36.70
C GLU B 187 30.99 1.18 35.66
N ALA B 188 29.98 0.73 34.92
CA ALA B 188 29.30 1.60 33.94
C ALA B 188 28.58 2.73 34.69
N TYR B 189 27.98 2.43 35.85
CA TYR B 189 27.26 3.43 36.65
C TYR B 189 28.22 4.52 37.17
N SER B 190 29.42 4.12 37.61
CA SER B 190 30.42 5.06 38.09
C SER B 190 30.95 5.97 36.97
N HIS B 191 30.93 5.47 35.71
CA HIS B 191 31.36 6.23 34.55
C HIS B 191 30.21 7.00 33.90
N THR B 192 29.03 7.07 34.56
CA THR B 192 27.86 7.81 34.06
C THR B 192 27.86 9.18 34.74
N GLU B 193 27.89 10.26 33.96
CA GLU B 193 27.82 11.64 34.47
C GLU B 193 26.38 12.17 34.48
N ARG B 194 25.51 11.64 33.60
CA ARG B 194 24.13 12.10 33.48
C ARG B 194 23.21 10.95 33.11
N ILE B 195 22.03 10.94 33.72
CA ILE B 195 20.98 9.97 33.44
C ILE B 195 19.77 10.77 32.98
N SER B 196 19.28 10.44 31.80
CA SER B 196 18.13 11.10 31.20
C SER B 196 16.98 10.11 31.04
N LEU B 197 15.77 10.64 30.94
CA LEU B 197 14.61 9.88 30.49
C LEU B 197 14.64 9.96 28.96
N VAL B 198 13.85 9.15 28.23
CA VAL B 198 13.86 9.25 26.76
C VAL B 198 13.46 10.70 26.35
N SER B 199 12.45 11.25 27.02
CA SER B 199 11.98 12.62 26.77
C SER B 199 13.13 13.66 26.91
N SER B 200 13.80 13.71 28.08
CA SER B 200 14.87 14.69 28.32
C SER B 200 16.15 14.37 27.49
N PHE B 201 16.33 13.10 27.10
CA PHE B 201 17.46 12.69 26.24
C PHE B 201 17.23 13.31 24.86
N ALA B 202 15.98 13.19 24.34
CA ALA B 202 15.65 13.76 23.04
C ALA B 202 15.74 15.29 23.08
N ALA B 203 15.31 15.93 24.19
CA ALA B 203 15.43 17.39 24.33
C ALA B 203 16.90 17.79 24.33
N SER B 204 17.77 16.99 24.97
CA SER B 204 19.21 17.25 25.00
C SER B 204 19.84 17.23 23.59
N LEU B 205 19.38 16.33 22.71
CA LEU B 205 19.86 16.30 21.32
C LEU B 205 19.55 17.60 20.59
N PHE B 206 18.34 18.18 20.79
CA PHE B 206 17.95 19.43 20.14
C PHE B 206 18.67 20.65 20.73
N LEU B 207 18.95 20.64 22.04
CA LEU B 207 19.68 21.71 22.71
C LEU B 207 21.17 21.70 22.42
N GLY B 208 21.73 20.51 22.21
CA GLY B 208 23.18 20.37 22.13
C GLY B 208 23.80 20.56 23.50
N SER B 209 23.03 20.23 24.56
CA SER B 209 23.47 20.31 25.96
C SER B 209 22.43 19.53 26.77
N TYR B 210 22.73 19.20 28.04
CA TYR B 210 21.79 18.41 28.81
C TYR B 210 20.54 19.16 29.18
N SER B 211 19.38 18.58 28.84
CA SER B 211 18.11 19.14 29.25
C SER B 211 17.79 18.57 30.64
N PRO B 212 17.16 19.37 31.50
CA PRO B 212 16.62 18.79 32.73
C PRO B 212 15.38 17.90 32.41
N ILE B 213 15.01 17.10 33.38
CA ILE B 213 13.82 16.27 33.36
C ILE B 213 12.65 17.17 33.84
N ASP B 214 11.47 17.01 33.24
CA ASP B 214 10.32 17.80 33.66
C ASP B 214 9.58 17.13 34.81
N TYR B 215 8.72 17.88 35.51
CA TYR B 215 7.99 17.34 36.65
C TYR B 215 7.11 16.14 36.26
N SER B 216 6.46 16.22 35.10
CA SER B 216 5.50 15.23 34.69
C SER B 216 6.12 13.84 34.32
N ASP B 217 7.11 13.77 33.42
CA ASP B 217 7.77 12.51 33.09
C ASP B 217 8.69 12.11 34.28
N GLY B 218 9.16 13.10 35.01
CA GLY B 218 9.95 12.89 36.22
C GLY B 218 9.20 12.13 37.28
N SER B 219 7.86 12.16 37.21
CA SER B 219 6.95 11.43 38.10
C SER B 219 6.85 9.91 37.81
N GLY B 220 7.42 9.43 36.71
CA GLY B 220 7.39 8.02 36.34
C GLY B 220 8.66 7.26 36.71
N MET B 221 9.31 7.63 37.83
CA MET B 221 10.61 7.06 38.21
C MET B 221 10.72 6.46 39.59
N ASN B 222 9.70 6.67 40.47
CA ASN B 222 9.73 6.30 41.87
C ASN B 222 10.87 7.05 42.59
N LEU B 223 11.13 8.30 42.15
CA LEU B 223 12.18 9.17 42.69
C LEU B 223 11.70 10.59 43.08
N LEU B 224 10.80 11.21 42.30
CA LEU B 224 10.35 12.59 42.53
C LEU B 224 9.28 12.69 43.60
N GLN B 225 9.42 13.65 44.52
CA GLN B 225 8.35 13.90 45.49
C GLN B 225 7.36 14.74 44.71
N ILE B 226 6.23 14.15 44.32
CA ILE B 226 5.26 14.86 43.46
C ILE B 226 4.68 16.15 44.09
N GLN B 227 4.58 16.22 45.42
CA GLN B 227 4.02 17.39 46.09
C GLN B 227 4.95 18.56 46.11
N ASP B 228 6.13 18.34 46.63
CA ASP B 228 7.15 19.36 46.75
C ASP B 228 7.95 19.55 45.47
N LYS B 229 7.83 18.64 44.51
CA LYS B 229 8.50 18.75 43.22
C LYS B 229 10.04 18.82 43.34
N VAL B 230 10.58 18.01 44.26
CA VAL B 230 12.02 17.84 44.50
C VAL B 230 12.26 16.33 44.49
N TRP B 231 13.49 15.90 44.21
CA TRP B 231 13.81 14.48 44.26
C TRP B 231 13.71 14.01 45.72
N SER B 232 13.14 12.82 45.97
CA SER B 232 13.07 12.28 47.34
C SER B 232 14.47 11.78 47.70
N GLN B 233 15.07 12.30 48.77
CA GLN B 233 16.41 11.86 49.17
C GLN B 233 16.42 10.38 49.56
N ALA B 234 15.33 9.91 50.19
CA ALA B 234 15.18 8.52 50.61
C ALA B 234 15.09 7.58 49.41
N CYS B 235 14.37 7.98 48.35
CA CYS B 235 14.26 7.15 47.15
C CYS B 235 15.56 7.10 46.40
N LEU B 236 16.24 8.25 46.29
CA LEU B 236 17.52 8.38 45.61
C LEU B 236 18.53 7.46 46.23
N GLY B 237 18.70 7.58 47.55
CA GLY B 237 19.65 6.79 48.32
C GLY B 237 19.41 5.28 48.32
N ALA B 238 18.14 4.89 48.18
CA ALA B 238 17.75 3.48 48.13
C ALA B 238 17.92 2.90 46.72
N CYS B 239 18.09 3.74 45.69
CA CYS B 239 18.23 3.27 44.31
C CYS B 239 19.68 3.11 43.88
N ALA B 240 20.47 4.16 43.98
CA ALA B 240 21.87 4.13 43.56
C ALA B 240 22.60 5.37 44.12
N PRO B 241 23.93 5.28 44.41
CA PRO B 241 24.63 6.41 45.02
C PRO B 241 24.91 7.55 44.06
N HIS B 242 25.05 8.76 44.58
CA HIS B 242 25.31 9.99 43.81
C HIS B 242 24.29 10.21 42.67
N LEU B 243 23.04 9.75 42.87
CA LEU B 243 22.03 9.82 41.83
C LEU B 243 21.49 11.23 41.56
N GLU B 244 21.38 12.06 42.59
CA GLU B 244 20.88 13.42 42.40
C GLU B 244 21.69 14.26 41.41
N GLU B 245 23.04 14.21 41.52
CA GLU B 245 23.92 14.96 40.60
C GLU B 245 23.81 14.43 39.18
N LYS B 246 23.49 13.13 38.99
CA LYS B 246 23.31 12.54 37.63
C LYS B 246 21.98 12.99 37.02
N LEU B 247 20.95 13.25 37.84
CA LEU B 247 19.63 13.67 37.32
C LEU B 247 19.48 15.16 37.07
N SER B 248 20.11 16.00 37.95
CA SER B 248 20.02 17.47 38.02
C SER B 248 18.61 17.85 38.49
N PRO B 249 18.39 19.12 38.91
CA PRO B 249 17.04 19.48 39.38
C PRO B 249 15.95 19.39 38.31
N PRO B 250 14.75 18.91 38.69
CA PRO B 250 13.65 18.83 37.71
C PRO B 250 13.04 20.22 37.47
N VAL B 251 12.31 20.42 36.37
CA VAL B 251 11.74 21.73 36.04
C VAL B 251 10.27 21.62 35.68
N PRO B 252 9.50 22.72 35.81
CA PRO B 252 8.10 22.70 35.30
C PRO B 252 8.08 22.29 33.83
N SER B 253 7.03 21.54 33.43
CA SER B 253 6.94 21.05 32.04
C SER B 253 6.92 22.23 31.04
N CYS B 254 6.27 23.33 31.34
CA CYS B 254 6.26 24.49 30.44
C CYS B 254 7.45 25.37 30.79
N SER B 255 8.61 24.92 30.36
CA SER B 255 9.87 25.62 30.60
C SER B 255 10.55 25.65 29.27
N VAL B 256 11.09 26.80 28.89
CA VAL B 256 11.92 26.90 27.69
C VAL B 256 13.25 26.46 28.23
N VAL B 257 13.78 25.32 27.77
CA VAL B 257 15.04 24.78 28.29
C VAL B 257 16.26 25.34 27.58
N GLY B 258 16.03 26.04 26.49
CA GLY B 258 17.07 26.69 25.72
C GLY B 258 16.66 26.93 24.28
N ALA B 259 17.57 27.54 23.53
CA ALA B 259 17.38 27.74 22.12
C ALA B 259 17.85 26.46 21.45
N ILE B 260 17.37 26.21 20.24
CA ILE B 260 17.85 25.05 19.47
C ILE B 260 19.38 25.20 19.26
N SER B 261 20.11 24.07 19.19
CA SER B 261 21.55 24.15 18.96
C SER B 261 21.82 24.75 17.58
N SER B 262 22.96 25.48 17.46
CA SER B 262 23.41 26.06 16.20
C SER B 262 23.68 24.96 15.19
N TYR B 263 23.89 23.72 15.67
CA TYR B 263 24.01 22.53 14.84
C TYR B 263 22.83 22.44 13.87
N TYR B 264 21.58 22.59 14.40
CA TYR B 264 20.37 22.48 13.57
C TYR B 264 20.17 23.70 12.70
N VAL B 265 20.63 24.86 13.17
CA VAL B 265 20.52 26.11 12.44
C VAL B 265 21.34 26.00 11.17
N GLN B 266 22.59 25.61 11.32
CA GLN B 266 23.53 25.50 10.22
C GLN B 266 23.27 24.29 9.33
N ARG B 267 22.91 23.13 9.90
CA ARG B 267 22.70 21.93 9.09
C ARG B 267 21.35 21.92 8.38
N TYR B 268 20.28 22.33 9.06
CA TYR B 268 18.93 22.22 8.49
C TYR B 268 18.19 23.52 8.23
N GLY B 269 18.70 24.64 8.72
CA GLY B 269 18.07 25.92 8.47
C GLY B 269 16.99 26.29 9.46
N PHE B 270 17.08 25.75 10.70
CA PHE B 270 16.16 26.16 11.75
C PHE B 270 16.53 27.63 12.05
N PRO B 271 15.60 28.51 12.40
CA PRO B 271 16.00 29.87 12.75
C PRO B 271 16.73 29.85 14.13
N PRO B 272 17.79 30.68 14.30
CA PRO B 272 18.53 30.67 15.59
C PRO B 272 17.69 30.96 16.85
N GLY B 273 16.56 31.65 16.71
CA GLY B 273 15.67 31.91 17.83
C GLY B 273 14.69 30.79 18.15
N CYS B 274 14.75 29.65 17.41
CA CYS B 274 13.84 28.56 17.66
C CYS B 274 14.01 28.07 19.11
N LYS B 275 12.91 28.06 19.86
CA LYS B 275 12.88 27.65 21.25
C LYS B 275 12.58 26.15 21.43
N VAL B 276 13.29 25.55 22.39
CA VAL B 276 13.12 24.16 22.78
C VAL B 276 12.37 24.20 24.10
N VAL B 277 11.10 23.75 24.09
CA VAL B 277 10.29 23.67 25.31
C VAL B 277 10.50 22.27 25.89
N ALA B 278 10.69 22.15 27.24
CA ALA B 278 10.94 20.88 27.92
C ALA B 278 10.06 19.77 27.39
N PHE B 279 10.66 18.64 27.10
CA PHE B 279 9.93 17.48 26.61
C PHE B 279 9.26 16.80 27.79
N THR B 280 8.25 16.02 27.51
CA THR B 280 7.56 15.28 28.59
C THR B 280 7.29 13.85 28.14
N GLY B 281 6.61 13.08 28.99
CA GLY B 281 6.24 11.71 28.67
C GLY B 281 5.15 11.65 27.64
N ASP B 282 5.03 10.50 26.96
CA ASP B 282 3.98 10.37 25.93
C ASP B 282 2.55 10.46 26.51
N ASN B 283 2.28 9.86 27.68
CA ASN B 283 0.94 9.99 28.27
C ASN B 283 0.62 11.42 28.71
N PRO B 284 1.55 12.11 29.39
CA PRO B 284 1.32 13.55 29.70
C PRO B 284 1.13 14.41 28.44
N ALA B 285 1.91 14.14 27.37
CA ALA B 285 1.77 14.86 26.12
C ALA B 285 0.40 14.61 25.45
N SER B 286 -0.12 13.39 25.55
CA SER B 286 -1.45 13.05 25.01
C SER B 286 -2.53 13.74 25.82
N LEU B 287 -2.32 13.91 27.13
CA LEU B 287 -3.27 14.68 27.94
C LEU B 287 -3.36 16.14 27.43
N ALA B 288 -2.19 16.72 27.06
CA ALA B 288 -2.15 18.06 26.50
C ALA B 288 -2.80 18.08 25.10
N GLY B 289 -2.55 17.06 24.28
CA GLY B 289 -3.13 16.95 22.95
C GLY B 289 -4.64 16.85 22.98
N MET B 290 -5.17 16.16 23.98
CA MET B 290 -6.60 16.01 24.24
C MET B 290 -7.23 17.20 24.93
N ARG B 291 -6.41 18.12 25.43
CA ARG B 291 -6.84 19.37 26.04
C ARG B 291 -7.73 19.16 27.26
N LEU B 292 -7.37 18.19 28.09
CA LEU B 292 -8.10 17.94 29.34
C LEU B 292 -7.90 19.11 30.28
N GLU B 293 -8.94 19.43 31.03
CA GLU B 293 -8.93 20.47 32.02
C GLU B 293 -9.44 19.88 33.29
N GLU B 294 -9.44 20.69 34.32
CA GLU B 294 -9.96 20.32 35.61
C GLU B 294 -11.35 19.70 35.45
N GLY B 295 -11.53 18.56 36.11
CA GLY B 295 -12.80 17.82 36.09
C GLY B 295 -12.93 16.84 34.94
N ASP B 296 -12.02 16.87 33.94
CA ASP B 296 -12.10 16.00 32.78
C ASP B 296 -11.40 14.67 32.92
N ILE B 297 -11.87 13.73 32.10
CA ILE B 297 -11.29 12.39 31.96
C ILE B 297 -11.23 12.05 30.47
N ALA B 298 -10.30 11.20 30.12
CA ALA B 298 -10.19 10.60 28.79
C ALA B 298 -10.17 9.09 28.97
N VAL B 299 -10.94 8.37 28.16
CA VAL B 299 -10.98 6.91 28.14
C VAL B 299 -10.40 6.48 26.81
N SER B 300 -9.23 5.87 26.84
CA SER B 300 -8.62 5.31 25.66
C SER B 300 -8.98 3.80 25.62
N LEU B 301 -9.85 3.43 24.69
CA LEU B 301 -10.33 2.06 24.56
C LEU B 301 -9.49 1.24 23.57
N GLY B 302 -8.94 0.13 24.03
CA GLY B 302 -8.17 -0.75 23.17
C GLY B 302 -7.90 -2.08 23.83
N THR B 303 -6.81 -2.75 23.42
CA THR B 303 -6.40 -4.06 23.97
C THR B 303 -6.32 -3.92 25.49
N SER B 304 -5.75 -2.82 25.94
CA SER B 304 -5.80 -2.37 27.31
C SER B 304 -6.64 -1.08 27.21
N ASP B 305 -7.41 -0.79 28.26
CA ASP B 305 -8.16 0.45 28.36
C ASP B 305 -7.35 1.34 29.30
N THR B 306 -7.15 2.61 28.93
CA THR B 306 -6.39 3.54 29.77
C THR B 306 -7.24 4.75 30.09
N LEU B 307 -7.29 5.04 31.37
CA LEU B 307 -7.98 6.18 31.89
C LEU B 307 -6.93 7.30 32.15
N PHE B 308 -7.17 8.50 31.58
CA PHE B 308 -6.34 9.70 31.85
C PHE B 308 -7.21 10.66 32.68
N LEU B 309 -6.82 10.94 33.91
CA LEU B 309 -7.60 11.82 34.79
C LEU B 309 -6.87 13.11 35.08
N TRP B 310 -7.61 14.19 35.25
CA TRP B 310 -7.07 15.44 35.76
C TRP B 310 -7.32 15.31 37.26
N LEU B 311 -6.34 15.69 38.09
CA LEU B 311 -6.46 15.64 39.55
C LEU B 311 -5.94 16.89 40.19
N GLN B 312 -6.82 17.62 40.92
CA GLN B 312 -6.41 18.80 41.68
C GLN B 312 -5.72 18.33 42.96
N GLU B 313 -6.37 17.35 43.62
CA GLU B 313 -6.00 16.76 44.91
C GLU B 313 -5.85 15.23 44.76
N PRO B 314 -4.64 14.77 44.49
CA PRO B 314 -4.41 13.33 44.28
C PRO B 314 -4.39 12.50 45.56
N MET B 315 -4.81 11.23 45.44
CA MET B 315 -4.78 10.25 46.52
C MET B 315 -3.94 9.05 46.01
N PRO B 316 -2.58 9.12 46.06
CA PRO B 316 -1.79 7.97 45.59
C PRO B 316 -2.20 6.62 46.20
N ALA B 317 -2.18 5.56 45.41
CA ALA B 317 -2.63 4.24 45.82
C ALA B 317 -1.68 3.14 45.40
N LEU B 318 -2.07 1.87 45.69
CA LEU B 318 -1.32 0.68 45.27
C LEU B 318 -1.66 0.32 43.83
N GLU B 319 -2.59 1.06 43.25
CA GLU B 319 -2.93 0.96 41.83
C GLU B 319 -2.87 2.37 41.20
N GLY B 320 -2.68 2.39 39.91
CA GLY B 320 -2.62 3.64 39.14
C GLY B 320 -1.32 4.40 39.36
N HIS B 321 -1.17 5.49 38.60
CA HIS B 321 0.03 6.33 38.63
C HIS B 321 -0.34 7.76 38.64
N ILE B 322 0.02 8.48 39.69
CA ILE B 322 -0.21 9.92 39.77
C ILE B 322 1.05 10.65 39.32
N PHE B 323 0.91 11.56 38.36
CA PHE B 323 2.02 12.38 37.90
C PHE B 323 1.68 13.86 38.12
N CYS B 324 2.72 14.69 38.21
CA CYS B 324 2.58 16.14 38.15
C CYS B 324 1.96 16.44 36.78
N ASN B 325 1.08 17.43 36.73
CA ASN B 325 0.35 17.74 35.49
C ASN B 325 1.25 18.48 34.50
N PRO B 326 1.32 18.06 33.23
CA PRO B 326 2.21 18.74 32.26
C PRO B 326 1.78 20.14 31.84
N VAL B 327 0.49 20.47 31.97
CA VAL B 327 -0.04 21.76 31.51
C VAL B 327 -0.47 22.66 32.66
N ASP B 328 -0.23 22.22 33.90
CA ASP B 328 -0.52 22.97 35.12
C ASP B 328 0.31 22.32 36.22
N SER B 329 1.56 22.76 36.36
CA SER B 329 2.54 22.25 37.33
C SER B 329 2.13 22.30 38.80
N GLN B 330 1.07 23.03 39.17
CA GLN B 330 0.59 23.01 40.56
C GLN B 330 -0.39 21.84 40.81
N HIS B 331 -0.93 21.23 39.76
CA HIS B 331 -1.87 20.11 39.89
C HIS B 331 -1.34 18.83 39.28
N TYR B 332 -2.19 17.81 39.22
CA TYR B 332 -1.79 16.46 38.86
C TYR B 332 -2.63 15.82 37.78
N MET B 333 -2.12 14.71 37.28
CA MET B 333 -2.83 13.85 36.37
C MET B 333 -2.66 12.42 36.87
N ALA B 334 -3.46 11.50 36.36
CA ALA B 334 -3.30 10.10 36.68
C ALA B 334 -3.60 9.23 35.52
N LEU B 335 -2.93 8.06 35.48
CA LEU B 335 -3.19 6.98 34.56
C LEU B 335 -3.67 5.78 35.38
N LEU B 336 -4.73 5.11 34.92
CA LEU B 336 -5.24 3.83 35.43
C LEU B 336 -5.33 2.92 34.23
N CYS B 337 -4.68 1.75 34.27
N CYS B 337 -4.67 1.74 34.28
CA CYS B 337 -4.65 0.81 33.15
CA CYS B 337 -4.65 0.76 33.18
C CYS B 337 -5.44 -0.46 33.47
C CYS B 337 -5.57 -0.41 33.53
N PHE B 338 -6.26 -0.92 32.51
CA PHE B 338 -7.15 -2.06 32.61
C PHE B 338 -6.77 -3.05 31.53
N LYS B 339 -6.25 -4.22 31.95
CA LYS B 339 -5.80 -5.27 31.04
C LYS B 339 -6.91 -5.93 30.21
N ASN B 340 -8.14 -6.02 30.75
CA ASN B 340 -9.27 -6.64 30.07
C ASN B 340 -10.10 -5.55 29.39
N GLY B 341 -9.79 -5.31 28.12
CA GLY B 341 -10.42 -4.28 27.31
C GLY B 341 -11.11 -4.86 26.09
N SER B 342 -10.56 -4.57 24.92
CA SER B 342 -11.18 -4.93 23.63
C SER B 342 -11.32 -6.44 23.38
N LEU B 343 -10.38 -7.28 23.89
CA LEU B 343 -10.48 -8.72 23.69
C LEU B 343 -11.66 -9.30 24.47
N MET B 344 -12.00 -8.74 25.65
CA MET B 344 -13.23 -9.13 26.39
C MET B 344 -14.44 -8.69 25.66
N ARG B 345 -14.43 -7.45 25.17
CA ARG B 345 -15.62 -6.99 24.46
C ARG B 345 -15.89 -7.85 23.21
N GLU B 346 -14.83 -8.24 22.50
CA GLU B 346 -14.97 -9.07 21.29
C GLU B 346 -15.42 -10.51 21.68
N LYS B 347 -14.86 -11.05 22.77
CA LYS B 347 -15.25 -12.40 23.21
C LYS B 347 -16.71 -12.45 23.61
N ILE B 348 -17.20 -11.47 24.37
CA ILE B 348 -18.61 -11.42 24.76
C ILE B 348 -19.47 -11.25 23.55
N ARG B 349 -19.06 -10.37 22.61
CA ARG B 349 -19.81 -10.22 21.36
C ARG B 349 -19.96 -11.57 20.64
N ASN B 350 -18.86 -12.31 20.53
CA ASN B 350 -18.81 -13.60 19.85
C ASN B 350 -19.62 -14.67 20.55
N GLU B 351 -19.58 -14.71 21.87
CA GLU B 351 -20.31 -15.73 22.63
C GLU B 351 -21.81 -15.45 22.73
N SER B 352 -22.18 -14.18 22.99
CA SER B 352 -23.54 -13.80 23.30
C SER B 352 -24.37 -13.19 22.21
N VAL B 353 -23.76 -12.49 21.24
CA VAL B 353 -24.54 -11.78 20.22
C VAL B 353 -24.12 -12.06 18.79
N SER B 354 -23.81 -13.31 18.51
CA SER B 354 -23.58 -13.82 17.15
C SER B 354 -22.51 -13.10 16.35
N ARG B 355 -21.41 -12.68 16.99
CA ARG B 355 -20.29 -12.01 16.34
C ARG B 355 -20.69 -10.71 15.68
N SER B 356 -21.75 -10.10 16.21
CA SER B 356 -22.27 -8.87 15.60
C SER B 356 -22.21 -7.64 16.52
N TRP B 357 -21.46 -6.59 16.10
CA TRP B 357 -21.42 -5.32 16.83
C TRP B 357 -22.79 -4.60 16.77
N SER B 358 -23.61 -4.90 15.74
CA SER B 358 -24.95 -4.34 15.65
C SER B 358 -25.85 -4.98 16.68
N ASP B 359 -25.78 -6.32 16.85
CA ASP B 359 -26.57 -7.00 17.89
C ASP B 359 -26.02 -6.64 19.28
N PHE B 360 -24.71 -6.37 19.36
CA PHE B 360 -24.07 -5.89 20.61
C PHE B 360 -24.73 -4.55 20.95
N SER B 361 -24.83 -3.64 19.97
CA SER B 361 -25.49 -2.34 20.17
C SER B 361 -26.97 -2.53 20.50
N LYS B 362 -27.68 -3.45 19.77
CA LYS B 362 -29.10 -3.76 20.05
C LYS B 362 -29.31 -4.34 21.45
N ALA B 363 -28.35 -5.13 21.97
CA ALA B 363 -28.46 -5.65 23.34
C ALA B 363 -28.42 -4.50 24.37
N LEU B 364 -27.51 -3.52 24.16
CA LEU B 364 -27.45 -2.32 25.02
C LEU B 364 -28.73 -1.48 24.89
N GLN B 365 -29.29 -1.36 23.67
CA GLN B 365 -30.55 -0.61 23.43
C GLN B 365 -31.74 -1.32 24.06
N SER B 366 -31.76 -2.64 23.96
CA SER B 366 -32.85 -3.45 24.48
C SER B 366 -32.81 -3.75 25.99
N THR B 367 -31.79 -3.24 26.74
CA THR B 367 -31.69 -3.44 28.19
C THR B 367 -31.71 -2.08 28.89
N GLU B 368 -32.26 -2.02 30.10
CA GLU B 368 -32.39 -0.79 30.87
C GLU B 368 -31.09 -0.46 31.59
N MET B 369 -30.96 0.82 31.98
CA MET B 369 -29.81 1.28 32.78
C MET B 369 -29.92 0.55 34.09
N GLY B 370 -28.81 0.04 34.56
CA GLY B 370 -28.76 -0.74 35.78
C GLY B 370 -28.92 -2.23 35.59
N ASN B 371 -29.31 -2.66 34.36
CA ASN B 371 -29.41 -4.05 33.92
C ASN B 371 -30.28 -4.95 34.80
N GLY B 372 -31.30 -4.39 35.40
CA GLY B 372 -32.15 -5.09 36.34
C GLY B 372 -31.45 -5.51 37.61
N GLY B 373 -30.29 -4.89 37.93
CA GLY B 373 -29.48 -5.26 39.08
C GLY B 373 -28.52 -6.42 38.84
N ASN B 374 -28.37 -6.86 37.58
CA ASN B 374 -27.45 -7.95 37.22
C ASN B 374 -26.09 -7.30 36.99
N LEU B 375 -25.05 -7.75 37.72
CA LEU B 375 -23.72 -7.16 37.68
C LEU B 375 -22.69 -8.21 37.33
N GLY B 376 -21.69 -7.81 36.55
CA GLY B 376 -20.66 -8.71 36.10
C GLY B 376 -19.27 -8.10 36.04
N PHE B 377 -18.28 -8.96 36.28
CA PHE B 377 -16.83 -8.68 36.28
C PHE B 377 -16.25 -9.69 35.28
N TYR B 378 -15.52 -9.22 34.29
CA TYR B 378 -15.05 -10.07 33.19
C TYR B 378 -13.54 -9.96 33.03
N PHE B 379 -12.80 -10.86 33.69
CA PHE B 379 -11.35 -10.84 33.67
C PHE B 379 -10.76 -12.17 33.21
N ASP B 380 -10.70 -12.39 31.90
CA ASP B 380 -10.10 -13.65 31.39
C ASP B 380 -8.60 -13.70 31.59
N VAL B 381 -7.93 -12.55 31.69
CA VAL B 381 -6.50 -12.47 32.04
C VAL B 381 -6.46 -11.74 33.37
N MET B 382 -5.40 -11.96 34.13
CA MET B 382 -5.24 -11.34 35.42
C MET B 382 -5.33 -9.83 35.23
N GLU B 383 -6.27 -9.20 35.93
CA GLU B 383 -6.46 -7.78 35.83
C GLU B 383 -5.45 -7.13 36.76
N ILE B 384 -5.06 -5.88 36.47
CA ILE B 384 -4.16 -5.10 37.31
C ILE B 384 -4.93 -4.07 38.15
N THR B 385 -6.03 -3.52 37.62
CA THR B 385 -6.86 -2.56 38.36
C THR B 385 -8.27 -3.16 38.53
N PRO B 386 -8.58 -3.86 39.64
CA PRO B 386 -7.69 -4.35 40.72
C PRO B 386 -7.11 -5.72 40.30
N GLU B 387 -6.39 -6.38 41.22
CA GLU B 387 -5.80 -7.69 40.95
C GLU B 387 -6.82 -8.79 41.15
N ILE B 388 -7.57 -9.10 40.10
CA ILE B 388 -8.61 -10.14 40.10
C ILE B 388 -8.52 -10.86 38.77
N ILE B 389 -8.93 -12.10 38.76
CA ILE B 389 -9.03 -12.91 37.56
C ILE B 389 -10.36 -13.66 37.64
N GLY B 390 -10.88 -14.04 36.49
CA GLY B 390 -12.11 -14.80 36.37
C GLY B 390 -13.28 -13.95 35.95
N ARG B 391 -14.36 -14.63 35.60
CA ARG B 391 -15.63 -13.98 35.30
C ARG B 391 -16.47 -14.20 36.55
N HIS B 392 -17.09 -13.15 37.06
CA HIS B 392 -17.89 -13.21 38.28
C HIS B 392 -19.21 -12.51 37.99
N ARG B 393 -20.33 -13.24 38.06
CA ARG B 393 -21.66 -12.72 37.77
C ARG B 393 -22.57 -12.80 38.96
N PHE B 394 -23.38 -11.75 39.18
CA PHE B 394 -24.32 -11.68 40.29
C PHE B 394 -25.69 -11.24 39.79
N ASN B 395 -26.73 -11.80 40.40
CA ASN B 395 -28.09 -11.43 40.02
C ASN B 395 -28.59 -10.23 40.89
N THR B 396 -29.87 -9.81 40.73
CA THR B 396 -30.43 -8.71 41.50
C THR B 396 -30.42 -8.95 43.04
N GLU B 397 -30.40 -10.20 43.51
CA GLU B 397 -30.32 -10.48 44.95
C GLU B 397 -28.85 -10.61 45.42
N ASN B 398 -27.87 -10.23 44.59
CA ASN B 398 -26.43 -10.33 44.86
C ASN B 398 -25.98 -11.79 45.04
N HIS B 399 -26.69 -12.74 44.41
CA HIS B 399 -26.28 -14.14 44.45
C HIS B 399 -25.39 -14.40 43.26
N LYS B 400 -24.36 -15.25 43.42
CA LYS B 400 -23.47 -15.60 42.32
C LYS B 400 -24.23 -16.52 41.36
N VAL B 401 -24.10 -16.23 40.08
CA VAL B 401 -24.75 -17.01 39.04
C VAL B 401 -23.69 -17.44 38.03
N ALA B 402 -23.98 -18.51 37.32
CA ALA B 402 -23.09 -19.12 36.36
C ALA B 402 -23.12 -18.45 35.01
N ALA B 403 -24.21 -17.76 34.69
CA ALA B 403 -24.40 -17.14 33.39
C ALA B 403 -25.56 -16.17 33.41
N PHE B 404 -25.60 -15.33 32.39
CA PHE B 404 -26.70 -14.42 32.14
C PHE B 404 -27.26 -14.68 30.76
N PRO B 405 -28.50 -14.22 30.50
CA PRO B 405 -28.98 -14.15 29.10
C PRO B 405 -28.04 -13.25 28.28
N GLY B 406 -27.93 -13.50 26.98
CA GLY B 406 -27.02 -12.78 26.10
C GLY B 406 -27.01 -11.26 26.19
N ASP B 407 -28.19 -10.64 26.15
CA ASP B 407 -28.37 -9.19 26.23
C ASP B 407 -27.88 -8.65 27.56
N VAL B 408 -28.23 -9.34 28.65
CA VAL B 408 -27.83 -8.98 30.01
C VAL B 408 -26.32 -9.07 30.14
N GLU B 409 -25.70 -10.08 29.51
CA GLU B 409 -24.25 -10.25 29.52
C GLU B 409 -23.55 -9.06 28.90
N VAL B 410 -24.03 -8.59 27.74
CA VAL B 410 -23.45 -7.46 27.02
C VAL B 410 -23.49 -6.19 27.89
N ARG B 411 -24.64 -5.87 28.48
CA ARG B 411 -24.74 -4.72 29.36
C ARG B 411 -23.92 -4.93 30.64
N ALA B 412 -23.94 -6.12 31.24
CA ALA B 412 -23.13 -6.39 32.46
C ALA B 412 -21.65 -6.08 32.19
N LEU B 413 -21.14 -6.49 31.03
CA LEU B 413 -19.77 -6.19 30.64
C LEU B 413 -19.51 -4.69 30.51
N ILE B 414 -20.30 -3.98 29.67
CA ILE B 414 -20.01 -2.58 29.39
C ILE B 414 -20.27 -1.67 30.59
N GLU B 415 -21.40 -1.85 31.20
CA GLU B 415 -21.80 -1.11 32.38
C GLU B 415 -20.81 -1.38 33.54
N GLY B 416 -20.35 -2.63 33.70
CA GLY B 416 -19.36 -2.98 34.70
C GLY B 416 -18.00 -2.38 34.44
N GLN B 417 -17.52 -2.48 33.20
CA GLN B 417 -16.24 -1.89 32.81
C GLN B 417 -16.23 -0.36 33.05
N PHE B 418 -17.34 0.33 32.75
CA PHE B 418 -17.39 1.79 33.01
C PHE B 418 -17.56 2.16 34.47
N MET B 419 -18.36 1.38 35.21
CA MET B 419 -18.49 1.58 36.66
C MET B 419 -17.16 1.39 37.36
N ALA B 420 -16.37 0.42 36.92
CA ALA B 420 -15.04 0.16 37.50
C ALA B 420 -14.12 1.36 37.23
N LYS B 421 -14.16 1.95 36.01
CA LYS B 421 -13.35 3.12 35.67
C LYS B 421 -13.71 4.30 36.59
N ARG B 422 -15.01 4.54 36.82
CA ARG B 422 -15.46 5.56 37.73
C ARG B 422 -15.00 5.32 39.18
N ILE B 423 -15.29 4.13 39.71
CA ILE B 423 -14.94 3.73 41.09
C ILE B 423 -13.41 3.86 41.33
N HIS B 424 -12.57 3.36 40.42
CA HIS B 424 -11.11 3.42 40.57
C HIS B 424 -10.56 4.83 40.38
N ALA B 425 -11.15 5.63 39.49
CA ALA B 425 -10.75 7.04 39.33
C ALA B 425 -11.03 7.82 40.64
N GLU B 426 -12.21 7.59 41.24
CA GLU B 426 -12.63 8.21 42.52
C GLU B 426 -11.74 7.83 43.65
N GLY B 427 -11.22 6.60 43.63
CA GLY B 427 -10.25 6.15 44.61
C GLY B 427 -8.98 6.98 44.59
N LEU B 428 -8.61 7.57 43.42
CA LEU B 428 -7.41 8.42 43.27
C LEU B 428 -7.67 9.93 43.51
N GLY B 429 -8.89 10.29 43.86
CA GLY B 429 -9.30 11.65 44.16
C GLY B 429 -10.11 12.30 43.08
N TYR B 430 -10.44 11.58 41.97
CA TYR B 430 -11.20 12.20 40.90
C TYR B 430 -12.61 12.38 41.32
N ARG B 431 -13.19 13.49 40.90
CA ARG B 431 -14.59 13.77 41.13
C ARG B 431 -15.21 14.39 39.88
N VAL B 432 -16.38 13.91 39.49
CA VAL B 432 -17.14 14.49 38.38
C VAL B 432 -17.61 15.86 38.88
N MET B 433 -17.45 16.88 38.05
CA MET B 433 -17.83 18.27 38.31
C MET B 433 -18.88 18.65 37.29
N SER B 434 -19.56 19.78 37.51
CA SER B 434 -20.57 20.28 36.58
C SER B 434 -19.93 20.59 35.22
N LYS B 435 -18.64 21.05 35.22
CA LYS B 435 -17.91 21.33 34.00
C LYS B 435 -17.38 20.07 33.28
N THR B 436 -17.33 18.90 33.95
CA THR B 436 -16.80 17.65 33.39
C THR B 436 -17.20 17.33 31.96
N LYS B 437 -16.18 17.04 31.17
CA LYS B 437 -16.31 16.51 29.81
C LYS B 437 -15.55 15.15 29.86
N ILE B 438 -16.09 14.12 29.17
CA ILE B 438 -15.46 12.83 29.01
C ILE B 438 -15.02 12.72 27.58
N LEU B 439 -13.74 12.48 27.34
CA LEU B 439 -13.21 12.21 26.01
C LEU B 439 -13.04 10.71 25.83
N ALA B 440 -13.54 10.17 24.75
CA ALA B 440 -13.44 8.74 24.46
C ALA B 440 -12.73 8.58 23.10
N THR B 441 -11.77 7.71 23.05
CA THR B 441 -11.00 7.40 21.84
C THR B 441 -10.77 5.88 21.81
N GLY B 442 -10.40 5.39 20.62
CA GLY B 442 -10.17 3.98 20.38
C GLY B 442 -11.31 3.29 19.65
N GLY B 443 -11.13 2.00 19.38
CA GLY B 443 -12.12 1.21 18.65
C GLY B 443 -13.56 1.31 19.13
N ALA B 444 -13.77 1.12 20.44
CA ALA B 444 -15.11 1.16 21.03
C ALA B 444 -15.75 2.55 21.08
N SER B 445 -14.96 3.63 20.88
CA SER B 445 -15.51 4.98 20.81
C SER B 445 -16.30 5.17 19.51
N HIS B 446 -16.19 4.23 18.54
CA HIS B 446 -17.01 4.24 17.32
C HIS B 446 -18.39 3.63 17.54
N ASN B 447 -18.72 3.21 18.78
CA ASN B 447 -20.01 2.60 19.09
C ASN B 447 -20.74 3.53 20.03
N ARG B 448 -21.76 4.14 19.50
CA ARG B 448 -22.62 5.11 20.18
C ARG B 448 -23.26 4.54 21.44
N GLU B 449 -23.70 3.28 21.35
CA GLU B 449 -24.40 2.62 22.44
C GLU B 449 -23.43 2.39 23.61
N ILE B 450 -22.18 2.03 23.32
CA ILE B 450 -21.15 1.91 24.35
C ILE B 450 -20.90 3.29 24.98
N LEU B 451 -20.76 4.35 24.16
CA LEU B 451 -20.51 5.69 24.70
C LEU B 451 -21.68 6.24 25.51
N GLN B 452 -22.89 5.82 25.20
CA GLN B 452 -24.07 6.19 25.98
C GLN B 452 -23.98 5.61 27.41
N VAL B 453 -23.51 4.34 27.57
CA VAL B 453 -23.36 3.75 28.91
C VAL B 453 -22.32 4.57 29.65
N LEU B 454 -21.22 4.91 28.99
CA LEU B 454 -20.18 5.72 29.60
C LEU B 454 -20.73 7.06 30.11
N ALA B 455 -21.52 7.76 29.26
CA ALA B 455 -22.15 9.01 29.62
C ALA B 455 -23.10 8.86 30.82
N ASP B 456 -23.87 7.75 30.86
CA ASP B 456 -24.82 7.44 31.92
C ASP B 456 -24.12 7.16 33.25
N VAL B 457 -23.06 6.34 33.23
CA VAL B 457 -22.30 5.95 34.44
C VAL B 457 -21.65 7.16 35.11
N PHE B 458 -21.01 8.03 34.33
CA PHE B 458 -20.38 9.24 34.87
C PHE B 458 -21.33 10.42 35.02
N ASP B 459 -22.54 10.38 34.43
CA ASP B 459 -23.51 11.48 34.45
C ASP B 459 -22.86 12.74 33.87
N ALA B 460 -22.19 12.59 32.71
CA ALA B 460 -21.46 13.67 32.06
C ALA B 460 -21.41 13.44 30.54
N PRO B 461 -21.28 14.53 29.75
CA PRO B 461 -21.24 14.39 28.30
C PRO B 461 -19.94 13.75 27.81
N VAL B 462 -20.05 12.99 26.71
CA VAL B 462 -18.94 12.26 26.11
C VAL B 462 -18.67 12.78 24.70
N TYR B 463 -17.41 13.05 24.43
CA TYR B 463 -16.95 13.50 23.14
C TYR B 463 -16.00 12.50 22.58
N VAL B 464 -15.95 12.45 21.25
CA VAL B 464 -15.07 11.53 20.53
C VAL B 464 -13.96 12.32 19.86
N ILE B 465 -12.75 11.76 19.83
CA ILE B 465 -11.55 12.41 19.29
C ILE B 465 -10.60 11.34 18.74
N ASP B 466 -9.88 11.62 17.61
CA ASP B 466 -8.82 10.72 17.08
C ASP B 466 -7.56 11.07 17.87
N THR B 467 -6.80 10.06 18.32
CA THR B 467 -5.61 10.26 19.13
C THR B 467 -4.40 9.55 18.57
N ALA B 468 -4.40 9.18 17.29
CA ALA B 468 -3.24 8.47 16.71
C ALA B 468 -1.91 9.27 16.82
N ASN B 469 -1.99 10.60 16.77
CA ASN B 469 -0.83 11.48 16.91
C ASN B 469 -0.99 12.36 18.12
N SER B 470 -1.72 11.90 19.17
CA SER B 470 -1.95 12.76 20.36
C SER B 470 -0.68 13.24 21.07
N ALA B 471 0.34 12.39 21.15
CA ALA B 471 1.59 12.77 21.82
C ALA B 471 2.35 13.82 20.98
N CYS B 472 2.35 13.65 19.63
CA CYS B 472 2.95 14.58 18.68
C CYS B 472 2.23 15.94 18.77
N VAL B 473 0.92 15.90 18.58
CA VAL B 473 0.08 17.07 18.58
C VAL B 473 0.12 17.80 19.92
N GLY B 474 0.09 17.05 21.03
CA GLY B 474 0.15 17.63 22.36
C GLY B 474 1.46 18.34 22.57
N SER B 475 2.54 17.76 22.04
CA SER B 475 3.86 18.39 22.09
C SER B 475 3.92 19.73 21.32
N ALA B 476 3.35 19.79 20.13
CA ALA B 476 3.31 21.01 19.34
C ALA B 476 2.43 22.06 20.06
N TYR B 477 1.32 21.65 20.73
CA TYR B 477 0.51 22.55 21.53
C TYR B 477 1.32 23.13 22.68
N ARG B 478 2.11 22.29 23.35
CA ARG B 478 2.92 22.73 24.46
C ARG B 478 4.03 23.69 23.95
N ALA B 479 4.56 23.47 22.73
CA ALA B 479 5.57 24.36 22.17
C ALA B 479 4.92 25.74 21.94
N PHE B 480 3.69 25.76 21.35
CA PHE B 480 2.90 26.98 21.16
C PHE B 480 2.59 27.66 22.48
N HIS B 481 2.29 26.90 23.52
CA HIS B 481 2.05 27.46 24.85
C HIS B 481 3.29 28.23 25.34
N GLY B 482 4.46 27.63 25.21
CA GLY B 482 5.71 28.31 25.54
C GLY B 482 5.92 29.59 24.75
N LEU B 483 5.54 29.59 23.49
CA LEU B 483 5.63 30.72 22.56
C LEU B 483 4.61 31.84 22.87
N ALA B 484 3.42 31.46 23.34
CA ALA B 484 2.32 32.37 23.60
C ALA B 484 2.35 32.99 24.99
N GLY B 485 3.32 32.61 25.82
CA GLY B 485 3.50 33.17 27.15
C GLY B 485 3.89 32.23 28.28
N GLY B 486 3.84 30.91 28.05
CA GLY B 486 4.21 29.88 29.01
C GLY B 486 3.42 29.95 30.30
N THR B 487 4.11 29.93 31.44
CA THR B 487 3.47 30.01 32.76
C THR B 487 2.71 31.32 33.04
N ASP B 488 2.89 32.38 32.24
CA ASP B 488 2.10 33.60 32.39
C ASP B 488 0.66 33.47 31.87
N VAL B 489 0.37 32.46 31.03
CA VAL B 489 -0.94 32.27 30.43
C VAL B 489 -1.46 30.82 30.65
N PRO B 490 -2.78 30.60 30.75
CA PRO B 490 -3.29 29.20 30.87
C PRO B 490 -3.16 28.43 29.56
N PHE B 491 -2.70 27.19 29.63
CA PHE B 491 -2.58 26.33 28.45
C PHE B 491 -3.91 26.26 27.69
N SER B 492 -5.03 26.14 28.41
CA SER B 492 -6.36 26.02 27.84
C SER B 492 -6.75 27.23 26.98
N GLU B 493 -6.29 28.42 27.30
CA GLU B 493 -6.59 29.58 26.48
C GLU B 493 -5.74 29.58 25.22
N VAL B 494 -4.53 29.06 25.26
CA VAL B 494 -3.71 28.98 24.05
C VAL B 494 -4.28 28.03 23.01
N VAL B 495 -4.82 26.88 23.45
CA VAL B 495 -5.28 25.82 22.56
C VAL B 495 -6.77 25.82 22.29
N LYS B 496 -7.49 26.88 22.73
CA LYS B 496 -8.93 27.03 22.51
C LYS B 496 -9.25 27.06 20.98
N LEU B 497 -8.29 27.50 20.18
CA LEU B 497 -8.33 27.58 18.74
C LEU B 497 -8.25 26.20 18.05
N ALA B 498 -7.70 25.17 18.71
CA ALA B 498 -7.54 23.82 18.16
C ALA B 498 -8.88 23.18 17.78
N PRO B 499 -8.84 22.18 16.86
CA PRO B 499 -10.08 21.48 16.47
C PRO B 499 -10.81 20.86 17.67
N ASN B 500 -12.12 21.08 17.75
CA ASN B 500 -12.94 20.59 18.84
C ASN B 500 -13.43 19.17 18.53
N PRO B 501 -13.64 18.37 19.61
CA PRO B 501 -14.14 17.01 19.43
C PRO B 501 -15.67 17.04 19.29
N ARG B 502 -16.20 15.97 18.73
CA ARG B 502 -17.62 15.83 18.45
C ARG B 502 -18.34 15.23 19.67
N LEU B 503 -19.44 15.85 20.10
CA LEU B 503 -20.30 15.35 21.17
C LEU B 503 -21.01 14.08 20.65
N ALA B 504 -20.74 12.93 21.29
CA ALA B 504 -21.29 11.63 20.90
C ALA B 504 -22.46 11.17 21.77
N ALA B 505 -22.54 11.60 23.04
CA ALA B 505 -23.62 11.20 23.95
C ALA B 505 -23.71 12.12 25.19
N THR B 506 -24.93 12.22 25.76
CA THR B 506 -25.21 12.97 26.99
C THR B 506 -25.98 12.02 27.88
N PRO B 507 -25.78 12.12 29.21
CA PRO B 507 -26.46 11.18 30.12
C PRO B 507 -27.98 11.17 29.96
N SER B 508 -28.57 9.99 29.97
CA SER B 508 -30.02 9.84 29.84
C SER B 508 -30.71 10.32 31.11
N PRO B 509 -31.99 10.74 31.02
CA PRO B 509 -32.70 11.14 32.24
C PRO B 509 -32.85 9.94 33.20
N GLY B 510 -32.55 10.19 34.47
CA GLY B 510 -32.61 9.17 35.51
C GLY B 510 -31.31 8.39 35.69
N ALA B 511 -30.27 8.64 34.85
CA ALA B 511 -29.00 7.91 34.99
C ALA B 511 -28.39 8.10 36.36
N SER B 512 -28.40 9.34 36.85
CA SER B 512 -27.86 9.68 38.17
C SER B 512 -28.50 8.87 39.29
N GLN B 513 -29.82 8.66 39.24
CA GLN B 513 -30.55 7.93 40.26
C GLN B 513 -30.18 6.46 40.23
N VAL B 514 -30.00 5.89 39.02
CA VAL B 514 -29.64 4.48 38.83
C VAL B 514 -28.24 4.22 39.35
N TYR B 515 -27.24 4.97 38.86
CA TYR B 515 -25.86 4.69 39.23
C TYR B 515 -25.45 5.13 40.63
N GLU B 516 -26.16 6.10 41.24
CA GLU B 516 -25.89 6.47 42.64
C GLU B 516 -26.08 5.27 43.57
N ALA B 517 -27.04 4.40 43.24
CA ALA B 517 -27.36 3.18 43.99
C ALA B 517 -26.50 1.99 43.55
N LEU B 518 -26.27 1.85 42.24
CA LEU B 518 -25.55 0.71 41.68
C LEU B 518 -24.03 0.75 41.86
N LEU B 519 -23.39 1.93 41.78
CA LEU B 519 -21.93 2.06 41.93
C LEU B 519 -21.45 1.51 43.26
N PRO B 520 -22.04 1.92 44.42
CA PRO B 520 -21.65 1.30 45.71
C PRO B 520 -21.88 -0.23 45.76
N GLN B 521 -22.92 -0.77 45.09
CA GLN B 521 -23.15 -2.22 45.06
C GLN B 521 -22.07 -2.94 44.26
N TYR B 522 -21.65 -2.35 43.14
CA TYR B 522 -20.58 -2.89 42.32
C TYR B 522 -19.23 -2.86 43.10
N ALA B 523 -18.94 -1.73 43.79
CA ALA B 523 -17.71 -1.59 44.57
C ALA B 523 -17.66 -2.65 45.71
N LYS B 524 -18.81 -2.89 46.38
CA LYS B 524 -18.90 -3.91 47.44
C LYS B 524 -18.63 -5.32 46.91
N LEU B 525 -19.20 -5.66 45.74
CA LEU B 525 -19.00 -6.96 45.11
C LEU B 525 -17.56 -7.13 44.70
N GLU B 526 -16.92 -6.06 44.22
CA GLU B 526 -15.48 -6.10 43.86
C GLU B 526 -14.65 -6.43 45.08
N GLN B 527 -14.92 -5.76 46.22
CA GLN B 527 -14.23 -6.02 47.48
C GLN B 527 -14.51 -7.45 47.97
N ARG B 528 -15.74 -7.94 47.79
CA ARG B 528 -16.09 -9.33 48.14
C ARG B 528 -15.22 -10.33 47.33
N ILE B 529 -15.04 -10.09 46.02
CA ILE B 529 -14.22 -10.98 45.19
C ILE B 529 -12.75 -10.91 45.63
N LEU B 530 -12.22 -9.70 45.88
CA LEU B 530 -10.84 -9.52 46.31
C LEU B 530 -10.55 -10.24 47.64
N SER B 531 -11.46 -10.13 48.62
CA SER B 531 -11.29 -10.79 49.92
C SER B 531 -11.38 -12.32 49.84
N GLN B 532 -12.11 -12.88 48.85
CA GLN B 532 -12.20 -14.34 48.70
C GLN B 532 -10.92 -14.89 48.03
N THR B 533 -10.11 -14.02 47.35
CA THR B 533 -8.85 -14.38 46.69
C THR B 533 -7.68 -13.69 47.41
N PRO C 8 -7.87 22.75 -3.73
CA PRO C 8 -9.27 22.54 -3.34
C PRO C 8 -9.84 21.32 -4.08
N ARG C 9 -9.87 20.16 -3.39
CA ARG C 9 -10.32 18.90 -3.99
C ARG C 9 -11.81 18.65 -3.92
N ARG C 10 -12.52 19.26 -4.89
CA ARG C 10 -13.94 19.05 -5.04
C ARG C 10 -14.18 17.64 -5.64
N CYS C 11 -15.28 16.99 -5.29
CA CYS C 11 -15.54 15.63 -5.74
C CYS C 11 -17.00 15.32 -5.88
N CYS C 12 -17.25 14.18 -6.50
CA CYS C 12 -18.55 13.54 -6.53
C CYS C 12 -18.38 12.14 -5.95
N LEU C 13 -19.46 11.65 -5.32
CA LEU C 13 -19.52 10.29 -4.82
C LEU C 13 -20.30 9.43 -5.80
N GLY C 14 -19.83 8.21 -5.95
CA GLY C 14 -20.48 7.20 -6.77
C GLY C 14 -20.78 6.02 -5.86
N TRP C 15 -22.07 5.76 -5.63
CA TRP C 15 -22.51 4.64 -4.79
C TRP C 15 -22.86 3.35 -5.59
N ASP C 16 -22.78 2.19 -4.91
CA ASP C 16 -23.21 0.91 -5.48
C ASP C 16 -23.82 0.04 -4.40
N PHE C 17 -25.17 -0.06 -4.47
CA PHE C 17 -25.98 -0.87 -3.57
C PHE C 17 -26.09 -2.18 -4.28
N SER C 18 -25.08 -3.01 -4.05
CA SER C 18 -24.91 -4.27 -4.74
C SER C 18 -25.51 -5.45 -3.92
N THR C 19 -25.48 -6.64 -4.50
CA THR C 19 -26.02 -7.83 -3.84
C THR C 19 -25.29 -8.21 -2.52
N GLN C 20 -23.95 -8.13 -2.49
CA GLN C 20 -23.14 -8.52 -1.35
C GLN C 20 -22.61 -7.39 -0.50
N GLN C 21 -22.74 -6.15 -0.97
CA GLN C 21 -22.19 -5.00 -0.26
C GLN C 21 -22.74 -3.69 -0.74
N VAL C 22 -22.52 -2.67 0.09
CA VAL C 22 -22.69 -1.27 -0.27
C VAL C 22 -21.27 -0.74 -0.45
N LYS C 23 -21.00 -0.10 -1.58
CA LYS C 23 -19.68 0.46 -1.87
C LYS C 23 -19.80 1.94 -2.34
N VAL C 24 -18.76 2.73 -2.09
CA VAL C 24 -18.67 4.14 -2.47
C VAL C 24 -17.26 4.47 -2.95
N VAL C 25 -17.19 5.32 -3.97
CA VAL C 25 -15.92 5.89 -4.44
C VAL C 25 -16.09 7.40 -4.44
N ALA C 26 -14.99 8.14 -4.18
CA ALA C 26 -14.95 9.59 -4.32
C ALA C 26 -14.02 9.86 -5.51
N VAL C 27 -14.54 10.61 -6.49
CA VAL C 27 -13.85 10.98 -7.72
C VAL C 27 -13.69 12.50 -7.73
N ASP C 28 -12.46 12.98 -7.94
CA ASP C 28 -12.24 14.41 -7.96
C ASP C 28 -12.64 15.00 -9.34
N ALA C 29 -12.59 16.32 -9.45
CA ALA C 29 -12.99 17.05 -10.67
C ALA C 29 -12.09 16.75 -11.89
N GLU C 30 -10.90 16.18 -11.67
CA GLU C 30 -10.00 15.72 -12.74
C GLU C 30 -10.32 14.30 -13.15
N LEU C 31 -11.43 13.70 -12.59
CA LEU C 31 -11.88 12.38 -12.84
C LEU C 31 -10.96 11.27 -12.37
N ASN C 32 -10.26 11.51 -11.21
CA ASN C 32 -9.43 10.49 -10.57
C ASN C 32 -10.10 9.99 -9.29
N VAL C 33 -10.09 8.67 -9.10
CA VAL C 33 -10.60 8.05 -7.88
C VAL C 33 -9.52 8.25 -6.85
N PHE C 34 -9.86 8.82 -5.73
CA PHE C 34 -8.91 9.03 -4.63
C PHE C 34 -9.37 8.39 -3.31
N TYR C 35 -10.61 7.87 -3.24
CA TYR C 35 -11.13 7.24 -2.03
C TYR C 35 -12.14 6.15 -2.39
N GLU C 36 -12.13 5.07 -1.61
CA GLU C 36 -13.00 3.94 -1.76
C GLU C 36 -13.32 3.36 -0.37
N GLU C 37 -14.59 2.97 -0.16
CA GLU C 37 -14.97 2.33 1.08
C GLU C 37 -16.14 1.37 0.83
N SER C 38 -16.32 0.38 1.72
CA SER C 38 -17.40 -0.61 1.58
C SER C 38 -17.84 -1.24 2.87
N VAL C 39 -19.08 -1.73 2.86
CA VAL C 39 -19.68 -2.48 3.95
C VAL C 39 -20.18 -3.78 3.34
N HIS C 40 -19.67 -4.93 3.84
CA HIS C 40 -20.00 -6.25 3.31
C HIS C 40 -21.09 -6.85 4.19
N PHE C 41 -22.23 -7.25 3.60
CA PHE C 41 -23.41 -7.68 4.36
C PHE C 41 -23.24 -8.89 5.32
N ASP C 42 -22.76 -10.04 4.81
CA ASP C 42 -22.60 -11.24 5.63
C ASP C 42 -21.58 -10.97 6.77
N ARG C 43 -20.45 -10.33 6.43
CA ARG C 43 -19.38 -10.05 7.39
C ARG C 43 -19.74 -8.95 8.39
N ASP C 44 -20.34 -7.81 7.93
CA ASP C 44 -20.58 -6.64 8.78
C ASP C 44 -21.97 -6.56 9.42
N LEU C 45 -22.96 -7.25 8.84
CA LEU C 45 -24.31 -7.31 9.41
C LEU C 45 -24.73 -8.79 9.48
N PRO C 46 -23.93 -9.64 10.20
CA PRO C 46 -24.23 -11.09 10.28
C PRO C 46 -25.55 -11.44 10.92
N GLU C 47 -26.10 -10.55 11.75
CA GLU C 47 -27.40 -10.76 12.41
C GLU C 47 -28.56 -11.05 11.45
N PHE C 48 -28.48 -10.59 10.19
CA PHE C 48 -29.53 -10.86 9.19
C PHE C 48 -29.51 -12.29 8.68
N GLY C 49 -28.42 -13.03 8.90
CA GLY C 49 -28.31 -14.43 8.50
C GLY C 49 -28.23 -14.64 7.01
N THR C 50 -27.76 -13.65 6.26
CA THR C 50 -27.67 -13.82 4.81
C THR C 50 -26.44 -14.68 4.43
N GLN C 51 -26.41 -15.14 3.19
CA GLN C 51 -25.28 -15.84 2.58
C GLN C 51 -25.19 -15.28 1.18
N GLY C 52 -24.07 -14.64 0.84
CA GLY C 52 -23.94 -13.90 -0.40
C GLY C 52 -24.86 -12.67 -0.41
N GLY C 53 -25.21 -12.15 0.77
CA GLY C 53 -26.07 -10.99 0.92
C GLY C 53 -27.56 -11.25 0.73
N VAL C 54 -27.94 -12.53 0.52
CA VAL C 54 -29.33 -12.93 0.28
C VAL C 54 -29.75 -14.08 1.18
N HIS C 55 -31.07 -14.34 1.15
CA HIS C 55 -31.72 -15.49 1.79
C HIS C 55 -32.36 -16.30 0.68
N VAL C 56 -31.89 -17.52 0.43
CA VAL C 56 -32.51 -18.45 -0.53
C VAL C 56 -33.55 -19.19 0.30
N HIS C 57 -34.82 -19.12 -0.12
CA HIS C 57 -35.90 -19.70 0.66
C HIS C 57 -35.99 -21.22 0.49
N LYS C 58 -36.79 -21.87 1.34
CA LYS C 58 -36.97 -23.35 1.33
C LYS C 58 -37.30 -23.92 -0.06
N ASP C 59 -38.14 -23.20 -0.85
CA ASP C 59 -38.50 -23.63 -2.20
C ASP C 59 -37.33 -23.71 -3.21
N GLY C 60 -36.18 -23.09 -2.90
CA GLY C 60 -35.03 -23.07 -3.79
C GLY C 60 -35.15 -22.11 -4.97
N LEU C 61 -36.24 -21.31 -5.01
CA LEU C 61 -36.54 -20.36 -6.08
C LEU C 61 -36.69 -18.91 -5.60
N THR C 62 -37.32 -18.69 -4.44
CA THR C 62 -37.49 -17.38 -3.85
C THR C 62 -36.16 -16.92 -3.23
N VAL C 63 -35.69 -15.73 -3.65
CA VAL C 63 -34.43 -15.17 -3.18
C VAL C 63 -34.67 -13.70 -2.85
N THR C 64 -34.41 -13.34 -1.56
CA THR C 64 -34.64 -12.01 -1.04
C THR C 64 -33.45 -11.49 -0.23
N SER C 65 -33.51 -10.16 0.08
CA SER C 65 -32.59 -9.49 0.99
C SER C 65 -33.42 -8.59 1.89
N PRO C 66 -33.08 -8.46 3.20
CA PRO C 66 -33.89 -7.58 4.06
C PRO C 66 -33.60 -6.11 3.76
N VAL C 67 -34.66 -5.34 3.44
CA VAL C 67 -34.52 -3.92 3.13
C VAL C 67 -33.77 -3.14 4.24
N LEU C 68 -34.08 -3.40 5.49
CA LEU C 68 -33.42 -2.72 6.60
C LEU C 68 -31.92 -3.04 6.74
N MET C 69 -31.44 -4.14 6.16
CA MET C 69 -30.01 -4.45 6.11
C MET C 69 -29.33 -3.41 5.19
N TRP C 70 -29.95 -3.11 4.03
CA TRP C 70 -29.43 -2.10 3.10
C TRP C 70 -29.44 -0.73 3.76
N VAL C 71 -30.49 -0.41 4.55
CA VAL C 71 -30.55 0.88 5.24
C VAL C 71 -29.45 1.00 6.27
N GLN C 72 -29.33 -0.02 7.12
CA GLN C 72 -28.31 -0.05 8.16
C GLN C 72 -26.89 0.02 7.56
N ALA C 73 -26.67 -0.66 6.41
CA ALA C 73 -25.36 -0.63 5.74
C ALA C 73 -24.96 0.79 5.30
N LEU C 74 -25.94 1.60 4.86
CA LEU C 74 -25.68 2.99 4.52
C LEU C 74 -25.25 3.76 5.78
N ASP C 75 -25.91 3.52 6.91
CA ASP C 75 -25.48 4.20 8.15
C ASP C 75 -24.04 3.84 8.50
N ILE C 76 -23.68 2.55 8.38
CA ILE C 76 -22.34 2.06 8.75
C ILE C 76 -21.29 2.68 7.86
N ILE C 77 -21.51 2.67 6.55
CA ILE C 77 -20.52 3.19 5.61
C ILE C 77 -20.32 4.72 5.78
N LEU C 78 -21.39 5.50 5.93
CA LEU C 78 -21.25 6.93 6.16
C LEU C 78 -20.46 7.21 7.44
N GLU C 79 -20.67 6.43 8.49
CA GLU C 79 -19.92 6.61 9.74
C GLU C 79 -18.46 6.14 9.61
N LYS C 80 -18.23 5.10 8.82
CA LYS C 80 -16.88 4.62 8.53
C LYS C 80 -16.10 5.72 7.78
N MET C 81 -16.74 6.38 6.80
CA MET C 81 -16.15 7.50 6.05
C MET C 81 -15.78 8.66 6.96
N LYS C 82 -16.74 9.11 7.76
CA LYS C 82 -16.55 10.16 8.73
C LYS C 82 -15.35 9.85 9.68
N ALA C 83 -15.29 8.60 10.22
CA ALA C 83 -14.23 8.16 11.15
C ALA C 83 -12.86 8.15 10.48
N SER C 84 -12.81 7.90 9.15
CA SER C 84 -11.55 7.90 8.39
C SER C 84 -11.07 9.35 8.08
N GLY C 85 -11.91 10.34 8.34
CA GLY C 85 -11.61 11.75 8.11
C GLY C 85 -12.05 12.26 6.73
N PHE C 86 -12.98 11.56 6.05
CA PHE C 86 -13.48 12.00 4.75
C PHE C 86 -14.11 13.38 4.85
N ASP C 87 -13.69 14.28 3.96
CA ASP C 87 -14.20 15.64 3.94
C ASP C 87 -15.46 15.70 3.08
N PHE C 88 -16.62 15.61 3.74
CA PHE C 88 -17.92 15.66 3.09
C PHE C 88 -18.27 17.03 2.54
N SER C 89 -17.64 18.11 3.05
CA SER C 89 -17.89 19.46 2.58
C SER C 89 -17.47 19.67 1.10
N GLN C 90 -16.61 18.78 0.57
CA GLN C 90 -16.12 18.83 -0.81
C GLN C 90 -17.03 18.15 -1.85
N VAL C 91 -18.10 17.48 -1.42
CA VAL C 91 -18.98 16.71 -2.29
C VAL C 91 -19.95 17.67 -3.01
N LEU C 92 -19.77 17.84 -4.34
CA LEU C 92 -20.62 18.69 -5.16
C LEU C 92 -21.88 17.96 -5.56
N ALA C 93 -21.77 16.65 -5.81
CA ALA C 93 -22.91 15.86 -6.23
C ALA C 93 -22.66 14.39 -5.98
N LEU C 94 -23.74 13.62 -6.03
CA LEU C 94 -23.65 12.19 -5.89
C LEU C 94 -24.68 11.50 -6.73
N SER C 95 -24.38 10.27 -7.04
CA SER C 95 -25.29 9.37 -7.73
C SER C 95 -24.91 7.97 -7.34
N GLY C 96 -25.60 7.02 -7.89
CA GLY C 96 -25.32 5.65 -7.58
C GLY C 96 -26.03 4.64 -8.43
N ALA C 97 -25.70 3.40 -8.14
CA ALA C 97 -26.22 2.24 -8.84
C ALA C 97 -26.82 1.30 -7.86
N GLY C 98 -27.82 0.59 -8.31
CA GLY C 98 -28.48 -0.46 -7.55
C GLY C 98 -28.50 -1.73 -8.38
N GLN C 99 -28.25 -2.88 -7.73
CA GLN C 99 -28.42 -4.24 -8.28
C GLN C 99 -29.79 -4.21 -9.00
N GLN C 100 -29.85 -4.63 -10.24
CA GLN C 100 -31.08 -4.44 -11.01
C GLN C 100 -32.24 -5.30 -10.56
N HIS C 101 -33.45 -4.88 -10.95
CA HIS C 101 -34.70 -5.61 -10.76
C HIS C 101 -35.30 -5.64 -9.37
N GLY C 102 -34.46 -5.78 -8.35
CA GLY C 102 -34.88 -5.81 -6.95
C GLY C 102 -35.77 -4.65 -6.58
N SER C 103 -36.78 -4.93 -5.74
CA SER C 103 -37.81 -3.96 -5.39
C SER C 103 -38.02 -3.76 -3.89
N ILE C 104 -38.42 -2.54 -3.54
CA ILE C 104 -38.70 -2.08 -2.20
C ILE C 104 -40.14 -1.58 -2.21
N TYR C 105 -40.89 -1.98 -1.17
CA TYR C 105 -42.30 -1.66 -0.99
C TYR C 105 -42.40 -0.79 0.24
N TRP C 106 -42.65 0.52 0.04
CA TRP C 106 -42.76 1.50 1.10
C TRP C 106 -44.17 1.52 1.65
N LYS C 107 -44.31 1.42 2.97
CA LYS C 107 -45.60 1.40 3.65
C LYS C 107 -46.26 2.77 3.62
N ALA C 108 -47.61 2.81 3.63
CA ALA C 108 -48.34 4.08 3.67
C ALA C 108 -47.86 4.91 4.86
N GLY C 109 -47.57 6.18 4.63
CA GLY C 109 -47.04 7.09 5.63
C GLY C 109 -45.53 7.16 5.72
N ALA C 110 -44.79 6.34 4.92
CA ALA C 110 -43.33 6.32 4.97
C ALA C 110 -42.67 7.61 4.51
N GLN C 111 -43.27 8.35 3.56
CA GLN C 111 -42.65 9.59 3.10
C GLN C 111 -42.62 10.64 4.21
N GLN C 112 -43.56 10.60 5.16
CA GLN C 112 -43.55 11.52 6.30
C GLN C 112 -42.28 11.26 7.13
N ALA C 113 -41.89 9.98 7.30
CA ALA C 113 -40.68 9.64 8.03
C ALA C 113 -39.43 10.03 7.23
N LEU C 114 -39.45 9.87 5.90
CA LEU C 114 -38.30 10.26 5.06
C LEU C 114 -38.05 11.77 5.10
N THR C 115 -39.13 12.56 5.05
CA THR C 115 -39.02 14.02 5.04
C THR C 115 -38.78 14.66 6.40
N SER C 116 -38.97 13.93 7.50
CA SER C 116 -38.79 14.45 8.85
C SER C 116 -37.58 13.77 9.58
N LEU C 117 -36.58 13.31 8.83
CA LEU C 117 -35.39 12.70 9.41
C LEU C 117 -34.62 13.69 10.30
N SER C 118 -34.26 13.25 11.52
CA SER C 118 -33.47 14.03 12.47
C SER C 118 -31.99 13.61 12.36
N PRO C 119 -31.04 14.58 12.24
CA PRO C 119 -29.60 14.23 12.16
C PRO C 119 -29.00 13.58 13.40
N ASP C 120 -29.72 13.58 14.53
CA ASP C 120 -29.24 12.98 15.78
C ASP C 120 -29.38 11.46 15.78
N LEU C 121 -30.13 10.90 14.84
CA LEU C 121 -30.39 9.48 14.77
C LEU C 121 -29.95 8.89 13.44
N ARG C 122 -29.80 7.57 13.43
CA ARG C 122 -29.46 6.82 12.21
C ARG C 122 -30.70 6.61 11.38
N LEU C 123 -30.50 6.31 10.10
CA LEU C 123 -31.57 6.04 9.16
C LEU C 123 -32.34 4.78 9.55
N HIS C 124 -31.63 3.70 9.96
CA HIS C 124 -32.23 2.44 10.36
C HIS C 124 -33.25 2.59 11.49
N GLN C 125 -32.90 3.36 12.49
CA GLN C 125 -33.76 3.63 13.64
C GLN C 125 -35.05 4.35 13.21
N GLN C 126 -34.90 5.38 12.37
CA GLN C 126 -36.02 6.21 11.92
C GLN C 126 -36.91 5.60 10.85
N LEU C 127 -36.37 4.71 9.99
CA LEU C 127 -37.12 4.07 8.90
C LEU C 127 -37.53 2.63 9.20
N GLN C 128 -37.32 2.17 10.45
CA GLN C 128 -37.61 0.81 10.97
C GLN C 128 -39.01 0.28 10.61
N ASP C 129 -40.03 1.14 10.62
CA ASP C 129 -41.41 0.72 10.32
C ASP C 129 -41.93 1.26 8.99
N CYS C 130 -41.04 1.59 8.03
CA CYS C 130 -41.44 2.20 6.75
C CYS C 130 -41.68 1.25 5.60
N PHE C 131 -41.51 -0.06 5.79
CA PHE C 131 -41.62 -1.01 4.71
C PHE C 131 -42.76 -2.02 4.88
N SER C 132 -43.62 -2.13 3.86
CA SER C 132 -44.74 -3.07 3.87
C SER C 132 -44.25 -4.51 3.57
N ILE C 133 -43.06 -4.67 2.95
CA ILE C 133 -42.42 -5.95 2.66
C ILE C 133 -41.03 -5.87 3.27
N SER C 134 -40.69 -6.72 4.24
CA SER C 134 -39.38 -6.67 4.87
C SER C 134 -38.31 -7.37 4.03
N ASP C 135 -38.67 -8.48 3.36
CA ASP C 135 -37.76 -9.30 2.55
C ASP C 135 -37.99 -8.98 1.06
N CYS C 136 -37.06 -8.27 0.46
CA CYS C 136 -37.18 -7.79 -0.92
C CYS C 136 -36.78 -8.83 -1.92
N PRO C 137 -37.55 -9.05 -2.99
CA PRO C 137 -37.08 -9.96 -4.05
C PRO C 137 -35.92 -9.29 -4.76
N VAL C 138 -34.89 -10.06 -5.10
CA VAL C 138 -33.66 -9.57 -5.74
C VAL C 138 -33.52 -10.28 -7.08
N TRP C 139 -32.49 -9.90 -7.84
CA TRP C 139 -32.23 -10.41 -9.19
C TRP C 139 -32.09 -11.94 -9.32
N MET C 140 -31.72 -12.62 -8.23
CA MET C 140 -31.51 -14.07 -8.19
C MET C 140 -32.82 -14.88 -8.07
N ASP C 141 -33.93 -14.20 -7.76
CA ASP C 141 -35.22 -14.84 -7.62
C ASP C 141 -35.72 -15.44 -8.98
N SER C 142 -36.23 -16.69 -8.93
CA SER C 142 -36.74 -17.42 -10.10
C SER C 142 -38.06 -18.11 -9.79
N SER C 143 -38.86 -17.56 -8.87
CA SER C 143 -40.10 -18.13 -8.38
C SER C 143 -41.40 -17.64 -9.08
N THR C 144 -41.28 -16.76 -10.10
CA THR C 144 -42.44 -16.09 -10.74
C THR C 144 -42.76 -16.59 -12.17
N THR C 145 -42.46 -17.84 -12.48
CA THR C 145 -42.76 -18.41 -13.81
C THR C 145 -44.23 -18.24 -14.22
N ALA C 146 -45.19 -18.48 -13.30
CA ALA C 146 -46.62 -18.34 -13.64
C ALA C 146 -46.98 -16.88 -13.95
N GLN C 147 -46.39 -15.93 -13.22
CA GLN C 147 -46.66 -14.50 -13.47
C GLN C 147 -46.07 -14.10 -14.82
N CYS C 148 -44.88 -14.64 -15.19
CA CYS C 148 -44.24 -14.35 -16.48
C CYS C 148 -45.15 -14.78 -17.64
N ARG C 149 -45.67 -16.03 -17.55
CA ARG C 149 -46.53 -16.63 -18.57
C ARG C 149 -47.83 -15.87 -18.68
N GLN C 150 -48.38 -15.43 -17.53
CA GLN C 150 -49.61 -14.64 -17.51
C GLN C 150 -49.37 -13.23 -18.13
N LEU C 151 -48.26 -12.58 -17.77
CA LEU C 151 -47.95 -11.25 -18.35
C LEU C 151 -47.83 -11.35 -19.88
N GLU C 152 -47.10 -12.34 -20.39
CA GLU C 152 -46.95 -12.53 -21.85
C GLU C 152 -48.27 -12.81 -22.55
N ALA C 153 -49.13 -13.66 -21.96
CA ALA C 153 -50.43 -13.97 -22.55
C ALA C 153 -51.31 -12.73 -22.57
N ALA C 154 -51.27 -11.94 -21.49
CA ALA C 154 -52.08 -10.73 -21.37
C ALA C 154 -51.79 -9.66 -22.43
N VAL C 155 -50.53 -9.53 -22.89
CA VAL C 155 -50.14 -8.48 -23.86
C VAL C 155 -49.96 -8.97 -25.31
N GLY C 156 -50.26 -10.24 -25.59
CA GLY C 156 -50.15 -10.79 -26.94
C GLY C 156 -48.94 -11.65 -27.21
N GLY C 157 -48.25 -12.09 -26.16
CA GLY C 157 -47.09 -12.99 -26.28
C GLY C 157 -45.75 -12.39 -25.93
N ALA C 158 -44.74 -13.29 -25.84
CA ALA C 158 -43.36 -13.01 -25.48
C ALA C 158 -42.75 -11.95 -26.38
N GLN C 159 -42.92 -12.10 -27.71
CA GLN C 159 -42.37 -11.13 -28.64
C GLN C 159 -43.06 -9.76 -28.51
N ALA C 160 -44.42 -9.74 -28.30
CA ALA C 160 -45.16 -8.48 -28.12
C ALA C 160 -44.62 -7.76 -26.87
N LEU C 161 -44.39 -8.50 -25.76
CA LEU C 161 -43.84 -7.94 -24.54
C LEU C 161 -42.42 -7.37 -24.74
N SER C 162 -41.61 -8.04 -25.57
CA SER C 162 -40.24 -7.63 -25.83
C SER C 162 -40.19 -6.39 -26.68
N CYS C 163 -41.00 -6.34 -27.75
CA CYS C 163 -41.07 -5.16 -28.61
C CYS C 163 -41.37 -3.93 -27.73
N LEU C 164 -42.27 -4.12 -26.76
CA LEU C 164 -42.75 -3.08 -25.86
C LEU C 164 -41.73 -2.69 -24.79
N THR C 165 -41.19 -3.68 -24.07
CA THR C 165 -40.35 -3.46 -22.90
C THR C 165 -38.85 -3.78 -23.04
N GLY C 166 -38.42 -4.26 -24.21
CA GLY C 166 -37.03 -4.62 -24.46
C GLY C 166 -36.64 -6.04 -24.08
N SER C 167 -37.52 -6.74 -23.38
CA SER C 167 -37.31 -8.10 -22.92
C SER C 167 -38.63 -8.85 -22.96
N ARG C 168 -38.58 -10.17 -23.14
CA ARG C 168 -39.77 -11.00 -22.93
C ARG C 168 -39.89 -11.11 -21.39
N ALA C 169 -40.85 -11.87 -20.86
CA ALA C 169 -40.95 -11.95 -19.39
C ALA C 169 -39.86 -12.78 -18.76
N TYR C 170 -39.10 -12.18 -17.80
CA TYR C 170 -38.05 -12.86 -17.06
C TYR C 170 -38.46 -12.85 -15.61
N GLU C 171 -38.23 -13.98 -14.94
CA GLU C 171 -38.68 -14.19 -13.55
C GLU C 171 -38.20 -13.11 -12.61
N ARG C 172 -36.93 -12.72 -12.72
CA ARG C 172 -36.39 -11.66 -11.87
C ARG C 172 -36.94 -10.23 -12.18
N PHE C 173 -37.49 -9.98 -13.38
CA PHE C 173 -37.95 -8.63 -13.77
C PHE C 173 -39.09 -8.23 -12.87
N THR C 174 -39.00 -6.99 -12.38
CA THR C 174 -39.84 -6.39 -11.32
C THR C 174 -41.35 -6.54 -11.43
N GLY C 175 -41.91 -6.37 -12.61
CA GLY C 175 -43.36 -6.48 -12.80
C GLY C 175 -43.90 -7.85 -12.41
N ASN C 176 -43.12 -8.90 -12.68
CA ASN C 176 -43.51 -10.28 -12.36
C ASN C 176 -43.44 -10.51 -10.83
N GLN C 177 -42.48 -9.85 -10.17
CA GLN C 177 -42.33 -9.87 -8.72
C GLN C 177 -43.44 -9.08 -8.04
N ILE C 178 -43.81 -7.91 -8.59
CA ILE C 178 -44.92 -7.10 -8.05
C ILE C 178 -46.24 -7.90 -8.18
N ALA C 179 -46.43 -8.57 -9.35
CA ALA C 179 -47.63 -9.37 -9.64
C ALA C 179 -47.78 -10.52 -8.62
N LYS C 180 -46.66 -11.17 -8.23
CA LYS C 180 -46.63 -12.24 -7.21
C LYS C 180 -46.97 -11.69 -5.83
N ILE C 181 -46.40 -10.53 -5.45
CA ILE C 181 -46.68 -9.90 -4.15
C ILE C 181 -48.16 -9.53 -4.10
N TYR C 182 -48.69 -8.92 -5.19
CA TYR C 182 -50.11 -8.54 -5.30
C TYR C 182 -51.05 -9.78 -5.13
N GLN C 183 -50.69 -10.87 -5.78
CA GLN C 183 -51.44 -12.12 -5.72
C GLN C 183 -51.33 -12.85 -4.37
N GLN C 184 -50.11 -12.98 -3.81
CA GLN C 184 -49.89 -13.73 -2.58
C GLN C 184 -50.05 -12.92 -1.29
N ASN C 185 -49.83 -11.62 -1.35
CA ASN C 185 -49.91 -10.75 -0.18
C ASN C 185 -50.64 -9.46 -0.56
N PRO C 186 -51.93 -9.59 -0.93
CA PRO C 186 -52.69 -8.41 -1.33
C PRO C 186 -52.84 -7.34 -0.25
N GLU C 187 -52.79 -7.72 1.04
CA GLU C 187 -52.90 -6.76 2.15
C GLU C 187 -51.64 -5.89 2.20
N ALA C 188 -50.45 -6.47 2.06
CA ALA C 188 -49.21 -5.69 2.06
C ALA C 188 -49.17 -4.77 0.83
N TYR C 189 -49.55 -5.29 -0.37
CA TYR C 189 -49.60 -4.47 -1.61
C TYR C 189 -50.59 -3.29 -1.48
N SER C 190 -51.75 -3.47 -0.80
CA SER C 190 -52.73 -2.38 -0.60
C SER C 190 -52.19 -1.30 0.37
N HIS C 191 -51.30 -1.71 1.30
CA HIS C 191 -50.69 -0.80 2.26
C HIS C 191 -49.37 -0.23 1.73
N THR C 192 -49.05 -0.43 0.43
CA THR C 192 -47.83 0.09 -0.19
C THR C 192 -48.21 1.37 -0.93
N GLU C 193 -47.58 2.49 -0.57
CA GLU C 193 -47.81 3.79 -1.22
C GLU C 193 -46.80 4.01 -2.36
N ARG C 194 -45.61 3.38 -2.29
CA ARG C 194 -44.54 3.58 -3.26
C ARG C 194 -43.75 2.30 -3.44
N ILE C 195 -43.39 2.01 -4.70
CA ILE C 195 -42.57 0.87 -5.06
C ILE C 195 -41.34 1.45 -5.76
N SER C 196 -40.18 1.11 -5.23
CA SER C 196 -38.91 1.57 -5.75
C SER C 196 -38.10 0.39 -6.26
N LEU C 197 -37.16 0.68 -7.16
CA LEU C 197 -36.12 -0.27 -7.51
C LEU C 197 -35.02 -0.06 -6.46
N VAL C 198 -34.01 -0.93 -6.38
CA VAL C 198 -32.94 -0.73 -5.37
C VAL C 198 -32.26 0.65 -5.65
N SER C 199 -32.03 0.95 -6.93
CA SER C 199 -31.42 2.21 -7.36
C SER C 199 -32.22 3.45 -6.86
N SER C 200 -33.54 3.53 -7.17
CA SER C 200 -34.35 4.66 -6.77
C SER C 200 -34.62 4.68 -5.25
N PHE C 201 -34.57 3.52 -4.60
CA PHE C 201 -34.72 3.39 -3.15
C PHE C 201 -33.52 4.06 -2.50
N ALA C 202 -32.31 3.76 -3.00
CA ALA C 202 -31.08 4.36 -2.47
C ALA C 202 -31.07 5.87 -2.73
N ALA C 203 -31.54 6.32 -3.92
CA ALA C 203 -31.62 7.76 -4.21
C ALA C 203 -32.59 8.44 -3.23
N SER C 204 -33.70 7.77 -2.90
CA SER C 204 -34.69 8.31 -1.95
C SER C 204 -34.09 8.51 -0.55
N LEU C 205 -33.20 7.62 -0.10
CA LEU C 205 -32.52 7.78 1.20
C LEU C 205 -31.68 9.07 1.23
N PHE C 206 -30.99 9.41 0.13
CA PHE C 206 -30.15 10.62 0.06
C PHE C 206 -30.98 11.88 -0.07
N LEU C 207 -32.12 11.81 -0.76
CA LEU C 207 -33.02 12.95 -0.91
C LEU C 207 -33.81 13.25 0.35
N GLY C 208 -34.12 12.22 1.11
CA GLY C 208 -35.05 12.37 2.22
C GLY C 208 -36.46 12.56 1.69
N SER C 209 -36.73 12.03 0.49
CA SER C 209 -38.06 12.06 -0.18
C SER C 209 -37.99 11.03 -1.31
N TYR C 210 -39.13 10.66 -1.90
CA TYR C 210 -39.12 9.65 -2.94
C TYR C 210 -38.48 10.11 -4.22
N SER C 211 -37.50 9.33 -4.70
CA SER C 211 -36.90 9.58 -5.99
C SER C 211 -37.71 8.87 -7.06
N PRO C 212 -37.84 9.44 -8.27
CA PRO C 212 -38.42 8.67 -9.37
C PRO C 212 -37.42 7.59 -9.84
N ILE C 213 -37.93 6.65 -10.60
CA ILE C 213 -37.19 5.59 -11.29
C ILE C 213 -36.66 6.21 -12.61
N ASP C 214 -35.44 5.87 -13.00
CA ASP C 214 -34.88 6.39 -14.26
C ASP C 214 -35.27 5.49 -15.42
N TYR C 215 -35.12 5.99 -16.65
CA TYR C 215 -35.50 5.22 -17.83
C TYR C 215 -34.70 3.90 -17.95
N SER C 216 -33.42 3.94 -17.64
CA SER C 216 -32.55 2.80 -17.82
C SER C 216 -32.82 1.61 -16.86
N ASP C 217 -32.85 1.81 -15.54
CA ASP C 217 -33.18 0.74 -14.61
C ASP C 217 -34.68 0.43 -14.70
N GLY C 218 -35.46 1.45 -15.04
CA GLY C 218 -36.90 1.30 -15.29
C GLY C 218 -37.21 0.32 -16.40
N SER C 219 -36.22 0.07 -17.29
CA SER C 219 -36.33 -0.87 -18.39
C SER C 219 -36.18 -2.35 -17.98
N GLY C 220 -35.82 -2.62 -16.74
CA GLY C 220 -35.64 -3.98 -16.25
C GLY C 220 -36.83 -4.49 -15.46
N MET C 221 -38.05 -4.09 -15.83
CA MET C 221 -39.28 -4.41 -15.08
C MET C 221 -40.39 -5.08 -15.84
N ASN C 222 -40.30 -5.15 -17.18
CA ASN C 222 -41.39 -5.61 -18.06
C ASN C 222 -42.62 -4.71 -17.91
N LEU C 223 -42.38 -3.40 -17.67
CA LEU C 223 -43.40 -2.38 -17.48
C LEU C 223 -43.25 -1.13 -18.35
N LEU C 224 -42.01 -0.64 -18.57
CA LEU C 224 -41.74 0.60 -19.31
C LEU C 224 -41.78 0.40 -20.81
N GLN C 225 -42.46 1.29 -21.54
CA GLN C 225 -42.40 1.25 -23.00
C GLN C 225 -41.08 1.93 -23.32
N ILE C 226 -40.07 1.16 -23.71
CA ILE C 226 -38.73 1.73 -23.95
C ILE C 226 -38.64 2.81 -25.01
N GLN C 227 -39.39 2.72 -26.07
CA GLN C 227 -39.29 3.73 -27.09
C GLN C 227 -40.02 5.04 -26.71
N ASP C 228 -41.28 5.01 -26.25
CA ASP C 228 -42.01 6.22 -25.84
C ASP C 228 -41.63 6.68 -24.45
N LYS C 229 -40.93 5.85 -23.68
CA LYS C 229 -40.46 6.19 -22.31
C LYS C 229 -41.61 6.57 -21.34
N VAL C 230 -42.71 5.81 -21.44
CA VAL C 230 -43.89 5.91 -20.57
C VAL C 230 -44.16 4.49 -20.07
N TRP C 231 -44.84 4.35 -18.93
CA TRP C 231 -45.20 3.02 -18.46
C TRP C 231 -46.24 2.44 -19.43
N SER C 232 -46.13 1.13 -19.77
CA SER C 232 -47.12 0.49 -20.64
C SER C 232 -48.37 0.25 -19.81
N GLN C 233 -49.51 0.81 -20.21
CA GLN C 233 -50.76 0.60 -19.47
C GLN C 233 -51.17 -0.87 -19.44
N ALA C 234 -50.92 -1.59 -20.54
CA ALA C 234 -51.25 -3.01 -20.66
C ALA C 234 -50.38 -3.85 -19.71
N CYS C 235 -49.10 -3.53 -19.58
CA CYS C 235 -48.21 -4.27 -18.67
C CYS C 235 -48.55 -3.99 -17.23
N LEU C 236 -48.82 -2.70 -16.90
CA LEU C 236 -49.16 -2.30 -15.55
C LEU C 236 -50.42 -3.05 -15.09
N GLY C 237 -51.50 -2.94 -15.87
CA GLY C 237 -52.75 -3.60 -15.55
C GLY C 237 -52.69 -5.12 -15.45
N ALA C 238 -51.80 -5.75 -16.20
CA ALA C 238 -51.63 -7.21 -16.17
C ALA C 238 -50.81 -7.64 -14.96
N CYS C 239 -50.10 -6.71 -14.26
CA CYS C 239 -49.26 -7.06 -13.14
C CYS C 239 -50.02 -6.88 -11.85
N ALA C 240 -50.48 -5.67 -11.61
CA ALA C 240 -51.19 -5.37 -10.38
C ALA C 240 -51.98 -4.09 -10.52
N PRO C 241 -53.01 -3.90 -9.68
CA PRO C 241 -53.82 -2.68 -9.80
C PRO C 241 -53.20 -1.46 -9.12
N HIS C 242 -53.54 -0.26 -9.62
CA HIS C 242 -53.04 1.02 -9.11
C HIS C 242 -51.51 1.08 -9.05
N LEU C 243 -50.86 0.38 -10.01
CA LEU C 243 -49.42 0.29 -10.06
C LEU C 243 -48.73 1.60 -10.46
N GLU C 244 -49.30 2.31 -11.41
CA GLU C 244 -48.73 3.55 -11.91
C GLU C 244 -48.49 4.61 -10.83
N GLU C 245 -49.47 4.84 -9.95
CA GLU C 245 -49.36 5.81 -8.85
C GLU C 245 -48.28 5.37 -7.84
N LYS C 246 -48.06 4.05 -7.66
CA LYS C 246 -46.99 3.54 -6.77
C LYS C 246 -45.59 3.76 -7.38
N LEU C 247 -45.47 3.77 -8.73
CA LEU C 247 -44.16 3.95 -9.39
C LEU C 247 -43.77 5.40 -9.63
N SER C 248 -44.77 6.26 -10.00
CA SER C 248 -44.66 7.67 -10.40
C SER C 248 -44.02 7.75 -11.81
N PRO C 249 -44.05 8.91 -12.49
CA PRO C 249 -43.46 8.94 -13.84
C PRO C 249 -41.96 8.69 -13.82
N PRO C 250 -41.45 7.97 -14.84
CA PRO C 250 -40.01 7.73 -14.90
C PRO C 250 -39.31 8.99 -15.43
N VAL C 251 -38.00 9.11 -15.23
CA VAL C 251 -37.28 10.31 -15.65
C VAL C 251 -36.02 9.94 -16.41
N PRO C 252 -35.51 10.86 -17.26
CA PRO C 252 -34.20 10.61 -17.88
C PRO C 252 -33.16 10.30 -16.81
N SER C 253 -32.19 9.41 -17.09
CA SER C 253 -31.21 9.02 -16.08
C SER C 253 -30.38 10.23 -15.63
N CYS C 254 -30.10 11.15 -16.55
CA CYS C 254 -29.35 12.33 -16.19
C CYS C 254 -30.34 13.39 -15.76
N SER C 255 -30.84 13.26 -14.57
CA SER C 255 -31.80 14.19 -13.99
C SER C 255 -31.32 14.48 -12.61
N VAL C 256 -31.33 15.75 -12.20
CA VAL C 256 -31.03 16.11 -10.83
C VAL C 256 -32.38 15.88 -10.15
N VAL C 257 -32.46 14.91 -9.23
CA VAL C 257 -33.73 14.59 -8.60
C VAL C 257 -34.01 15.43 -7.35
N GLY C 258 -33.00 16.16 -6.90
CA GLY C 258 -33.11 17.07 -5.77
C GLY C 258 -31.79 17.35 -5.11
N ALA C 259 -31.81 18.19 -4.09
CA ALA C 259 -30.64 18.47 -3.29
C ALA C 259 -30.57 17.36 -2.25
N ILE C 260 -29.37 17.12 -1.72
CA ILE C 260 -29.22 16.15 -0.62
C ILE C 260 -30.09 16.60 0.57
N SER C 261 -30.61 15.64 1.35
CA SER C 261 -31.41 15.99 2.52
C SER C 261 -30.54 16.75 3.54
N SER C 262 -31.18 17.67 4.28
CA SER C 262 -30.52 18.44 5.36
C SER C 262 -30.04 17.49 6.44
N TYR C 263 -30.60 16.27 6.50
CA TYR C 263 -30.16 15.20 7.37
C TYR C 263 -28.66 14.97 7.20
N TYR C 264 -28.19 14.84 5.94
CA TYR C 264 -26.77 14.57 5.65
C TYR C 264 -25.91 15.81 5.85
N VAL C 265 -26.50 16.98 5.65
CA VAL C 265 -25.81 18.24 5.83
C VAL C 265 -25.43 18.39 7.30
N GLN C 266 -26.42 18.23 8.15
CA GLN C 266 -26.25 18.37 9.59
C GLN C 266 -25.51 17.20 10.24
N ARG C 267 -25.77 15.96 9.82
CA ARG C 267 -25.10 14.81 10.44
C ARG C 267 -23.67 14.61 9.97
N TYR C 268 -23.41 14.75 8.66
CA TYR C 268 -22.09 14.45 8.10
C TYR C 268 -21.32 15.61 7.51
N GLY C 269 -21.95 16.77 7.33
CA GLY C 269 -21.26 17.92 6.79
C GLY C 269 -21.23 18.00 5.29
N PHE C 270 -22.22 17.39 4.62
CA PHE C 270 -22.34 17.55 3.18
C PHE C 270 -22.72 19.03 2.96
N PRO C 271 -22.28 19.69 1.89
CA PRO C 271 -22.74 21.07 1.68
C PRO C 271 -24.22 21.07 1.27
N PRO C 272 -25.02 22.06 1.74
CA PRO C 272 -26.45 22.08 1.39
C PRO C 272 -26.79 22.10 -0.11
N GLY C 273 -25.88 22.58 -0.96
CA GLY C 273 -26.07 22.58 -2.41
C GLY C 273 -25.73 21.26 -3.11
N CYS C 274 -25.29 20.22 -2.34
CA CYS C 274 -24.94 18.95 -2.94
C CYS C 274 -26.14 18.39 -3.69
N LYS C 275 -25.93 18.09 -4.98
CA LYS C 275 -26.98 17.56 -5.87
C LYS C 275 -27.01 16.03 -5.91
N VAL C 276 -28.25 15.47 -5.90
CA VAL C 276 -28.46 14.03 -6.05
C VAL C 276 -28.91 13.84 -7.52
N VAL C 277 -28.10 13.13 -8.30
CA VAL C 277 -28.43 12.81 -9.68
C VAL C 277 -29.10 11.42 -9.67
N ALA C 278 -30.21 11.25 -10.42
CA ALA C 278 -30.97 9.99 -10.47
C ALA C 278 -30.06 8.76 -10.50
N PHE C 279 -30.38 7.77 -9.69
CA PHE C 279 -29.59 6.55 -9.60
C PHE C 279 -30.02 5.66 -10.76
N THR C 280 -29.21 4.70 -11.11
CA THR C 280 -29.56 3.76 -12.21
C THR C 280 -29.16 2.34 -11.82
N GLY C 281 -29.38 1.38 -12.72
CA GLY C 281 -28.99 0.00 -12.50
C GLY C 281 -27.50 -0.19 -12.52
N ASP C 282 -27.02 -1.26 -11.92
CA ASP C 282 -25.56 -1.52 -11.91
C ASP C 282 -24.99 -1.75 -13.31
N ASN C 283 -25.70 -2.49 -14.20
CA ASN C 283 -25.18 -2.68 -15.57
C ASN C 283 -25.18 -1.38 -16.36
N PRO C 284 -26.26 -0.58 -16.34
CA PRO C 284 -26.21 0.75 -16.99
C PRO C 284 -25.11 1.65 -16.41
N ALA C 285 -24.89 1.63 -15.09
CA ALA C 285 -23.83 2.44 -14.45
C ALA C 285 -22.44 1.99 -14.91
N SER C 286 -22.24 0.66 -15.08
CA SER C 286 -20.95 0.13 -15.56
C SER C 286 -20.75 0.52 -17.02
N LEU C 287 -21.82 0.60 -17.80
CA LEU C 287 -21.69 1.08 -19.17
C LEU C 287 -21.15 2.54 -19.17
N ALA C 288 -21.64 3.38 -18.22
CA ALA C 288 -21.18 4.75 -18.09
C ALA C 288 -19.72 4.77 -17.59
N GLY C 289 -19.39 3.88 -16.65
CA GLY C 289 -18.02 3.79 -16.12
C GLY C 289 -17.01 3.40 -17.18
N MET C 290 -17.43 2.53 -18.06
CA MET C 290 -16.63 2.06 -19.21
C MET C 290 -16.63 3.02 -20.37
N ARG C 291 -17.48 4.04 -20.34
CA ARG C 291 -17.55 5.12 -21.32
C ARG C 291 -17.81 4.62 -22.72
N LEU C 292 -18.74 3.67 -22.83
CA LEU C 292 -19.15 3.15 -24.15
C LEU C 292 -19.87 4.25 -24.91
N GLU C 293 -19.64 4.30 -26.20
CA GLU C 293 -20.27 5.22 -27.10
C GLU C 293 -20.90 4.43 -28.18
N GLU C 294 -21.57 5.12 -29.08
CA GLU C 294 -22.16 4.52 -30.25
C GLU C 294 -21.15 3.66 -30.99
N GLY C 295 -21.57 2.44 -31.32
CA GLY C 295 -20.76 1.46 -32.01
C GLY C 295 -19.93 0.57 -31.11
N ASP C 296 -19.86 0.88 -29.81
CA ASP C 296 -19.03 0.11 -28.87
C ASP C 296 -19.72 -1.04 -28.20
N ILE C 297 -18.89 -1.98 -27.74
CA ILE C 297 -19.34 -3.12 -26.96
C ILE C 297 -18.36 -3.39 -25.81
N ALA C 298 -18.85 -3.98 -24.73
CA ALA C 298 -17.98 -4.46 -23.67
C ALA C 298 -18.25 -5.92 -23.44
N VAL C 299 -17.19 -6.67 -23.19
CA VAL C 299 -17.28 -8.09 -22.88
C VAL C 299 -16.76 -8.26 -21.46
N SER C 300 -17.64 -8.60 -20.56
CA SER C 300 -17.28 -8.90 -19.18
C SER C 300 -17.13 -10.44 -19.06
N LEU C 301 -15.90 -10.91 -18.91
CA LEU C 301 -15.60 -12.33 -18.85
C LEU C 301 -15.55 -12.85 -17.42
N GLY C 302 -16.35 -13.84 -17.11
CA GLY C 302 -16.37 -14.46 -15.80
C GLY C 302 -17.13 -15.75 -15.78
N THR C 303 -17.64 -16.14 -14.61
CA THR C 303 -18.45 -17.36 -14.44
C THR C 303 -19.57 -17.36 -15.46
N SER C 304 -20.20 -16.20 -15.62
CA SER C 304 -21.10 -15.89 -16.72
C SER C 304 -20.35 -14.82 -17.50
N ASP C 305 -20.52 -14.80 -18.82
CA ASP C 305 -19.95 -13.76 -19.66
C ASP C 305 -21.11 -12.82 -19.97
N THR C 306 -20.88 -11.52 -19.84
CA THR C 306 -21.90 -10.52 -20.17
C THR C 306 -21.44 -9.58 -21.24
N LEU C 307 -22.28 -9.43 -22.26
CA LEU C 307 -22.06 -8.53 -23.34
C LEU C 307 -22.88 -7.25 -23.06
N PHE C 308 -22.23 -6.11 -23.20
CA PHE C 308 -22.83 -4.80 -23.09
C PHE C 308 -22.76 -4.22 -24.45
N LEU C 309 -23.90 -3.83 -25.03
CA LEU C 309 -23.91 -3.22 -26.34
C LEU C 309 -24.52 -1.82 -26.29
N TRP C 310 -24.05 -0.94 -27.13
CA TRP C 310 -24.68 0.36 -27.36
C TRP C 310 -25.60 0.06 -28.54
N LEU C 311 -26.85 0.54 -28.50
CA LEU C 311 -27.81 0.38 -29.60
C LEU C 311 -28.52 1.70 -29.93
N GLN C 312 -28.39 2.17 -31.16
CA GLN C 312 -29.11 3.34 -31.65
C GLN C 312 -30.56 2.96 -31.90
N GLU C 313 -30.84 1.80 -32.48
CA GLU C 313 -32.22 1.41 -32.76
C GLU C 313 -32.47 0.04 -32.12
N PRO C 314 -33.45 -0.07 -31.21
CA PRO C 314 -33.70 -1.38 -30.59
C PRO C 314 -34.46 -2.39 -31.46
N MET C 315 -34.02 -3.65 -31.46
CA MET C 315 -34.70 -4.78 -32.14
C MET C 315 -34.85 -5.85 -31.08
N PRO C 316 -35.77 -5.64 -30.12
CA PRO C 316 -35.92 -6.63 -29.04
C PRO C 316 -36.29 -8.06 -29.50
N ALA C 317 -35.81 -9.03 -28.73
CA ALA C 317 -35.93 -10.44 -29.05
C ALA C 317 -36.39 -11.28 -27.88
N LEU C 318 -36.45 -12.60 -28.10
CA LEU C 318 -36.78 -13.57 -27.06
C LEU C 318 -35.54 -13.89 -26.24
N GLU C 319 -34.40 -13.34 -26.61
CA GLU C 319 -33.16 -13.39 -25.81
C GLU C 319 -32.63 -11.96 -25.63
N GLY C 320 -31.83 -11.78 -24.59
CA GLY C 320 -31.21 -10.49 -24.27
C GLY C 320 -32.19 -9.49 -23.70
N HIS C 321 -31.65 -8.35 -23.27
CA HIS C 321 -32.43 -7.30 -22.63
C HIS C 321 -32.04 -5.96 -23.18
N ILE C 322 -32.99 -5.25 -23.79
CA ILE C 322 -32.72 -3.89 -24.31
C ILE C 322 -33.21 -2.90 -23.24
N PHE C 323 -32.36 -1.98 -22.83
CA PHE C 323 -32.72 -0.93 -21.90
C PHE C 323 -32.53 0.43 -22.59
N CYS C 324 -33.24 1.45 -22.09
CA CYS C 324 -32.96 2.84 -22.42
C CYS C 324 -31.54 3.11 -21.96
N ASN C 325 -30.79 3.88 -22.77
CA ASN C 325 -29.38 4.14 -22.47
C ASN C 325 -29.26 5.12 -21.31
N PRO C 326 -28.41 4.83 -20.30
CA PRO C 326 -28.27 5.76 -19.15
C PRO C 326 -27.56 7.07 -19.45
N VAL C 327 -26.72 7.12 -20.50
CA VAL C 327 -25.96 8.30 -20.83
C VAL C 327 -26.41 8.98 -22.08
N ASP C 328 -27.49 8.51 -22.67
CA ASP C 328 -28.08 9.09 -23.85
C ASP C 328 -29.51 8.54 -23.91
N SER C 329 -30.43 9.23 -23.23
CA SER C 329 -31.85 8.85 -23.08
C SER C 329 -32.60 8.71 -24.40
N GLN C 330 -32.06 9.17 -25.54
CA GLN C 330 -32.73 8.98 -26.84
C GLN C 330 -32.34 7.63 -27.47
N HIS C 331 -31.26 7.00 -27.02
CA HIS C 331 -30.80 5.71 -27.54
C HIS C 331 -30.83 4.60 -26.48
N TYR C 332 -30.21 3.46 -26.74
CA TYR C 332 -30.41 2.25 -25.96
C TYR C 332 -29.11 1.50 -25.69
N MET C 333 -29.24 0.55 -24.82
CA MET C 333 -28.17 -0.38 -24.52
C MET C 333 -28.77 -1.78 -24.47
N ALA C 334 -27.92 -2.80 -24.50
CA ALA C 334 -28.40 -4.15 -24.33
C ALA C 334 -27.42 -4.97 -23.55
N LEU C 335 -27.97 -5.95 -22.83
CA LEU C 335 -27.24 -6.97 -22.12
C LEU C 335 -27.60 -8.32 -22.77
N LEU C 336 -26.57 -9.16 -23.02
CA LEU C 336 -26.72 -10.54 -23.47
C LEU C 336 -25.88 -11.32 -22.48
N CYS C 337 -26.50 -12.31 -21.86
CA CYS C 337 -25.94 -13.12 -20.80
C CYS C 337 -25.62 -14.57 -21.27
N PHE C 338 -24.37 -15.05 -21.01
CA PHE C 338 -23.90 -16.37 -21.42
C PHE C 338 -23.49 -17.16 -20.18
N LYS C 339 -24.23 -18.23 -19.86
CA LYS C 339 -24.00 -19.07 -18.70
C LYS C 339 -22.69 -19.86 -18.73
N ASN C 340 -22.23 -20.28 -19.93
CA ASN C 340 -21.00 -21.05 -20.09
C ASN C 340 -19.85 -20.11 -20.42
N GLY C 341 -19.16 -19.69 -19.39
CA GLY C 341 -18.05 -18.74 -19.47
C GLY C 341 -16.75 -19.33 -18.98
N SER C 342 -16.26 -18.82 -17.84
CA SER C 342 -14.97 -19.22 -17.27
C SER C 342 -14.82 -20.66 -16.87
N LEU C 343 -15.90 -21.33 -16.42
CA LEU C 343 -15.82 -22.74 -16.04
C LEU C 343 -15.59 -23.62 -17.28
N MET C 344 -16.11 -23.24 -18.44
CA MET C 344 -15.87 -23.94 -19.71
C MET C 344 -14.45 -23.71 -20.17
N ARG C 345 -13.98 -22.48 -20.04
CA ARG C 345 -12.61 -22.20 -20.45
C ARG C 345 -11.60 -22.96 -19.58
N GLU C 346 -11.87 -23.06 -18.27
CA GLU C 346 -11.01 -23.78 -17.34
C GLU C 346 -11.09 -25.30 -17.62
N LYS C 347 -12.28 -25.83 -17.89
CA LYS C 347 -12.44 -27.26 -18.18
C LYS C 347 -11.68 -27.64 -19.45
N ILE C 348 -11.80 -26.84 -20.53
CA ILE C 348 -11.09 -27.13 -21.77
C ILE C 348 -9.59 -27.03 -21.55
N ARG C 349 -9.15 -26.04 -20.78
CA ARG C 349 -7.73 -25.92 -20.45
C ARG C 349 -7.23 -27.19 -19.73
N ASN C 350 -8.00 -27.67 -18.75
CA ASN C 350 -7.67 -28.85 -17.97
C ASN C 350 -7.66 -30.13 -18.80
N GLU C 351 -8.62 -30.27 -19.71
CA GLU C 351 -8.74 -31.47 -20.51
C GLU C 351 -7.70 -31.53 -21.66
N SER C 352 -7.54 -30.44 -22.39
CA SER C 352 -6.77 -30.39 -23.62
C SER C 352 -5.37 -29.81 -23.55
N VAL C 353 -5.07 -28.93 -22.59
CA VAL C 353 -3.74 -28.30 -22.53
C VAL C 353 -3.07 -28.35 -21.18
N SER C 354 -3.19 -29.49 -20.50
CA SER C 354 -2.43 -29.82 -19.28
C SER C 354 -2.59 -28.82 -18.13
N ARG C 355 -3.82 -28.27 -17.98
CA ARG C 355 -4.18 -27.31 -16.94
C ARG C 355 -3.34 -26.03 -16.99
N SER C 356 -2.75 -25.71 -18.16
CA SER C 356 -1.85 -24.58 -18.34
C SER C 356 -2.44 -23.46 -19.22
N TRP C 357 -2.57 -22.24 -18.65
CA TRP C 357 -3.01 -21.06 -19.42
C TRP C 357 -1.96 -20.67 -20.46
N SER C 358 -0.68 -21.01 -20.23
CA SER C 358 0.39 -20.74 -21.17
C SER C 358 0.23 -21.67 -22.40
N ASP C 359 -0.05 -22.97 -22.18
CA ASP C 359 -0.30 -23.90 -23.30
C ASP C 359 -1.62 -23.56 -23.99
N PHE C 360 -2.59 -23.01 -23.22
CA PHE C 360 -3.86 -22.54 -23.78
C PHE C 360 -3.53 -21.41 -24.75
N SER C 361 -2.69 -20.47 -24.33
CA SER C 361 -2.24 -19.36 -25.20
C SER C 361 -1.48 -19.88 -26.40
N LYS C 362 -0.56 -20.81 -26.20
CA LYS C 362 0.19 -21.41 -27.30
C LYS C 362 -0.69 -22.15 -28.29
N ALA C 363 -1.78 -22.81 -27.83
CA ALA C 363 -2.71 -23.48 -28.75
C ALA C 363 -3.37 -22.45 -29.69
N LEU C 364 -3.76 -21.28 -29.15
CA LEU C 364 -4.32 -20.19 -29.95
C LEU C 364 -3.27 -19.62 -30.92
N GLN C 365 -2.01 -19.50 -30.48
CA GLN C 365 -0.90 -19.02 -31.33
C GLN C 365 -0.58 -20.03 -32.44
N SER C 366 -0.63 -21.31 -32.11
CA SER C 366 -0.29 -22.37 -33.04
C SER C 366 -1.42 -22.78 -34.01
N THR C 367 -2.61 -22.14 -33.96
CA THR C 367 -3.74 -22.44 -34.86
C THR C 367 -4.11 -21.19 -35.64
N GLU C 368 -4.57 -21.36 -36.87
CA GLU C 368 -4.95 -20.26 -37.75
C GLU C 368 -6.33 -19.71 -37.45
N MET C 369 -6.59 -18.48 -37.89
CA MET C 369 -7.91 -17.87 -37.77
C MET C 369 -8.85 -18.72 -38.61
N GLY C 370 -10.01 -19.02 -38.06
CA GLY C 370 -10.98 -19.88 -38.71
C GLY C 370 -10.85 -21.35 -38.36
N ASN C 371 -9.74 -21.75 -37.69
CA ASN C 371 -9.47 -23.07 -37.16
C ASN C 371 -9.58 -24.21 -38.17
N GLY C 372 -9.25 -23.93 -39.42
CA GLY C 372 -9.37 -24.89 -40.50
C GLY C 372 -10.81 -25.25 -40.81
N GLY C 373 -11.78 -24.43 -40.39
CA GLY C 373 -13.21 -24.71 -40.54
C GLY C 373 -13.80 -25.63 -39.47
N ASN C 374 -13.05 -25.91 -38.38
CA ASN C 374 -13.52 -26.74 -37.28
C ASN C 374 -14.26 -25.82 -36.33
N LEU C 375 -15.53 -26.10 -36.04
CA LEU C 375 -16.38 -25.24 -35.22
C LEU C 375 -16.94 -26.01 -34.05
N GLY C 376 -17.03 -25.34 -32.91
CA GLY C 376 -17.51 -25.96 -31.69
C GLY C 376 -18.39 -25.07 -30.84
N PHE C 377 -19.33 -25.72 -30.14
CA PHE C 377 -20.29 -25.16 -29.20
C PHE C 377 -20.06 -25.94 -27.89
N TYR C 378 -19.83 -25.23 -26.79
CA TYR C 378 -19.46 -25.85 -25.52
C TYR C 378 -20.39 -25.44 -24.40
N PHE C 379 -21.43 -26.23 -24.16
CA PHE C 379 -22.44 -25.92 -23.16
C PHE C 379 -22.63 -27.04 -22.16
N ASP C 380 -21.77 -27.13 -21.16
CA ASP C 380 -21.92 -28.17 -20.12
C ASP C 380 -23.13 -27.93 -19.23
N VAL C 381 -23.58 -26.67 -19.10
CA VAL C 381 -24.81 -26.33 -18.38
C VAL C 381 -25.73 -25.76 -19.43
N MET C 382 -27.03 -25.81 -19.19
CA MET C 382 -28.00 -25.28 -20.11
C MET C 382 -27.68 -23.79 -20.35
N GLU C 383 -27.47 -23.45 -21.61
CA GLU C 383 -27.14 -22.10 -21.98
C GLU C 383 -28.47 -21.32 -22.08
N ILE C 384 -28.40 -20.01 -21.87
CA ILE C 384 -29.57 -19.13 -22.00
C ILE C 384 -29.55 -18.37 -23.34
N THR C 385 -28.36 -18.02 -23.85
CA THR C 385 -28.23 -17.33 -25.15
C THR C 385 -27.41 -18.21 -26.10
N PRO C 386 -28.04 -19.08 -26.91
CA PRO C 386 -29.46 -19.45 -26.95
C PRO C 386 -29.70 -20.63 -25.98
N GLU C 387 -30.91 -21.20 -25.97
CA GLU C 387 -31.24 -22.33 -25.10
C GLU C 387 -30.75 -23.65 -25.71
N ILE C 388 -29.50 -24.00 -25.43
CA ILE C 388 -28.87 -25.22 -25.91
C ILE C 388 -28.03 -25.79 -24.77
N ILE C 389 -27.85 -27.09 -24.80
CA ILE C 389 -26.98 -27.79 -23.85
C ILE C 389 -26.18 -28.82 -24.65
N GLY C 390 -25.03 -29.19 -24.13
CA GLY C 390 -24.15 -30.18 -24.74
C GLY C 390 -22.97 -29.55 -25.42
N ARG C 391 -22.00 -30.39 -25.78
CA ARG C 391 -20.86 -30.00 -26.58
C ARG C 391 -21.18 -30.49 -27.97
N HIS C 392 -21.04 -29.64 -28.97
CA HIS C 392 -21.36 -29.98 -30.36
C HIS C 392 -20.19 -29.52 -31.20
N ARG C 393 -19.52 -30.46 -31.87
CA ARG C 393 -18.34 -30.22 -32.69
C ARG C 393 -18.56 -30.62 -34.12
N PHE C 394 -18.07 -29.78 -35.05
CA PHE C 394 -18.21 -30.01 -36.47
C PHE C 394 -16.87 -29.82 -37.16
N ASN C 395 -16.52 -30.71 -38.06
CA ASN C 395 -15.26 -30.60 -38.80
C ASN C 395 -15.42 -29.67 -40.03
N THR C 396 -14.37 -29.56 -40.87
CA THR C 396 -14.41 -28.68 -42.05
C THR C 396 -15.53 -28.96 -43.09
N GLU C 397 -16.08 -30.17 -43.12
CA GLU C 397 -17.18 -30.53 -44.03
C GLU C 397 -18.56 -30.40 -43.37
N ASN C 398 -18.65 -29.74 -42.21
CA ASN C 398 -19.85 -29.56 -41.40
C ASN C 398 -20.43 -30.89 -40.91
N HIS C 399 -19.58 -31.93 -40.75
CA HIS C 399 -20.02 -33.20 -40.20
C HIS C 399 -19.82 -33.14 -38.70
N LYS C 400 -20.72 -33.73 -37.96
CA LYS C 400 -20.61 -33.75 -36.50
C LYS C 400 -19.52 -34.77 -36.11
N VAL C 401 -18.63 -34.38 -35.21
CA VAL C 401 -17.51 -35.19 -34.75
C VAL C 401 -17.53 -35.27 -33.21
N ALA C 402 -16.90 -36.31 -32.71
CA ALA C 402 -16.89 -36.62 -31.28
C ALA C 402 -15.85 -35.87 -30.52
N ALA C 403 -14.80 -35.40 -31.21
CA ALA C 403 -13.68 -34.72 -30.58
C ALA C 403 -12.81 -34.03 -31.61
N PHE C 404 -11.98 -33.13 -31.12
CA PHE C 404 -10.96 -32.44 -31.89
C PHE C 404 -9.61 -32.72 -31.25
N PRO C 405 -8.51 -32.47 -32.00
CA PRO C 405 -7.18 -32.38 -31.36
C PRO C 405 -7.19 -31.23 -30.33
N GLY C 406 -6.35 -31.33 -29.30
CA GLY C 406 -6.31 -30.37 -28.20
C GLY C 406 -6.25 -28.89 -28.59
N ASP C 407 -5.31 -28.53 -29.50
CA ASP C 407 -5.15 -27.16 -29.96
C ASP C 407 -6.39 -26.65 -30.69
N VAL C 408 -6.98 -27.50 -31.54
CA VAL C 408 -8.20 -27.19 -32.30
C VAL C 408 -9.35 -26.97 -31.32
N GLU C 409 -9.41 -27.76 -30.25
CA GLU C 409 -10.45 -27.63 -29.23
C GLU C 409 -10.40 -26.28 -28.55
N VAL C 410 -9.19 -25.80 -28.17
CA VAL C 410 -8.98 -24.51 -27.52
C VAL C 410 -9.47 -23.37 -28.42
N ARG C 411 -9.05 -23.37 -29.69
CA ARG C 411 -9.52 -22.35 -30.61
C ARG C 411 -11.03 -22.48 -30.89
N ALA C 412 -11.55 -23.70 -31.07
CA ALA C 412 -12.99 -23.89 -31.33
C ALA C 412 -13.82 -23.27 -30.20
N LEU C 413 -13.39 -23.46 -28.95
CA LEU C 413 -14.03 -22.85 -27.78
C LEU C 413 -13.98 -21.33 -27.82
N ILE C 414 -12.79 -20.77 -27.91
CA ILE C 414 -12.63 -19.29 -27.89
C ILE C 414 -13.25 -18.60 -29.08
N GLU C 415 -13.00 -19.10 -30.30
CA GLU C 415 -13.63 -18.53 -31.51
C GLU C 415 -15.13 -18.63 -31.49
N GLY C 416 -15.61 -19.79 -31.09
CA GLY C 416 -17.01 -20.06 -30.98
C GLY C 416 -17.68 -19.16 -30.01
N GLN C 417 -17.11 -19.04 -28.81
CA GLN C 417 -17.66 -18.13 -27.80
C GLN C 417 -17.72 -16.66 -28.30
N PHE C 418 -16.68 -16.19 -29.02
CA PHE C 418 -16.70 -14.82 -29.52
C PHE C 418 -17.59 -14.63 -30.74
N MET C 419 -17.63 -15.61 -31.66
CA MET C 419 -18.55 -15.56 -32.79
C MET C 419 -19.99 -15.54 -32.32
N ALA C 420 -20.31 -16.32 -31.26
CA ALA C 420 -21.65 -16.34 -30.70
C ALA C 420 -22.01 -14.94 -30.14
N LYS C 421 -21.11 -14.26 -29.46
CA LYS C 421 -21.32 -12.87 -28.98
C LYS C 421 -21.63 -11.91 -30.12
N ARG C 422 -20.91 -12.04 -31.23
CA ARG C 422 -21.14 -11.18 -32.37
C ARG C 422 -22.49 -11.46 -33.03
N ILE C 423 -22.82 -12.71 -33.25
CA ILE C 423 -24.07 -13.15 -33.89
C ILE C 423 -25.28 -12.75 -33.06
N HIS C 424 -25.21 -13.00 -31.78
CA HIS C 424 -26.32 -12.64 -30.93
C HIS C 424 -26.43 -11.11 -30.73
N ALA C 425 -25.30 -10.34 -30.80
CA ALA C 425 -25.32 -8.87 -30.66
C ALA C 425 -26.03 -8.31 -31.90
N GLU C 426 -25.63 -8.79 -33.07
CA GLU C 426 -26.19 -8.37 -34.34
C GLU C 426 -27.68 -8.69 -34.46
N GLY C 427 -28.11 -9.80 -33.85
CA GLY C 427 -29.51 -10.14 -33.79
C GLY C 427 -30.34 -9.06 -33.10
N LEU C 428 -29.73 -8.30 -32.15
CA LEU C 428 -30.38 -7.20 -31.41
C LEU C 428 -30.26 -5.82 -32.09
N GLY C 429 -29.74 -5.81 -33.31
CA GLY C 429 -29.55 -4.60 -34.10
C GLY C 429 -28.14 -4.02 -34.04
N TYR C 430 -27.23 -4.62 -33.25
CA TYR C 430 -25.87 -4.10 -33.13
C TYR C 430 -25.10 -4.26 -34.45
N ARG C 431 -24.29 -3.24 -34.82
CA ARG C 431 -23.43 -3.31 -35.98
C ARG C 431 -22.06 -2.71 -35.63
N VAL C 432 -21.00 -3.38 -36.10
CA VAL C 432 -19.65 -2.89 -35.92
C VAL C 432 -19.55 -1.68 -36.87
N MET C 433 -18.96 -0.60 -36.37
CA MET C 433 -18.76 0.65 -37.11
C MET C 433 -17.27 0.89 -37.19
N SER C 434 -16.84 1.83 -38.05
CA SER C 434 -15.42 2.16 -38.17
C SER C 434 -14.89 2.75 -36.85
N LYS C 435 -15.74 3.42 -36.06
CA LYS C 435 -15.37 3.98 -34.77
C LYS C 435 -15.35 2.90 -33.64
N THR C 436 -15.96 1.73 -33.84
CA THR C 436 -16.07 0.68 -32.83
C THR C 436 -14.79 0.40 -32.02
N LYS C 437 -14.95 0.40 -30.72
CA LYS C 437 -13.95 -0.02 -29.73
C LYS C 437 -14.63 -1.18 -28.98
N ILE C 438 -13.83 -2.17 -28.55
CA ILE C 438 -14.32 -3.28 -27.73
C ILE C 438 -13.60 -3.21 -26.39
N LEU C 439 -14.36 -3.16 -25.27
CA LEU C 439 -13.79 -3.16 -23.95
C LEU C 439 -13.89 -4.59 -23.36
N ALA C 440 -12.77 -5.17 -22.97
CA ALA C 440 -12.77 -6.52 -22.38
C ALA C 440 -12.32 -6.37 -20.95
N THR C 441 -13.02 -7.03 -20.07
CA THR C 441 -12.71 -7.08 -18.65
C THR C 441 -12.99 -8.48 -18.10
N GLY C 442 -12.44 -8.76 -16.91
CA GLY C 442 -12.57 -10.05 -16.26
C GLY C 442 -11.31 -10.90 -16.37
N GLY C 443 -11.36 -12.09 -15.79
CA GLY C 443 -10.21 -13.01 -15.76
C GLY C 443 -9.54 -13.27 -17.11
N ALA C 444 -10.34 -13.62 -18.13
CA ALA C 444 -9.84 -13.92 -19.47
C ALA C 444 -9.30 -12.70 -20.25
N SER C 445 -9.61 -11.46 -19.79
CA SER C 445 -9.04 -10.26 -20.39
C SER C 445 -7.55 -10.12 -20.07
N HIS C 446 -7.03 -10.93 -19.12
CA HIS C 446 -5.61 -11.02 -18.79
C HIS C 446 -4.86 -11.97 -19.72
N ASN C 447 -5.50 -12.45 -20.80
CA ASN C 447 -4.88 -13.33 -21.77
C ASN C 447 -4.97 -12.66 -23.14
N ARG C 448 -3.84 -12.18 -23.63
CA ARG C 448 -3.70 -11.43 -24.89
C ARG C 448 -4.11 -12.29 -26.11
N GLU C 449 -3.84 -13.63 -26.03
CA GLU C 449 -4.20 -14.53 -27.12
C GLU C 449 -5.71 -14.66 -27.24
N ILE C 450 -6.41 -14.72 -26.10
CA ILE C 450 -7.89 -14.71 -26.09
C ILE C 450 -8.39 -13.37 -26.67
N LEU C 451 -7.82 -12.25 -26.20
CA LEU C 451 -8.25 -10.92 -26.69
C LEU C 451 -7.97 -10.71 -28.17
N GLN C 452 -6.94 -11.34 -28.70
CA GLN C 452 -6.65 -11.32 -30.13
C GLN C 452 -7.78 -11.98 -30.96
N VAL C 453 -8.34 -13.11 -30.46
CA VAL C 453 -9.44 -13.78 -31.17
C VAL C 453 -10.63 -12.84 -31.16
N LEU C 454 -10.88 -12.21 -30.02
CA LEU C 454 -11.99 -11.28 -29.89
C LEU C 454 -11.85 -10.13 -30.92
N ALA C 455 -10.66 -9.57 -31.08
CA ALA C 455 -10.36 -8.50 -32.03
C ALA C 455 -10.60 -8.96 -33.47
N ASP C 456 -10.15 -10.19 -33.75
CA ASP C 456 -10.27 -10.78 -35.07
C ASP C 456 -11.74 -11.03 -35.47
N VAL C 457 -12.54 -11.59 -34.55
CA VAL C 457 -13.94 -11.90 -34.78
C VAL C 457 -14.78 -10.67 -35.06
N PHE C 458 -14.59 -9.59 -34.30
CA PHE C 458 -15.33 -8.33 -34.49
C PHE C 458 -14.67 -7.41 -35.52
N ASP C 459 -13.41 -7.67 -35.92
CA ASP C 459 -12.65 -6.81 -36.81
C ASP C 459 -12.59 -5.37 -36.21
N ALA C 460 -12.27 -5.30 -34.91
CA ALA C 460 -12.22 -4.06 -34.18
C ALA C 460 -11.20 -4.15 -33.02
N PRO C 461 -10.61 -3.00 -32.66
CA PRO C 461 -9.60 -3.01 -31.59
C PRO C 461 -10.19 -3.33 -30.24
N VAL C 462 -9.41 -4.03 -29.43
CA VAL C 462 -9.81 -4.44 -28.13
C VAL C 462 -8.99 -3.71 -27.11
N TYR C 463 -9.65 -3.26 -26.06
CA TYR C 463 -9.02 -2.48 -24.99
C TYR C 463 -9.31 -3.15 -23.71
N VAL C 464 -8.45 -3.02 -22.74
CA VAL C 464 -8.63 -3.65 -21.46
C VAL C 464 -8.80 -2.60 -20.39
N ILE C 465 -9.63 -2.94 -19.44
CA ILE C 465 -10.00 -2.08 -18.35
C ILE C 465 -10.36 -2.86 -17.11
N ASP C 466 -9.93 -2.34 -15.99
CA ASP C 466 -10.34 -2.91 -14.70
C ASP C 466 -11.75 -2.36 -14.43
N THR C 467 -12.68 -3.24 -14.02
CA THR C 467 -14.07 -2.87 -13.79
C THR C 467 -14.53 -3.31 -12.43
N ALA C 468 -13.63 -3.55 -11.50
CA ALA C 468 -14.06 -3.94 -10.16
C ALA C 468 -14.99 -2.88 -9.49
N ASN C 469 -14.78 -1.57 -9.80
CA ASN C 469 -15.60 -0.49 -9.28
C ASN C 469 -16.34 0.22 -10.39
N SER C 470 -16.64 -0.48 -11.51
CA SER C 470 -17.29 0.18 -12.65
C SER C 470 -18.63 0.84 -12.36
N ALA C 471 -19.46 0.20 -11.54
CA ALA C 471 -20.75 0.77 -11.20
C ALA C 471 -20.60 2.04 -10.32
N CYS C 472 -19.65 2.02 -9.36
CA CYS C 472 -19.35 3.12 -8.47
C CYS C 472 -18.78 4.29 -9.29
N VAL C 473 -17.75 4.00 -10.09
CA VAL C 473 -17.07 4.97 -10.94
C VAL C 473 -18.01 5.56 -11.96
N GLY C 474 -18.84 4.73 -12.58
CA GLY C 474 -19.81 5.18 -13.57
C GLY C 474 -20.81 6.12 -12.95
N SER C 475 -21.23 5.82 -11.73
CA SER C 475 -22.14 6.66 -10.96
C SER C 475 -21.51 8.05 -10.65
N ALA C 476 -20.24 8.13 -10.28
CA ALA C 476 -19.55 9.38 -10.01
C ALA C 476 -19.43 10.18 -11.34
N TYR C 477 -19.17 9.49 -12.48
CA TYR C 477 -19.12 10.14 -13.79
C TYR C 477 -20.46 10.75 -14.12
N ARG C 478 -21.53 10.03 -13.83
CA ARG C 478 -22.88 10.50 -14.12
C ARG C 478 -23.20 11.71 -13.20
N ALA C 479 -22.72 11.69 -11.95
CA ALA C 479 -22.91 12.83 -11.03
C ALA C 479 -22.24 14.08 -11.64
N PHE C 480 -21.00 13.92 -12.12
CA PHE C 480 -20.23 14.98 -12.79
C PHE C 480 -20.94 15.45 -14.03
N HIS C 481 -21.52 14.54 -14.79
CA HIS C 481 -22.29 14.92 -16.00
C HIS C 481 -23.46 15.84 -15.64
N GLY C 482 -24.20 15.50 -14.59
CA GLY C 482 -25.25 16.38 -14.07
C GLY C 482 -24.76 17.75 -13.67
N LEU C 483 -23.59 17.83 -13.04
CA LEU C 483 -23.07 19.14 -12.68
C LEU C 483 -22.54 19.92 -13.86
N ALA C 484 -21.96 19.25 -14.86
CA ALA C 484 -21.32 19.88 -16.00
C ALA C 484 -22.31 20.35 -17.07
N GLY C 485 -23.60 20.08 -16.87
CA GLY C 485 -24.67 20.51 -17.77
C GLY C 485 -25.80 19.54 -18.07
N GLY C 486 -25.66 18.29 -17.67
CA GLY C 486 -26.67 17.26 -17.83
C GLY C 486 -27.05 17.00 -19.27
N THR C 487 -28.36 17.03 -19.56
CA THR C 487 -28.89 16.85 -20.92
C THR C 487 -28.50 17.92 -21.93
N ASP C 488 -27.97 19.08 -21.49
CA ASP C 488 -27.48 20.11 -22.40
C ASP C 488 -26.13 19.75 -23.03
N VAL C 489 -25.39 18.79 -22.46
CA VAL C 489 -24.04 18.43 -22.92
C VAL C 489 -23.89 16.90 -23.13
N PRO C 490 -23.05 16.43 -24.07
CA PRO C 490 -22.86 14.96 -24.21
C PRO C 490 -22.05 14.37 -23.07
N PHE C 491 -22.49 13.24 -22.52
CA PHE C 491 -21.77 12.55 -21.45
C PHE C 491 -20.30 12.30 -21.84
N SER C 492 -20.08 11.90 -23.10
CA SER C 492 -18.74 11.59 -23.62
C SER C 492 -17.76 12.77 -23.54
N GLU C 493 -18.25 14.01 -23.68
CA GLU C 493 -17.38 15.16 -23.56
C GLU C 493 -17.06 15.44 -22.12
N VAL C 494 -17.96 15.17 -21.21
CA VAL C 494 -17.67 15.37 -19.78
C VAL C 494 -16.58 14.42 -19.27
N VAL C 495 -16.59 13.15 -19.70
CA VAL C 495 -15.69 12.13 -19.20
C VAL C 495 -14.47 11.87 -20.05
N LYS C 496 -14.22 12.74 -21.03
CA LYS C 496 -13.04 12.67 -21.90
C LYS C 496 -11.73 12.78 -21.06
N LEU C 497 -11.80 13.41 -19.84
CA LEU C 497 -10.70 13.53 -18.88
C LEU C 497 -10.40 12.25 -18.12
N ALA C 498 -11.32 11.33 -18.11
CA ALA C 498 -11.11 10.08 -17.40
C ALA C 498 -9.97 9.22 -17.96
N PRO C 499 -9.41 8.34 -17.12
CA PRO C 499 -8.34 7.43 -17.59
C PRO C 499 -8.76 6.59 -18.78
N ASN C 500 -7.92 6.50 -19.80
CA ASN C 500 -8.21 5.76 -21.02
C ASN C 500 -7.83 4.30 -20.82
N PRO C 501 -8.67 3.36 -21.28
CA PRO C 501 -8.32 1.94 -21.17
C PRO C 501 -7.14 1.61 -22.10
N ARG C 502 -6.39 0.56 -21.79
CA ARG C 502 -5.21 0.26 -22.62
C ARG C 502 -5.53 -0.64 -23.83
N LEU C 503 -5.00 -0.29 -24.98
CA LEU C 503 -5.16 -1.08 -26.21
C LEU C 503 -4.43 -2.43 -26.02
N ALA C 504 -5.16 -3.53 -26.12
CA ALA C 504 -4.59 -4.86 -25.95
C ALA C 504 -4.49 -5.69 -27.25
N ALA C 505 -5.35 -5.44 -28.26
CA ALA C 505 -5.28 -6.18 -29.50
C ALA C 505 -5.99 -5.46 -30.62
N THR C 506 -5.47 -5.62 -31.82
CA THR C 506 -6.04 -5.05 -33.04
C THR C 506 -6.23 -6.21 -34.01
N PRO C 507 -7.29 -6.18 -34.82
CA PRO C 507 -7.54 -7.31 -35.72
C PRO C 507 -6.38 -7.62 -36.65
N SER C 508 -6.06 -8.89 -36.82
CA SER C 508 -4.97 -9.31 -37.70
C SER C 508 -5.36 -9.10 -39.16
N PRO C 509 -4.37 -8.94 -40.06
CA PRO C 509 -4.72 -8.81 -41.48
C PRO C 509 -5.39 -10.10 -42.00
N GLY C 510 -6.48 -9.92 -42.74
CA GLY C 510 -7.25 -11.02 -43.28
C GLY C 510 -8.35 -11.52 -42.35
N ALA C 511 -8.47 -10.99 -41.10
CA ALA C 511 -9.50 -11.45 -40.18
C ALA C 511 -10.90 -11.25 -40.77
N SER C 512 -11.14 -10.11 -41.36
CA SER C 512 -12.41 -9.77 -41.99
C SER C 512 -12.85 -10.79 -43.03
N GLN C 513 -11.89 -11.27 -43.86
CA GLN C 513 -12.18 -12.23 -44.93
C GLN C 513 -12.54 -13.59 -44.33
N VAL C 514 -11.84 -13.99 -43.25
CA VAL C 514 -12.09 -15.27 -42.57
C VAL C 514 -13.45 -15.27 -41.94
N TYR C 515 -13.74 -14.30 -41.07
CA TYR C 515 -14.99 -14.31 -40.31
C TYR C 515 -16.23 -13.93 -41.09
N GLU C 516 -16.09 -13.19 -42.20
CA GLU C 516 -17.25 -12.88 -43.07
C GLU C 516 -17.88 -14.19 -43.60
N ALA C 517 -17.04 -15.20 -43.85
CA ALA C 517 -17.47 -16.52 -44.33
C ALA C 517 -17.84 -17.48 -43.19
N LEU C 518 -17.09 -17.45 -42.08
CA LEU C 518 -17.31 -18.34 -40.97
C LEU C 518 -18.50 -18.00 -40.06
N LEU C 519 -18.76 -16.71 -39.81
CA LEU C 519 -19.88 -16.29 -38.93
C LEU C 519 -21.22 -16.83 -39.41
N PRO C 520 -21.60 -16.66 -40.70
CA PRO C 520 -22.83 -17.30 -41.19
C PRO C 520 -22.86 -18.84 -41.08
N GLN C 521 -21.71 -19.52 -41.20
CA GLN C 521 -21.65 -20.99 -41.03
C GLN C 521 -21.89 -21.38 -39.57
N TYR C 522 -21.32 -20.60 -38.64
CA TYR C 522 -21.53 -20.84 -37.21
C TYR C 522 -23.01 -20.61 -36.83
N ALA C 523 -23.60 -19.49 -37.33
CA ALA C 523 -25.00 -19.17 -37.06
C ALA C 523 -25.95 -20.31 -37.61
N LYS C 524 -25.67 -20.84 -38.80
CA LYS C 524 -26.45 -21.94 -39.40
C LYS C 524 -26.36 -23.22 -38.55
N LEU C 525 -25.15 -23.57 -38.07
CA LEU C 525 -24.97 -24.73 -37.22
C LEU C 525 -25.70 -24.56 -35.90
N GLU C 526 -25.70 -23.33 -35.34
CA GLU C 526 -26.44 -23.05 -34.11
C GLU C 526 -27.92 -23.30 -34.31
N GLN C 527 -28.48 -22.79 -35.43
CA GLN C 527 -29.90 -23.03 -35.78
C GLN C 527 -30.17 -24.51 -35.99
N ARG C 528 -29.22 -25.24 -36.61
CA ARG C 528 -29.34 -26.70 -36.79
C ARG C 528 -29.46 -27.41 -35.43
N ILE C 529 -28.63 -27.03 -34.45
CA ILE C 529 -28.67 -27.64 -33.11
C ILE C 529 -30.01 -27.30 -32.41
N LEU C 530 -30.45 -26.05 -32.49
CA LEU C 530 -31.71 -25.61 -31.88
C LEU C 530 -32.92 -26.36 -32.43
N SER C 531 -32.98 -26.53 -33.77
CA SER C 531 -34.08 -27.26 -34.40
C SER C 531 -34.10 -28.75 -34.04
N GLN C 532 -32.92 -29.34 -33.69
CA GLN C 532 -32.85 -30.76 -33.29
C GLN C 532 -33.43 -30.94 -31.89
N THR C 533 -33.35 -29.89 -31.06
CA THR C 533 -33.80 -29.90 -29.67
C THR C 533 -35.04 -29.00 -29.48
#